data_8H0I
#
_entry.id   8H0I
#
loop_
_entity.id
_entity.type
_entity.pdbx_description
1 polymer APOBEC3G
2 polymer 'Viral infectivity factor'
3 polymer 'Core binding factor beta'
4 polymer "RNA (5'-R(*CP*GP*GP*UP*UP*GP*AP*UP*CP*GP*UP*UP*UP*UP*AP*AP*CP*AP*A)-3')"
5 non-polymer 'ZINC ION'
6 non-polymer 'CHLORIDE ION'
#
loop_
_entity_poly.entity_id
_entity_poly.type
_entity_poly.pdbx_seq_one_letter_code
_entity_poly.pdbx_strand_id
1 'polypeptide(L)'
;GPGHMDPDTFSYNFNNRPILSRRNTVWLCYEVERLDNGTWVKMDQHRGQVYSELKYHPEMRFLSLVSKWKLHRDQEYEVT
WYISWSPCTKCARDMATFLQENTHVTLTIFVARLYYFWDPDYQEALRSLAQAGATIKIMNYDEFQHCWSKFVYSQGAPFQ
PWDGLDEYSQALSGMLGEILRHSMDPPTFTFNFNNEPWVRGRHETYLCYEVERMHNDTWVKLNQRRGFLANQAPHKHGFL
EGRHAELCFLDVIPFWKLDLDQDYRVTCFTSWSPCFSCAQEMAKFISKNKHVSLCIKTARIYDDQGRAQEGLRTLAEAGA
KISIMTYSEFKHCWDTFVDHQGAPFQPWDGLDEHSQDLSGRLRAILQNQEN
;
A,B
2 'polypeptide(L)'
;MGSSHHHHHHSQDPMENRWQVMIVWQVDRMRINTWKRLVKHHMYISRKAKDWFYRHHYESTNPKISSEVHIPLGDAKLVI
TTYWGLHTGERDWHLGQGVSIEWRKKRYSTQVDPDLADQLIHLHYFDEASEGSQIKPPLPSVRKLTEDRWNK
;
C,E,G,I
3 'polypeptide(L)'
;MPRVVPDQRSKFENEEFFRKLSRECEIKYTGFRDRPHEERQARFQNACRDGRSEIAFVATGTNLSLQFFPASWQGEQRQT
PSREYVDLEREAGKVYLKAPMILNGVCVIWKGWIDLQRLDGMGCLEFDEERAQQEDALAQQAFEEARRRTREFEDR
;
D,F,H,J
4 'polyribonucleotide' CGGUUGAUCGUUUUAACAAA X,Y
#
loop_
_chem_comp.id
_chem_comp.type
_chem_comp.name
_chem_comp.formula
A RNA linking ADENOSINE-5'-MONOPHOSPHATE 'C10 H14 N5 O7 P'
C RNA linking CYTIDINE-5'-MONOPHOSPHATE 'C9 H14 N3 O8 P'
CL non-polymer 'CHLORIDE ION' 'Cl -1'
G RNA linking GUANOSINE-5'-MONOPHOSPHATE 'C10 H14 N5 O8 P'
U RNA linking URIDINE-5'-MONOPHOSPHATE 'C9 H13 N2 O9 P'
ZN non-polymer 'ZINC ION' 'Zn 2'
#
# COMPACT_ATOMS: atom_id res chain seq x y z
N GLY A 1 8.61 3.93 18.49
CA GLY A 1 9.10 4.25 19.82
C GLY A 1 8.93 3.11 20.81
N PRO A 2 9.93 2.89 21.66
CA PRO A 2 9.86 1.76 22.60
C PRO A 2 8.90 1.99 23.76
N GLY A 3 7.75 1.32 23.71
CA GLY A 3 6.84 1.27 24.84
C GLY A 3 6.31 2.59 25.35
N HIS A 4 5.50 3.29 24.54
CA HIS A 4 4.88 4.53 24.97
C HIS A 4 3.43 4.61 24.49
N MET A 5 2.69 3.51 24.61
CA MET A 5 1.28 3.51 24.27
C MET A 5 0.44 3.52 25.54
N ASP A 6 -0.67 4.25 25.49
CA ASP A 6 -1.50 4.41 26.67
C ASP A 6 -2.25 3.12 27.01
N PRO A 7 -2.53 2.88 28.29
CA PRO A 7 -3.18 1.62 28.69
C PRO A 7 -4.55 1.40 28.07
N ASP A 8 -5.31 2.46 27.83
CA ASP A 8 -6.67 2.29 27.32
C ASP A 8 -6.69 1.68 25.92
N THR A 9 -5.80 2.13 25.04
CA THR A 9 -5.72 1.53 23.70
C THR A 9 -5.30 0.07 23.78
N PHE A 10 -4.35 -0.25 24.66
CA PHE A 10 -3.94 -1.63 24.88
C PHE A 10 -5.13 -2.50 25.29
N SER A 11 -5.87 -2.05 26.31
CA SER A 11 -6.99 -2.83 26.81
C SER A 11 -8.09 -2.97 25.76
N TYR A 12 -8.32 -1.91 24.97
CA TYR A 12 -9.37 -1.97 23.96
C TYR A 12 -8.99 -2.89 22.79
N ASN A 13 -7.72 -2.86 22.37
CA ASN A 13 -7.33 -3.56 21.16
C ASN A 13 -6.89 -5.00 21.38
N PHE A 14 -6.23 -5.29 22.51
CA PHE A 14 -5.72 -6.63 22.75
C PHE A 14 -6.70 -7.50 23.54
N ASN A 15 -7.98 -7.12 23.59
CA ASN A 15 -9.00 -8.02 24.10
C ASN A 15 -9.05 -9.26 23.23
N ASN A 16 -9.07 -10.44 23.87
CA ASN A 16 -8.89 -11.70 23.16
C ASN A 16 -10.20 -12.46 22.97
N ARG A 17 -11.32 -11.74 22.93
CA ARG A 17 -12.59 -12.39 22.61
C ARG A 17 -12.56 -12.85 21.16
N PRO A 18 -12.89 -14.11 20.87
CA PRO A 18 -12.75 -14.62 19.49
C PRO A 18 -13.56 -13.84 18.47
N ILE A 19 -14.74 -13.35 18.83
CA ILE A 19 -15.57 -12.58 17.92
C ILE A 19 -15.68 -11.16 18.49
N LEU A 20 -14.93 -10.23 17.89
CA LEU A 20 -14.90 -8.85 18.33
C LEU A 20 -15.02 -7.95 17.11
N SER A 21 -16.01 -7.06 17.12
CA SER A 21 -16.48 -6.43 15.88
C SER A 21 -15.82 -5.10 15.55
N ARG A 22 -15.70 -4.19 16.51
CA ARG A 22 -15.37 -2.79 16.22
C ARG A 22 -13.91 -2.47 16.49
N ARG A 23 -13.01 -3.39 16.18
CA ARG A 23 -11.56 -3.16 16.27
C ARG A 23 -11.01 -3.21 14.86
N ASN A 24 -11.02 -2.06 14.19
CA ASN A 24 -10.64 -1.96 12.78
C ASN A 24 -9.17 -1.57 12.59
N THR A 25 -8.39 -1.50 13.67
CA THR A 25 -6.98 -1.20 13.57
C THR A 25 -6.18 -2.37 14.14
N VAL A 26 -4.96 -2.53 13.61
CA VAL A 26 -4.08 -3.62 14.01
C VAL A 26 -2.85 -3.02 14.69
N TRP A 27 -2.54 -3.50 15.88
CA TRP A 27 -1.37 -3.06 16.63
C TRP A 27 -0.34 -4.18 16.66
N LEU A 28 0.92 -3.81 16.40
CA LEU A 28 2.02 -4.77 16.31
C LEU A 28 3.16 -4.29 17.20
N CYS A 29 3.47 -5.05 18.24
CA CYS A 29 4.62 -4.78 19.10
C CYS A 29 5.73 -5.75 18.75
N TYR A 30 6.89 -5.21 18.38
CA TYR A 30 7.99 -6.01 17.86
C TYR A 30 9.22 -5.85 18.74
N GLU A 31 9.96 -6.95 18.90
CA GLU A 31 11.25 -6.93 19.57
C GLU A 31 12.21 -7.85 18.83
N VAL A 32 13.51 -7.58 18.97
CA VAL A 32 14.56 -8.27 18.23
C VAL A 32 15.66 -8.69 19.19
N GLU A 33 16.18 -9.91 19.00
CA GLU A 33 17.31 -10.43 19.74
C GLU A 33 18.41 -10.85 18.77
N ARG A 34 19.64 -10.97 19.27
CA ARG A 34 20.77 -11.34 18.44
C ARG A 34 21.57 -12.44 19.11
N LEU A 35 22.13 -13.34 18.30
CA LEU A 35 22.92 -14.45 18.80
C LEU A 35 24.38 -14.03 18.93
N ASP A 36 24.91 -14.09 20.15
CA ASP A 36 26.30 -13.76 20.43
C ASP A 36 26.87 -14.83 21.36
N ASN A 37 27.96 -15.46 20.93
CA ASN A 37 28.69 -16.44 21.73
C ASN A 37 27.77 -17.54 22.25
N GLY A 38 26.77 -17.91 21.44
CA GLY A 38 25.86 -18.98 21.79
C GLY A 38 24.68 -18.59 22.65
N THR A 39 24.55 -17.33 23.03
CA THR A 39 23.43 -16.87 23.84
C THR A 39 22.67 -15.77 23.11
N TRP A 40 21.36 -15.70 23.36
CA TRP A 40 20.51 -14.71 22.72
C TRP A 40 20.46 -13.46 23.61
N VAL A 41 21.04 -12.37 23.13
CA VAL A 41 21.09 -11.11 23.86
C VAL A 41 20.06 -10.16 23.28
N LYS A 42 19.36 -9.45 24.16
CA LYS A 42 18.34 -8.50 23.75
C LYS A 42 18.95 -7.29 23.06
N MET A 43 18.30 -6.84 22.00
CA MET A 43 18.70 -5.65 21.26
C MET A 43 17.78 -4.51 21.69
N ASP A 44 18.23 -3.74 22.68
CA ASP A 44 17.35 -2.83 23.41
C ASP A 44 16.77 -1.71 22.54
N GLN A 45 17.48 -1.27 21.51
CA GLN A 45 17.00 -0.18 20.67
C GLN A 45 16.12 -0.65 19.52
N HIS A 46 16.17 -1.93 19.17
CA HIS A 46 15.40 -2.47 18.05
C HIS A 46 14.10 -3.11 18.54
N ARG A 47 13.27 -2.29 19.17
CA ARG A 47 11.97 -2.72 19.65
C ARG A 47 11.02 -1.54 19.65
N GLY A 48 9.72 -1.83 19.61
CA GLY A 48 8.74 -0.77 19.61
C GLY A 48 7.37 -1.30 19.25
N GLN A 49 6.50 -0.37 18.84
CA GLN A 49 5.13 -0.71 18.49
C GLN A 49 4.67 0.18 17.33
N VAL A 50 3.84 -0.39 16.46
CA VAL A 50 3.28 0.33 15.32
C VAL A 50 1.80 -0.03 15.20
N TYR A 51 1.09 0.80 14.44
CA TYR A 51 -0.34 0.57 14.16
C TYR A 51 -0.56 0.65 12.66
N SER A 52 -1.78 0.29 12.24
CA SER A 52 -2.11 0.22 10.84
C SER A 52 -2.60 1.57 10.31
N GLU A 53 -2.74 1.64 8.99
CA GLU A 53 -3.26 2.81 8.29
C GLU A 53 -4.45 2.38 7.42
N LEU A 54 -4.91 3.29 6.57
CA LEU A 54 -6.04 2.98 5.70
C LEU A 54 -5.71 1.83 4.76
N LYS A 55 -4.52 1.86 4.15
CA LYS A 55 -4.08 0.79 3.26
C LYS A 55 -2.61 0.47 3.53
N TYR A 56 -2.23 0.43 4.80
CA TYR A 56 -0.83 0.17 5.18
C TYR A 56 -0.85 -0.57 6.51
N HIS A 57 -0.77 -1.90 6.44
CA HIS A 57 -0.80 -2.74 7.63
C HIS A 57 0.54 -2.72 8.35
N PRO A 58 0.54 -3.03 9.65
CA PRO A 58 1.79 -2.93 10.43
C PRO A 58 2.90 -3.84 9.94
N GLU A 59 2.58 -4.95 9.28
CA GLU A 59 3.62 -5.84 8.77
C GLU A 59 4.47 -5.13 7.72
N MET A 60 3.84 -4.32 6.87
CA MET A 60 4.57 -3.60 5.83
C MET A 60 5.51 -2.58 6.46
N ARG A 61 5.04 -1.86 7.48
CA ARG A 61 5.89 -0.90 8.17
C ARG A 61 7.03 -1.60 8.90
N PHE A 62 6.80 -2.79 9.46
CA PHE A 62 7.89 -3.53 10.07
C PHE A 62 8.92 -3.96 9.04
N LEU A 63 8.47 -4.37 7.85
CA LEU A 63 9.42 -4.70 6.78
C LEU A 63 10.23 -3.50 6.37
N SER A 64 9.61 -2.32 6.27
CA SER A 64 10.35 -1.11 5.97
C SER A 64 11.37 -0.80 7.07
N LEU A 65 10.98 -0.99 8.34
CA LEU A 65 11.91 -0.77 9.44
C LEU A 65 13.10 -1.72 9.37
N VAL A 66 12.84 -2.99 9.05
CA VAL A 66 13.92 -3.97 8.91
C VAL A 66 14.85 -3.55 7.77
N SER A 67 14.29 -3.07 6.67
CA SER A 67 15.12 -2.60 5.57
C SER A 67 15.99 -1.44 5.99
N LYS A 68 15.43 -0.50 6.76
CA LYS A 68 16.21 0.64 7.24
C LYS A 68 17.26 0.24 8.29
N TRP A 69 17.04 -0.85 9.02
CA TRP A 69 17.97 -1.24 10.08
C TRP A 69 19.34 -1.63 9.55
N LYS A 70 19.39 -2.34 8.42
CA LYS A 70 20.64 -2.82 7.83
C LYS A 70 21.39 -3.74 8.81
N LEU A 71 20.71 -4.83 9.16
CA LEU A 71 21.28 -5.80 10.07
C LEU A 71 22.42 -6.57 9.41
N HIS A 72 23.43 -6.92 10.20
CA HIS A 72 24.53 -7.73 9.71
C HIS A 72 24.01 -9.08 9.22
N ARG A 73 24.33 -9.43 7.98
CA ARG A 73 23.82 -10.66 7.39
C ARG A 73 24.60 -11.89 7.81
N ASP A 74 25.73 -11.73 8.49
CA ASP A 74 26.51 -12.86 8.99
C ASP A 74 26.22 -13.17 10.45
N GLN A 75 25.00 -12.83 10.91
CA GLN A 75 24.58 -13.08 12.28
C GLN A 75 23.21 -13.77 12.25
N GLU A 76 22.73 -14.15 13.42
CA GLU A 76 21.44 -14.81 13.57
C GLU A 76 20.53 -13.90 14.41
N TYR A 77 19.29 -13.74 13.97
CA TYR A 77 18.34 -12.85 14.63
C TYR A 77 17.03 -13.59 14.88
N GLU A 78 16.42 -13.26 16.02
CA GLU A 78 15.09 -13.75 16.37
C GLU A 78 14.20 -12.55 16.59
N VAL A 79 13.06 -12.50 15.90
CA VAL A 79 12.10 -11.41 16.01
C VAL A 79 10.84 -11.95 16.65
N THR A 80 10.30 -11.20 17.60
CA THR A 80 9.06 -11.56 18.28
C THR A 80 8.01 -10.50 18.01
N TRP A 81 6.84 -10.94 17.57
CA TRP A 81 5.69 -10.09 17.31
C TRP A 81 4.59 -10.37 18.33
N TYR A 82 3.91 -9.32 18.76
CA TYR A 82 2.68 -9.41 19.54
C TYR A 82 1.64 -8.58 18.78
N ILE A 83 0.65 -9.24 18.20
CA ILE A 83 -0.27 -8.60 17.28
C ILE A 83 -1.71 -8.89 17.69
N SER A 84 -2.58 -7.90 17.46
CA SER A 84 -3.99 -8.03 17.82
C SER A 84 -4.77 -8.92 16.88
N TRP A 85 -4.54 -8.83 15.57
CA TRP A 85 -5.20 -9.66 14.58
C TRP A 85 -4.17 -10.49 13.84
N SER A 86 -4.56 -11.72 13.47
CA SER A 86 -3.70 -12.54 12.66
C SER A 86 -3.54 -11.92 11.27
N PRO A 87 -2.38 -12.09 10.64
CA PRO A 87 -2.13 -11.44 9.34
C PRO A 87 -3.11 -11.90 8.27
N CYS A 88 -3.42 -10.97 7.37
CA CYS A 88 -4.30 -11.25 6.24
C CYS A 88 -3.51 -11.94 5.14
N THR A 89 -4.17 -12.18 3.99
CA THR A 89 -3.53 -12.92 2.91
C THR A 89 -2.31 -12.18 2.33
N LYS A 90 -2.46 -10.89 2.03
CA LYS A 90 -1.36 -10.14 1.44
C LYS A 90 -0.17 -10.07 2.40
N CYS A 91 -0.43 -9.72 3.67
CA CYS A 91 0.64 -9.64 4.64
C CYS A 91 1.29 -10.99 4.91
N ALA A 92 0.48 -12.05 4.99
CA ALA A 92 1.05 -13.37 5.21
C ALA A 92 1.93 -13.80 4.05
N ARG A 93 1.47 -13.58 2.82
CA ARG A 93 2.28 -13.94 1.66
C ARG A 93 3.57 -13.15 1.59
N ASP A 94 3.52 -11.84 1.84
CA ASP A 94 4.72 -11.03 1.78
C ASP A 94 5.67 -11.34 2.93
N MET A 95 5.16 -11.67 4.12
CA MET A 95 6.04 -12.12 5.18
C MET A 95 6.69 -13.45 4.85
N ALA A 96 5.95 -14.36 4.21
CA ALA A 96 6.52 -15.64 3.79
C ALA A 96 7.63 -15.43 2.76
N THR A 97 7.41 -14.56 1.78
CA THR A 97 8.44 -14.32 0.78
C THR A 97 9.61 -13.51 1.32
N PHE A 98 9.40 -12.77 2.42
CA PHE A 98 10.52 -12.13 3.11
C PHE A 98 11.34 -13.16 3.89
N LEU A 99 10.66 -14.09 4.56
CA LEU A 99 11.37 -15.13 5.30
C LEU A 99 12.14 -16.07 4.38
N GLN A 100 11.58 -16.37 3.20
CA GLN A 100 12.26 -17.26 2.26
C GLN A 100 13.54 -16.64 1.70
N GLU A 101 13.64 -15.30 1.66
CA GLU A 101 14.81 -14.64 1.10
C GLU A 101 15.84 -14.26 2.15
N ASN A 102 15.48 -14.23 3.42
CA ASN A 102 16.38 -13.89 4.52
C ASN A 102 16.38 -15.06 5.50
N THR A 103 17.33 -15.97 5.34
CA THR A 103 17.40 -17.17 6.16
C THR A 103 18.13 -16.95 7.50
N HIS A 104 18.66 -15.75 7.73
CA HIS A 104 19.36 -15.46 8.97
C HIS A 104 18.46 -14.85 10.03
N VAL A 105 17.16 -14.73 9.76
CA VAL A 105 16.20 -14.21 10.73
C VAL A 105 15.07 -15.21 10.88
N THR A 106 14.67 -15.43 12.13
CA THR A 106 13.52 -16.26 12.45
C THR A 106 12.45 -15.39 13.11
N LEU A 107 11.20 -15.81 12.96
CA LEU A 107 10.06 -15.02 13.42
C LEU A 107 9.15 -15.86 14.29
N THR A 108 8.77 -15.31 15.44
CA THR A 108 7.77 -15.90 16.32
C THR A 108 6.64 -14.89 16.50
N ILE A 109 5.40 -15.34 16.33
CA ILE A 109 4.23 -14.46 16.33
C ILE A 109 3.29 -14.91 17.43
N PHE A 110 2.87 -13.96 18.27
CA PHE A 110 1.79 -14.17 19.23
C PHE A 110 0.60 -13.33 18.80
N VAL A 111 -0.58 -13.94 18.76
CA VAL A 111 -1.79 -13.27 18.29
C VAL A 111 -2.81 -13.23 19.41
N ALA A 112 -3.44 -12.07 19.57
CA ALA A 112 -4.51 -11.91 20.54
C ALA A 112 -5.83 -12.51 20.04
N ARG A 113 -6.13 -12.33 18.76
CA ARG A 113 -7.33 -12.87 18.15
C ARG A 113 -6.99 -13.43 16.77
N LEU A 114 -7.82 -14.36 16.31
CA LEU A 114 -7.68 -14.92 14.97
C LEU A 114 -8.65 -14.21 14.04
N TYR A 115 -8.14 -13.73 12.91
CA TYR A 115 -8.89 -12.91 11.97
C TYR A 115 -9.45 -13.81 10.87
N TYR A 116 -10.78 -13.94 10.82
CA TYR A 116 -11.46 -14.80 9.87
C TYR A 116 -10.94 -16.23 9.92
N PHE A 117 -11.03 -16.82 11.10
CA PHE A 117 -10.59 -18.20 11.26
C PHE A 117 -11.53 -19.19 10.56
N TRP A 118 -12.70 -18.75 10.13
CA TRP A 118 -13.62 -19.59 9.38
C TRP A 118 -13.45 -19.46 7.87
N ASP A 119 -12.54 -18.59 7.42
CA ASP A 119 -12.31 -18.36 6.00
C ASP A 119 -11.12 -19.18 5.52
N PRO A 120 -11.34 -20.15 4.62
CA PRO A 120 -10.22 -20.98 4.15
C PRO A 120 -9.11 -20.21 3.45
N ASP A 121 -9.41 -19.04 2.89
CA ASP A 121 -8.34 -18.24 2.29
C ASP A 121 -7.33 -17.81 3.34
N TYR A 122 -7.80 -17.24 4.45
CA TYR A 122 -6.88 -16.83 5.50
C TYR A 122 -6.26 -18.04 6.19
N GLN A 123 -6.99 -19.16 6.27
CA GLN A 123 -6.42 -20.38 6.82
C GLN A 123 -5.24 -20.86 5.98
N GLU A 124 -5.39 -20.84 4.65
CA GLU A 124 -4.29 -21.24 3.77
C GLU A 124 -3.14 -20.25 3.85
N ALA A 125 -3.44 -18.95 3.95
CA ALA A 125 -2.38 -17.97 4.10
C ALA A 125 -1.58 -18.21 5.38
N LEU A 126 -2.28 -18.47 6.49
CA LEU A 126 -1.61 -18.75 7.75
C LEU A 126 -0.82 -20.05 7.70
N ARG A 127 -1.35 -21.08 7.03
CA ARG A 127 -0.60 -22.33 6.88
C ARG A 127 0.66 -22.11 6.05
N SER A 128 0.58 -21.31 4.99
CA SER A 128 1.77 -21.00 4.21
C SER A 128 2.79 -20.23 5.04
N LEU A 129 2.32 -19.28 5.83
CA LEU A 129 3.23 -18.53 6.70
C LEU A 129 3.92 -19.44 7.71
N ALA A 130 3.17 -20.39 8.29
CA ALA A 130 3.77 -21.35 9.21
C ALA A 130 4.75 -22.29 8.50
N GLN A 131 4.44 -22.70 7.27
CA GLN A 131 5.36 -23.54 6.50
C GLN A 131 6.63 -22.80 6.12
N ALA A 132 6.55 -21.49 5.92
CA ALA A 132 7.73 -20.71 5.56
C ALA A 132 8.78 -20.66 6.67
N GLY A 133 8.43 -21.03 7.90
CA GLY A 133 9.40 -21.07 8.98
C GLY A 133 9.04 -20.21 10.16
N ALA A 134 7.81 -19.70 10.19
CA ALA A 134 7.34 -18.86 11.27
C ALA A 134 6.58 -19.68 12.31
N THR A 135 6.75 -19.30 13.57
CA THR A 135 6.08 -19.95 14.69
C THR A 135 4.88 -19.09 15.08
N ILE A 136 3.68 -19.67 15.01
CA ILE A 136 2.45 -18.97 15.33
C ILE A 136 1.87 -19.57 16.61
N LYS A 137 1.62 -18.71 17.58
CA LYS A 137 1.10 -19.12 18.88
C LYS A 137 -0.07 -18.23 19.28
N ILE A 138 -0.70 -18.57 20.39
CA ILE A 138 -1.82 -17.81 20.93
C ILE A 138 -1.34 -17.07 22.17
N MET A 139 -1.64 -15.77 22.24
CA MET A 139 -1.15 -14.92 23.31
C MET A 139 -1.87 -15.25 24.61
N ASN A 140 -1.11 -15.74 25.59
CA ASN A 140 -1.64 -16.15 26.88
C ASN A 140 -1.42 -15.04 27.91
N TYR A 141 -1.77 -15.33 29.17
CA TYR A 141 -1.71 -14.31 30.21
C TYR A 141 -0.28 -13.82 30.45
N ASP A 142 0.70 -14.71 30.36
CA ASP A 142 2.09 -14.31 30.58
C ASP A 142 2.53 -13.29 29.53
N GLU A 143 2.17 -13.53 28.27
CA GLU A 143 2.51 -12.57 27.21
C GLU A 143 1.77 -11.25 27.38
N PHE A 144 0.51 -11.29 27.84
CA PHE A 144 -0.20 -10.05 28.12
C PHE A 144 0.49 -9.25 29.22
N GLN A 145 0.93 -9.94 30.29
CA GLN A 145 1.68 -9.26 31.34
C GLN A 145 3.00 -8.69 30.83
N HIS A 146 3.70 -9.45 29.98
CA HIS A 146 4.96 -8.97 29.42
C HIS A 146 4.75 -7.72 28.57
N CYS A 147 3.71 -7.72 27.74
CA CYS A 147 3.42 -6.55 26.91
C CYS A 147 2.99 -5.36 27.75
N TRP A 148 2.21 -5.60 28.81
CA TRP A 148 1.84 -4.53 29.72
C TRP A 148 3.06 -3.92 30.41
N SER A 149 4.00 -4.75 30.83
CA SER A 149 5.17 -4.23 31.54
C SER A 149 6.16 -3.57 30.59
N LYS A 150 6.23 -4.02 29.34
CA LYS A 150 7.30 -3.61 28.43
C LYS A 150 6.87 -2.57 27.41
N PHE A 151 5.69 -2.73 26.79
CA PHE A 151 5.27 -1.86 25.70
C PHE A 151 4.20 -0.85 26.07
N VAL A 152 3.73 -0.83 27.31
CA VAL A 152 2.63 0.03 27.73
C VAL A 152 3.16 1.07 28.70
N TYR A 153 2.79 2.33 28.46
CA TYR A 153 3.14 3.45 29.34
C TYR A 153 2.19 3.41 30.54
N SER A 154 2.36 2.40 31.37
CA SER A 154 1.48 2.18 32.51
C SER A 154 1.85 3.00 33.74
N GLN A 155 3.06 3.55 33.77
CA GLN A 155 3.55 4.34 34.91
C GLN A 155 3.47 3.57 36.22
N GLY A 156 3.77 2.27 36.17
CA GLY A 156 3.78 1.44 37.35
C GLY A 156 2.43 0.89 37.79
N ALA A 157 1.36 1.20 37.06
CA ALA A 157 0.05 0.69 37.42
C ALA A 157 -0.01 -0.82 37.20
N PRO A 158 -0.67 -1.55 38.09
CA PRO A 158 -0.79 -3.00 37.92
C PRO A 158 -1.70 -3.37 36.76
N PHE A 159 -1.43 -4.53 36.17
CA PHE A 159 -2.22 -5.03 35.06
C PHE A 159 -3.50 -5.66 35.58
N GLN A 160 -4.64 -5.25 35.02
CA GLN A 160 -5.93 -5.79 35.42
C GLN A 160 -6.50 -6.59 34.25
N PRO A 161 -6.43 -7.92 34.29
CA PRO A 161 -6.95 -8.71 33.15
C PRO A 161 -8.45 -8.61 33.04
N TRP A 162 -8.93 -8.68 31.80
CA TRP A 162 -10.37 -8.66 31.55
C TRP A 162 -11.00 -10.02 31.88
N ASP A 163 -12.32 -10.03 31.94
CA ASP A 163 -13.03 -11.25 32.30
C ASP A 163 -12.98 -12.26 31.16
N GLY A 164 -12.70 -13.52 31.50
CA GLY A 164 -12.69 -14.58 30.53
C GLY A 164 -11.45 -14.69 29.68
N LEU A 165 -10.31 -14.18 30.16
CA LEU A 165 -9.08 -14.24 29.36
C LEU A 165 -8.65 -15.67 29.12
N ASP A 166 -8.67 -16.51 30.15
CA ASP A 166 -8.15 -17.87 30.03
C ASP A 166 -9.02 -18.72 29.11
N GLU A 167 -10.35 -18.62 29.26
CA GLU A 167 -11.24 -19.40 28.42
C GLU A 167 -11.09 -19.01 26.96
N TYR A 168 -11.02 -17.70 26.68
CA TYR A 168 -10.81 -17.25 25.31
C TYR A 168 -9.47 -17.73 24.76
N SER A 169 -8.43 -17.70 25.60
CA SER A 169 -7.12 -18.18 25.16
C SER A 169 -7.17 -19.65 24.80
N GLN A 170 -7.83 -20.47 25.63
CA GLN A 170 -7.93 -21.90 25.34
C GLN A 170 -8.73 -22.16 24.07
N ALA A 171 -9.83 -21.44 23.89
CA ALA A 171 -10.63 -21.62 22.67
C ALA A 171 -9.82 -21.23 21.43
N LEU A 172 -9.10 -20.10 21.50
CA LEU A 172 -8.29 -19.70 20.37
C LEU A 172 -7.15 -20.67 20.11
N SER A 173 -6.56 -21.24 21.16
CA SER A 173 -5.53 -22.26 20.97
C SER A 173 -6.10 -23.49 20.26
N GLY A 174 -7.32 -23.90 20.64
CA GLY A 174 -7.94 -25.02 19.94
C GLY A 174 -8.20 -24.73 18.47
N MET A 175 -8.73 -23.54 18.18
CA MET A 175 -8.96 -23.19 16.78
C MET A 175 -7.65 -23.09 15.99
N LEU A 176 -6.60 -22.54 16.59
CA LEU A 176 -5.31 -22.47 15.89
C LEU A 176 -4.75 -23.86 15.65
N GLY A 177 -4.88 -24.77 16.61
CA GLY A 177 -4.46 -26.13 16.40
C GLY A 177 -5.23 -26.82 15.29
N GLU A 178 -6.54 -26.54 15.19
CA GLU A 178 -7.32 -27.06 14.08
C GLU A 178 -6.82 -26.51 12.75
N ILE A 179 -6.53 -25.20 12.71
CA ILE A 179 -6.13 -24.56 11.45
C ILE A 179 -4.78 -25.08 10.98
N LEU A 180 -3.81 -25.16 11.89
CA LEU A 180 -2.45 -25.53 11.52
C LEU A 180 -2.28 -27.03 11.27
N ARG A 181 -3.27 -27.84 11.63
CA ARG A 181 -3.24 -29.29 11.42
C ARG A 181 -2.02 -29.93 12.08
N HIS A 182 -1.93 -29.75 13.39
CA HIS A 182 -0.83 -30.34 14.14
C HIS A 182 -1.00 -31.86 14.23
N SER A 183 0.11 -32.54 14.56
CA SER A 183 0.10 -33.99 14.69
C SER A 183 1.07 -34.40 15.78
N MET A 184 0.79 -35.55 16.39
CA MET A 184 1.65 -36.08 17.45
C MET A 184 2.80 -36.88 16.85
N ASP A 185 3.99 -36.70 17.40
CA ASP A 185 5.09 -37.57 17.02
C ASP A 185 4.93 -38.95 17.65
N PRO A 186 5.52 -39.99 17.06
CA PRO A 186 5.32 -41.36 17.56
C PRO A 186 5.69 -41.54 19.02
N PRO A 187 6.77 -40.91 19.53
CA PRO A 187 7.09 -41.09 20.95
C PRO A 187 5.97 -40.65 21.89
N THR A 188 5.35 -39.49 21.63
CA THR A 188 4.27 -39.01 22.49
C THR A 188 3.06 -39.95 22.41
N PHE A 189 2.73 -40.40 21.20
CA PHE A 189 1.60 -41.33 21.04
C PHE A 189 1.84 -42.61 21.82
N THR A 190 3.04 -43.18 21.70
CA THR A 190 3.35 -44.41 22.42
C THR A 190 3.34 -44.19 23.93
N PHE A 191 3.86 -43.06 24.39
CA PHE A 191 3.94 -42.82 25.83
C PHE A 191 2.57 -42.54 26.44
N ASN A 192 1.67 -41.92 25.69
CA ASN A 192 0.39 -41.47 26.25
C ASN A 192 -0.74 -42.46 26.03
N PHE A 193 -0.82 -43.11 24.86
CA PHE A 193 -1.94 -44.00 24.57
C PHE A 193 -1.59 -45.46 24.82
N ASN A 194 -0.76 -45.72 25.82
CA ASN A 194 -0.46 -47.09 26.23
C ASN A 194 -1.35 -47.49 27.39
N ASN A 195 -1.90 -48.71 27.32
CA ASN A 195 -2.81 -49.22 28.33
C ASN A 195 -2.11 -49.99 29.43
N GLU A 196 -0.78 -50.08 29.40
CA GLU A 196 0.01 -50.80 30.40
C GLU A 196 -0.40 -52.26 30.49
N ARG A 202 2.55 -40.65 33.66
CA ARG A 202 1.53 -40.05 32.81
C ARG A 202 0.71 -39.01 33.57
N HIS A 203 1.20 -37.78 33.59
CA HIS A 203 0.53 -36.68 34.28
C HIS A 203 -0.19 -35.75 33.32
N GLU A 204 -0.40 -36.18 32.07
CA GLU A 204 -1.04 -35.37 31.05
C GLU A 204 -2.13 -36.18 30.35
N THR A 205 -3.18 -35.49 29.92
CA THR A 205 -4.30 -36.10 29.24
C THR A 205 -4.46 -35.47 27.86
N TYR A 206 -4.25 -36.26 26.82
CA TYR A 206 -4.37 -35.81 25.44
C TYR A 206 -5.59 -36.49 24.82
N LEU A 207 -6.44 -35.72 24.15
CA LEU A 207 -7.65 -36.26 23.55
C LEU A 207 -7.77 -35.84 22.10
N CYS A 208 -8.17 -36.79 21.24
CA CYS A 208 -8.48 -36.54 19.85
C CYS A 208 -9.99 -36.48 19.65
N TYR A 209 -10.41 -35.89 18.54
CA TYR A 209 -11.82 -35.72 18.28
C TYR A 209 -12.08 -35.59 16.79
N GLU A 210 -13.24 -36.12 16.37
CA GLU A 210 -13.73 -36.02 15.01
C GLU A 210 -15.23 -35.79 15.04
N VAL A 211 -15.77 -35.27 13.94
CA VAL A 211 -17.19 -34.93 13.85
C VAL A 211 -17.77 -35.49 12.56
N GLU A 212 -18.99 -36.00 12.66
CA GLU A 212 -19.73 -36.51 11.51
C GLU A 212 -21.13 -35.93 11.51
N ARG A 213 -21.72 -35.84 10.33
CA ARG A 213 -23.07 -35.31 10.16
C ARG A 213 -23.96 -36.34 9.48
N MET A 214 -25.22 -36.40 9.90
CA MET A 214 -26.17 -37.35 9.34
C MET A 214 -26.78 -36.80 8.06
N HIS A 215 -26.88 -37.65 7.04
CA HIS A 215 -27.49 -37.28 5.76
C HIS A 215 -28.05 -38.54 5.13
N ASN A 216 -29.38 -38.68 5.17
CA ASN A 216 -30.08 -39.84 4.62
C ASN A 216 -29.59 -41.13 5.28
N ASP A 217 -29.63 -41.13 6.61
CA ASP A 217 -29.24 -42.29 7.42
C ASP A 217 -27.81 -42.75 7.13
N THR A 218 -26.91 -41.80 6.88
CA THR A 218 -25.51 -42.10 6.62
C THR A 218 -24.65 -41.01 7.23
N TRP A 219 -23.57 -41.42 7.88
CA TRP A 219 -22.67 -40.45 8.51
C TRP A 219 -21.60 -40.01 7.52
N VAL A 220 -21.46 -38.69 7.35
CA VAL A 220 -20.47 -38.10 6.45
C VAL A 220 -19.50 -37.28 7.31
N LYS A 221 -18.22 -37.52 7.11
CA LYS A 221 -17.19 -36.85 7.89
C LYS A 221 -17.03 -35.39 7.44
N LEU A 222 -16.63 -34.55 8.40
CA LEU A 222 -16.31 -33.15 8.12
C LEU A 222 -14.79 -33.00 8.10
N ASN A 223 -14.26 -32.48 6.99
CA ASN A 223 -12.82 -32.38 6.83
C ASN A 223 -12.19 -31.42 7.84
N GLN A 224 -12.84 -30.28 8.11
CA GLN A 224 -12.25 -29.29 8.99
C GLN A 224 -12.37 -29.69 10.46
N ARG A 225 -13.45 -30.38 10.83
CA ARG A 225 -13.74 -30.69 12.23
C ARG A 225 -13.08 -32.00 12.65
N ARG A 226 -11.75 -31.97 12.66
CA ARG A 226 -10.92 -33.10 13.06
C ARG A 226 -9.67 -32.57 13.72
N GLY A 227 -9.28 -33.15 14.86
CA GLY A 227 -8.10 -32.65 15.53
C GLY A 227 -7.88 -33.31 16.86
N PHE A 228 -7.04 -32.67 17.68
CA PHE A 228 -6.76 -33.13 19.03
C PHE A 228 -6.26 -31.96 19.85
N LEU A 229 -6.26 -32.15 21.17
CA LEU A 229 -5.78 -31.12 22.10
C LEU A 229 -5.34 -31.79 23.40
N ALA A 230 -4.84 -30.97 24.32
CA ALA A 230 -4.22 -31.43 25.54
C ALA A 230 -4.63 -30.51 26.68
N ASN A 231 -4.00 -30.70 27.85
CA ASN A 231 -4.24 -29.85 29.00
C ASN A 231 -3.21 -28.72 29.04
N GLN A 232 -3.62 -27.60 29.62
CA GLN A 232 -2.75 -26.44 29.74
C GLN A 232 -2.13 -26.34 31.13
N ARG A 243 -7.35 -26.08 34.24
CA ARG A 243 -8.47 -26.90 33.81
C ARG A 243 -8.01 -28.03 32.89
N HIS A 244 -8.73 -29.14 32.90
CA HIS A 244 -8.38 -30.29 32.08
C HIS A 244 -8.81 -30.05 30.63
N ALA A 245 -8.51 -31.04 29.78
CA ALA A 245 -8.70 -30.88 28.35
C ALA A 245 -10.16 -30.95 27.94
N GLU A 246 -11.00 -31.66 28.70
CA GLU A 246 -12.42 -31.75 28.35
C GLU A 246 -13.10 -30.39 28.43
N LEU A 247 -12.77 -29.57 29.43
CA LEU A 247 -13.34 -28.24 29.52
C LEU A 247 -12.90 -27.39 28.33
N CYS A 248 -11.65 -27.51 27.90
CA CYS A 248 -11.18 -26.78 26.73
C CYS A 248 -11.94 -27.22 25.47
N PHE A 249 -12.17 -28.52 25.32
CA PHE A 249 -12.91 -29.01 24.17
C PHE A 249 -14.35 -28.48 24.18
N LEU A 250 -15.01 -28.52 25.35
CA LEU A 250 -16.36 -27.99 25.48
C LEU A 250 -16.42 -26.48 25.28
N ASP A 251 -15.32 -25.77 25.53
CA ASP A 251 -15.27 -24.34 25.23
C ASP A 251 -15.05 -24.10 23.73
N VAL A 252 -14.31 -24.98 23.07
CA VAL A 252 -14.12 -24.86 21.62
C VAL A 252 -15.43 -25.15 20.89
N ILE A 253 -16.24 -26.07 21.42
CA ILE A 253 -17.44 -26.52 20.69
C ILE A 253 -18.36 -25.38 20.26
N PRO A 254 -18.74 -24.43 21.13
CA PRO A 254 -19.80 -23.47 20.74
C PRO A 254 -19.44 -22.58 19.55
N PHE A 255 -18.17 -22.42 19.23
CA PHE A 255 -17.78 -21.53 18.14
C PHE A 255 -17.94 -22.15 16.76
N TRP A 256 -18.31 -23.43 16.68
CA TRP A 256 -18.60 -24.04 15.39
C TRP A 256 -19.98 -23.65 14.86
N LYS A 257 -20.90 -23.24 15.73
CA LYS A 257 -22.27 -22.93 15.38
C LYS A 257 -22.94 -24.12 14.69
N LEU A 258 -23.02 -25.23 15.43
CA LEU A 258 -23.70 -26.41 14.93
C LEU A 258 -25.18 -26.14 14.76
N ASP A 259 -25.72 -26.54 13.61
CA ASP A 259 -27.12 -26.27 13.31
C ASP A 259 -28.04 -27.10 14.19
N LEU A 260 -29.22 -26.54 14.47
CA LEU A 260 -30.18 -27.16 15.37
C LEU A 260 -31.17 -28.06 14.64
N ASP A 261 -31.02 -28.24 13.34
CA ASP A 261 -31.93 -29.07 12.54
C ASP A 261 -31.33 -30.39 12.10
N GLN A 262 -30.01 -30.47 11.93
CA GLN A 262 -29.36 -31.69 11.51
C GLN A 262 -28.78 -32.43 12.71
N ASP A 263 -28.32 -33.65 12.47
CA ASP A 263 -27.80 -34.52 13.52
C ASP A 263 -26.29 -34.61 13.39
N TYR A 264 -25.59 -34.29 14.48
CA TYR A 264 -24.13 -34.34 14.53
C TYR A 264 -23.70 -35.38 15.56
N ARG A 265 -22.59 -36.06 15.26
CA ARG A 265 -22.00 -37.03 16.16
C ARG A 265 -20.54 -36.66 16.38
N VAL A 266 -20.15 -36.50 17.64
CA VAL A 266 -18.78 -36.15 18.01
C VAL A 266 -18.13 -37.38 18.61
N THR A 267 -17.06 -37.85 17.98
CA THR A 267 -16.32 -39.02 18.43
C THR A 267 -15.05 -38.55 19.14
N CYS A 268 -14.87 -38.99 20.38
CA CYS A 268 -13.76 -38.59 21.22
C CYS A 268 -12.87 -39.79 21.54
N PHE A 269 -11.55 -39.58 21.46
CA PHE A 269 -10.53 -40.58 21.74
C PHE A 269 -9.69 -40.01 22.90
N THR A 270 -10.03 -40.40 24.12
CA THR A 270 -9.40 -39.82 25.31
C THR A 270 -8.56 -40.88 26.02
N SER A 271 -7.43 -40.44 26.58
CA SER A 271 -6.52 -41.37 27.25
C SER A 271 -7.10 -41.85 28.58
N TRP A 272 -7.34 -40.93 29.52
CA TRP A 272 -7.89 -41.27 30.81
C TRP A 272 -9.40 -41.06 30.83
N SER A 273 -10.04 -41.62 31.84
CA SER A 273 -11.46 -41.37 32.03
C SER A 273 -11.68 -39.95 32.55
N PRO A 274 -12.80 -39.33 32.17
CA PRO A 274 -13.06 -37.95 32.64
C PRO A 274 -13.21 -37.90 34.15
N CYS A 275 -12.84 -36.74 34.71
CA CYS A 275 -12.92 -36.52 36.14
C CYS A 275 -14.38 -36.32 36.54
N PHE A 276 -14.62 -36.01 37.82
CA PHE A 276 -15.99 -35.80 38.28
C PHE A 276 -16.59 -34.53 37.70
N SER A 277 -15.90 -33.40 37.88
CA SER A 277 -16.40 -32.13 37.36
C SER A 277 -16.47 -32.14 35.84
N CYS A 278 -15.47 -32.70 35.17
CA CYS A 278 -15.50 -32.77 33.71
C CYS A 278 -16.67 -33.63 33.23
N ALA A 279 -16.91 -34.77 33.89
CA ALA A 279 -18.04 -35.61 33.51
C ALA A 279 -19.37 -34.91 33.74
N GLN A 280 -19.51 -34.19 34.86
CA GLN A 280 -20.75 -33.45 35.10
C GLN A 280 -20.95 -32.37 34.04
N GLU A 281 -19.89 -31.64 33.69
CA GLU A 281 -20.01 -30.60 32.66
C GLU A 281 -20.38 -31.22 31.31
N MET A 282 -19.76 -32.33 30.94
CA MET A 282 -20.07 -32.97 29.68
C MET A 282 -21.51 -33.48 29.65
N ALA A 283 -21.97 -34.07 30.76
CA ALA A 283 -23.35 -34.54 30.83
C ALA A 283 -24.33 -33.39 30.71
N LYS A 284 -24.07 -32.27 31.41
CA LYS A 284 -24.94 -31.12 31.29
C LYS A 284 -24.94 -30.56 29.87
N PHE A 285 -23.77 -30.50 29.23
CA PHE A 285 -23.69 -29.96 27.87
C PHE A 285 -24.45 -30.84 26.89
N ILE A 286 -24.29 -32.16 26.97
CA ILE A 286 -25.00 -33.05 26.06
C ILE A 286 -26.49 -33.16 26.38
N SER A 287 -26.89 -32.85 27.62
CA SER A 287 -28.31 -32.76 27.91
C SER A 287 -28.92 -31.47 27.38
N LYS A 288 -28.17 -30.37 27.42
CA LYS A 288 -28.68 -29.11 26.88
C LYS A 288 -28.80 -29.15 25.37
N ASN A 289 -27.87 -29.82 24.69
CA ASN A 289 -27.85 -29.91 23.23
C ASN A 289 -28.25 -31.33 22.83
N LYS A 290 -29.51 -31.49 22.42
CA LYS A 290 -30.02 -32.80 22.01
C LYS A 290 -29.64 -33.16 20.58
N HIS A 291 -29.16 -32.20 19.80
CA HIS A 291 -28.78 -32.46 18.41
C HIS A 291 -27.37 -32.98 18.25
N VAL A 292 -26.62 -33.13 19.35
CA VAL A 292 -25.23 -33.58 19.31
C VAL A 292 -25.14 -34.87 20.10
N SER A 293 -24.83 -35.97 19.41
CA SER A 293 -24.54 -37.23 20.06
C SER A 293 -23.04 -37.32 20.35
N LEU A 294 -22.70 -38.06 21.41
CA LEU A 294 -21.33 -38.17 21.87
C LEU A 294 -20.93 -39.63 21.92
N CYS A 295 -19.78 -39.95 21.34
CA CYS A 295 -19.24 -41.31 21.34
C CYS A 295 -17.82 -41.26 21.88
N ILE A 296 -17.65 -41.63 23.15
CA ILE A 296 -16.36 -41.58 23.82
C ILE A 296 -15.76 -42.99 23.82
N LYS A 297 -14.53 -43.11 23.32
CA LYS A 297 -13.82 -44.39 23.30
C LYS A 297 -12.48 -44.16 24.00
N THR A 298 -12.46 -44.40 25.30
CA THR A 298 -11.28 -44.15 26.13
C THR A 298 -10.32 -45.33 26.08
N ALA A 299 -9.11 -45.11 26.60
CA ALA A 299 -8.09 -46.13 26.69
C ALA A 299 -7.77 -46.55 28.11
N ARG A 300 -7.90 -45.65 29.09
CA ARG A 300 -7.66 -45.99 30.48
C ARG A 300 -8.78 -45.44 31.36
N ILE A 301 -8.69 -45.67 32.67
CA ILE A 301 -9.68 -45.19 33.62
C ILE A 301 -8.94 -44.41 34.70
N TYR A 302 -9.38 -43.18 34.95
CA TYR A 302 -8.76 -42.34 35.97
C TYR A 302 -9.41 -42.57 37.33
N GLN A 309 -16.49 -44.32 39.63
CA GLN A 309 -17.19 -44.83 38.47
C GLN A 309 -18.60 -44.23 38.36
N GLU A 310 -19.00 -43.51 39.42
CA GLU A 310 -20.32 -42.88 39.41
C GLU A 310 -20.42 -41.80 38.34
N GLY A 311 -19.37 -41.00 38.15
CA GLY A 311 -19.39 -40.01 37.10
C GLY A 311 -19.48 -40.63 35.71
N LEU A 312 -18.73 -41.71 35.50
CA LEU A 312 -18.79 -42.41 34.21
C LEU A 312 -20.19 -43.00 33.98
N ARG A 313 -20.79 -43.57 35.02
CA ARG A 313 -22.14 -44.11 34.88
C ARG A 313 -23.14 -43.01 34.57
N THR A 314 -23.03 -41.86 35.24
CA THR A 314 -23.92 -40.74 34.96
C THR A 314 -23.76 -40.24 33.53
N LEU A 315 -22.50 -40.13 33.07
CA LEU A 315 -22.26 -39.69 31.70
C LEU A 315 -22.82 -40.68 30.69
N ALA A 316 -22.66 -41.98 30.95
CA ALA A 316 -23.21 -42.99 30.05
C ALA A 316 -24.73 -42.95 30.03
N GLU A 317 -25.36 -42.75 31.19
CA GLU A 317 -26.81 -42.65 31.26
C GLU A 317 -27.35 -41.34 30.68
N ALA A 318 -26.50 -40.32 30.56
CA ALA A 318 -26.94 -39.07 29.97
C ALA A 318 -27.17 -39.19 28.46
N GLY A 319 -26.51 -40.14 27.81
CA GLY A 319 -26.69 -40.34 26.39
C GLY A 319 -25.41 -40.70 25.65
N ALA A 320 -24.28 -40.62 26.34
CA ALA A 320 -23.00 -40.93 25.72
C ALA A 320 -22.82 -42.43 25.56
N LYS A 321 -21.85 -42.81 24.73
CA LYS A 321 -21.53 -44.22 24.46
C LYS A 321 -20.07 -44.45 24.83
N ILE A 322 -19.83 -44.80 26.08
CA ILE A 322 -18.47 -45.03 26.57
C ILE A 322 -18.01 -46.42 26.13
N SER A 323 -16.83 -46.47 25.52
CA SER A 323 -16.26 -47.71 25.02
C SER A 323 -14.77 -47.75 25.34
N ILE A 324 -14.11 -48.82 24.91
CA ILE A 324 -12.69 -49.02 25.12
C ILE A 324 -12.00 -49.18 23.78
N MET A 325 -10.86 -48.53 23.62
CA MET A 325 -10.10 -48.61 22.37
C MET A 325 -9.64 -50.03 22.10
N THR A 326 -9.64 -50.40 20.83
CA THR A 326 -9.15 -51.69 20.36
C THR A 326 -8.10 -51.46 19.27
N TYR A 327 -7.72 -52.54 18.59
CA TYR A 327 -6.70 -52.44 17.55
C TYR A 327 -7.16 -51.55 16.39
N SER A 328 -8.44 -51.62 16.01
CA SER A 328 -8.93 -50.78 14.93
C SER A 328 -8.84 -49.30 15.30
N GLU A 329 -9.21 -48.95 16.53
CA GLU A 329 -9.12 -47.56 16.97
C GLU A 329 -7.66 -47.10 17.00
N PHE A 330 -6.76 -47.96 17.45
CA PHE A 330 -5.35 -47.60 17.47
C PHE A 330 -4.82 -47.36 16.07
N LYS A 331 -5.18 -48.23 15.12
CA LYS A 331 -4.76 -48.04 13.74
C LYS A 331 -5.33 -46.75 13.17
N HIS A 332 -6.60 -46.46 13.46
CA HIS A 332 -7.20 -45.21 12.98
C HIS A 332 -6.49 -44.00 13.56
N CYS A 333 -6.16 -44.04 14.86
CA CYS A 333 -5.45 -42.94 15.48
C CYS A 333 -4.07 -42.75 14.85
N TRP A 334 -3.36 -43.85 14.62
CA TRP A 334 -2.03 -43.74 14.02
C TRP A 334 -2.10 -43.18 12.61
N ASP A 335 -3.10 -43.60 11.83
CA ASP A 335 -3.24 -43.10 10.47
C ASP A 335 -3.72 -41.66 10.45
N THR A 336 -4.45 -41.22 11.49
CA THR A 336 -5.16 -39.95 11.44
C THR A 336 -4.41 -38.82 12.13
N PHE A 337 -4.11 -38.98 13.43
CA PHE A 337 -3.53 -37.90 14.22
C PHE A 337 -2.08 -38.15 14.62
N VAL A 338 -1.33 -38.90 13.82
CA VAL A 338 0.07 -39.22 14.12
C VAL A 338 0.92 -38.84 12.93
N ASP A 339 2.01 -38.10 13.18
CA ASP A 339 2.96 -37.72 12.13
C ASP A 339 3.94 -38.87 11.93
N HIS A 340 3.44 -39.97 11.37
CA HIS A 340 4.25 -41.14 11.10
C HIS A 340 5.23 -40.93 9.96
N GLN A 341 4.85 -40.11 8.96
CA GLN A 341 5.70 -39.80 7.81
C GLN A 341 6.09 -41.07 7.06
N GLY A 342 5.07 -41.75 6.54
CA GLY A 342 5.31 -42.94 5.74
C GLY A 342 5.73 -44.16 6.52
N ALA A 343 5.37 -44.25 7.80
CA ALA A 343 5.73 -45.37 8.64
C ALA A 343 4.46 -46.09 9.12
N PRO A 344 4.35 -47.39 8.91
CA PRO A 344 3.16 -48.12 9.37
C PRO A 344 3.16 -48.27 10.89
N PHE A 345 1.95 -48.51 11.42
CA PHE A 345 1.77 -48.65 12.85
C PHE A 345 2.34 -49.99 13.34
N GLN A 346 2.99 -49.94 14.51
CA GLN A 346 3.54 -51.14 15.13
C GLN A 346 2.99 -51.26 16.54
N PRO A 347 2.13 -52.24 16.81
CA PRO A 347 1.58 -52.38 18.17
C PRO A 347 2.65 -52.81 19.16
N TRP A 348 2.42 -52.45 20.42
CA TRP A 348 3.34 -52.75 21.50
C TRP A 348 2.90 -54.03 22.21
N ASP A 349 3.75 -54.49 23.14
CA ASP A 349 3.49 -55.72 23.86
C ASP A 349 2.38 -55.53 24.90
N GLY A 350 1.61 -56.59 25.13
CA GLY A 350 0.53 -56.53 26.10
C GLY A 350 -0.62 -55.62 25.72
N LEU A 351 -0.95 -55.54 24.43
CA LEU A 351 -2.03 -54.67 23.98
C LEU A 351 -3.37 -55.40 24.05
N ASP A 352 -3.47 -56.54 23.38
CA ASP A 352 -4.75 -57.24 23.27
C ASP A 352 -5.26 -57.71 24.64
N GLU A 353 -4.38 -58.27 25.48
CA GLU A 353 -4.82 -58.78 26.77
C GLU A 353 -5.33 -57.65 27.66
N HIS A 354 -4.58 -56.55 27.72
CA HIS A 354 -5.02 -55.41 28.53
C HIS A 354 -6.31 -54.80 27.99
N SER A 355 -6.44 -54.69 26.66
CA SER A 355 -7.66 -54.14 26.08
C SER A 355 -8.86 -55.03 26.39
N GLN A 356 -8.70 -56.35 26.27
CA GLN A 356 -9.78 -57.27 26.59
C GLN A 356 -10.15 -57.21 28.07
N ASP A 357 -9.16 -57.13 28.96
CA ASP A 357 -9.45 -57.02 30.38
C ASP A 357 -10.19 -55.73 30.69
N LEU A 358 -9.77 -54.61 30.10
CA LEU A 358 -10.46 -53.35 30.32
C LEU A 358 -11.89 -53.39 29.79
N SER A 359 -12.09 -53.98 28.60
CA SER A 359 -13.43 -54.09 28.04
C SER A 359 -14.33 -54.95 28.92
N GLY A 360 -13.81 -56.07 29.42
CA GLY A 360 -14.59 -56.91 30.31
C GLY A 360 -14.93 -56.22 31.62
N ARG A 361 -13.97 -55.49 32.19
CA ARG A 361 -14.23 -54.76 33.42
C ARG A 361 -15.28 -53.68 33.22
N LEU A 362 -15.20 -52.95 32.10
CA LEU A 362 -16.21 -51.92 31.83
C LEU A 362 -17.58 -52.54 31.57
N ARG A 363 -17.64 -53.67 30.87
CA ARG A 363 -18.92 -54.34 30.66
C ARG A 363 -19.52 -54.82 31.97
N ALA A 364 -18.69 -55.36 32.87
CA ALA A 364 -19.18 -55.76 34.18
C ALA A 364 -19.67 -54.56 34.99
N ILE A 365 -18.93 -53.46 34.97
CA ILE A 365 -19.36 -52.25 35.66
C ILE A 365 -20.61 -51.66 35.00
N LEU A 366 -20.60 -51.57 33.68
CA LEU A 366 -21.73 -51.01 32.94
C LEU A 366 -22.27 -52.01 31.93
N GLY B 1 2.69 17.02 11.60
CA GLY B 1 2.99 18.18 12.40
C GLY B 1 3.23 19.43 11.57
N PRO B 2 2.72 20.57 12.04
CA PRO B 2 2.85 21.81 11.25
C PRO B 2 4.25 22.40 11.27
N GLY B 3 4.97 22.26 10.16
CA GLY B 3 6.23 22.95 9.95
C GLY B 3 7.32 22.68 10.95
N HIS B 4 7.84 21.45 10.99
CA HIS B 4 8.96 21.11 11.86
C HIS B 4 9.95 20.20 11.15
N MET B 5 10.26 20.51 9.90
CA MET B 5 11.28 19.76 9.16
C MET B 5 12.57 20.58 9.08
N ASP B 6 13.69 19.88 9.18
CA ASP B 6 14.97 20.57 9.20
C ASP B 6 15.33 21.13 7.83
N PRO B 7 16.08 22.24 7.79
CA PRO B 7 16.39 22.87 6.50
C PRO B 7 17.16 22.00 5.53
N ASP B 8 18.04 21.11 6.03
CA ASP B 8 18.86 20.30 5.14
C ASP B 8 18.03 19.35 4.29
N THR B 9 17.03 18.69 4.88
CA THR B 9 16.15 17.81 4.11
C THR B 9 15.37 18.61 3.06
N PHE B 10 14.89 19.80 3.44
CA PHE B 10 14.21 20.67 2.49
C PHE B 10 15.10 20.99 1.29
N SER B 11 16.32 21.45 1.57
CA SER B 11 17.24 21.83 0.49
C SER B 11 17.62 20.62 -0.37
N TYR B 12 17.78 19.45 0.24
CA TYR B 12 18.15 18.27 -0.53
C TYR B 12 17.01 17.77 -1.40
N ASN B 13 15.78 17.80 -0.89
CA ASN B 13 14.67 17.17 -1.58
C ASN B 13 13.94 18.08 -2.56
N PHE B 14 13.83 19.38 -2.25
CA PHE B 14 13.09 20.28 -3.11
C PHE B 14 13.98 21.00 -4.12
N ASN B 15 15.18 20.48 -4.38
CA ASN B 15 15.97 20.95 -5.50
C ASN B 15 15.20 20.68 -6.79
N ASN B 16 15.13 21.70 -7.66
CA ASN B 16 14.26 21.66 -8.82
C ASN B 16 15.00 21.38 -10.12
N ARG B 17 16.14 20.69 -10.03
CA ARG B 17 16.83 20.27 -11.25
C ARG B 17 15.99 19.22 -11.96
N PRO B 18 15.72 19.38 -13.27
CA PRO B 18 14.80 18.44 -13.94
C PRO B 18 15.25 17.00 -13.88
N ILE B 19 16.55 16.72 -13.93
CA ILE B 19 17.06 15.36 -13.86
C ILE B 19 17.87 15.25 -12.57
N LEU B 20 17.28 14.60 -11.56
CA LEU B 20 17.90 14.43 -10.26
C LEU B 20 17.73 12.99 -9.83
N SER B 21 18.84 12.31 -9.52
CA SER B 21 18.87 10.85 -9.48
C SER B 21 18.58 10.25 -8.11
N ARG B 22 19.22 10.75 -7.05
CA ARG B 22 19.27 10.04 -5.77
C ARG B 22 18.29 10.61 -4.75
N ARG B 23 17.11 11.00 -5.20
CA ARG B 23 16.03 11.46 -4.32
C ARG B 23 14.90 10.44 -4.42
N ASN B 24 14.97 9.40 -3.59
CA ASN B 24 14.04 8.28 -3.65
C ASN B 24 12.86 8.43 -2.69
N THR B 25 12.74 9.58 -2.02
CA THR B 25 11.63 9.84 -1.13
C THR B 25 10.85 11.05 -1.63
N VAL B 26 9.56 11.06 -1.33
CA VAL B 26 8.65 12.12 -1.76
C VAL B 26 8.15 12.85 -0.52
N TRP B 27 8.28 14.17 -0.52
CA TRP B 27 7.81 15.01 0.57
C TRP B 27 6.60 15.81 0.10
N LEU B 28 5.57 15.85 0.93
CA LEU B 28 4.31 16.52 0.59
C LEU B 28 3.93 17.45 1.73
N CYS B 29 3.92 18.75 1.47
CA CYS B 29 3.45 19.75 2.43
C CYS B 29 2.06 20.19 2.03
N TYR B 30 1.10 20.03 2.95
CA TYR B 30 -0.30 20.28 2.65
C TYR B 30 -0.87 21.36 3.56
N GLU B 31 -1.75 22.17 3.00
CA GLU B 31 -2.50 23.16 3.76
C GLU B 31 -3.93 23.20 3.25
N VAL B 32 -4.85 23.63 4.11
CA VAL B 32 -6.29 23.62 3.84
C VAL B 32 -6.88 24.96 4.21
N GLU B 33 -7.79 25.46 3.36
CA GLU B 33 -8.56 26.67 3.61
C GLU B 33 -10.05 26.36 3.53
N ARG B 34 -10.87 27.23 4.11
CA ARG B 34 -12.31 27.03 4.13
C ARG B 34 -13.02 28.31 3.71
N LEU B 35 -14.14 28.16 3.02
CA LEU B 35 -14.92 29.29 2.54
C LEU B 35 -15.93 29.71 3.60
N ASP B 36 -15.83 30.95 4.08
CA ASP B 36 -16.74 31.50 5.07
C ASP B 36 -17.13 32.91 4.63
N ASN B 37 -18.43 33.15 4.49
CA ASN B 37 -18.98 34.47 4.17
C ASN B 37 -18.33 35.05 2.92
N GLY B 38 -18.00 34.19 1.96
CA GLY B 38 -17.43 34.62 0.70
C GLY B 38 -15.93 34.82 0.69
N THR B 39 -15.24 34.60 1.79
CA THR B 39 -13.79 34.74 1.85
C THR B 39 -13.15 33.44 2.28
N TRP B 40 -11.93 33.20 1.79
CA TRP B 40 -11.20 31.98 2.10
C TRP B 40 -10.35 32.22 3.35
N VAL B 41 -10.70 31.55 4.44
CA VAL B 41 -9.99 31.69 5.71
C VAL B 41 -9.10 30.48 5.91
N LYS B 42 -7.89 30.72 6.40
CA LYS B 42 -6.93 29.66 6.64
C LYS B 42 -7.36 28.78 7.81
N MET B 43 -7.17 27.48 7.65
CA MET B 43 -7.46 26.50 8.69
C MET B 43 -6.13 26.11 9.34
N ASP B 44 -5.80 26.79 10.44
CA ASP B 44 -4.45 26.77 10.98
C ASP B 44 -4.01 25.39 11.46
N GLN B 45 -4.92 24.55 11.94
CA GLN B 45 -4.57 23.25 12.46
C GLN B 45 -4.52 22.16 11.38
N HIS B 46 -5.14 22.39 10.23
CA HIS B 46 -5.20 21.40 9.16
C HIS B 46 -4.10 21.66 8.12
N ARG B 47 -2.86 21.60 8.58
CA ARG B 47 -1.70 21.76 7.72
C ARG B 47 -0.54 20.98 8.29
N GLY B 48 0.42 20.65 7.43
CA GLY B 48 1.58 19.90 7.88
C GLY B 48 2.38 19.36 6.72
N GLN B 49 3.20 18.37 7.01
CA GLN B 49 4.06 17.75 6.01
C GLN B 49 4.19 16.26 6.30
N VAL B 50 4.29 15.47 5.23
CA VAL B 50 4.45 14.03 5.32
C VAL B 50 5.51 13.59 4.30
N TYR B 51 6.02 12.38 4.50
CA TYR B 51 6.99 11.77 3.59
C TYR B 51 6.51 10.37 3.22
N SER B 52 7.20 9.77 2.25
CA SER B 52 6.79 8.48 1.72
C SER B 52 7.39 7.34 2.52
N GLU B 53 6.92 6.13 2.22
CA GLU B 53 7.41 4.90 2.82
C GLU B 53 7.84 3.94 1.70
N LEU B 54 8.13 2.70 2.08
CA LEU B 54 8.56 1.71 1.09
C LEU B 54 7.48 1.47 0.04
N LYS B 55 6.22 1.32 0.47
CA LYS B 55 5.10 1.13 -0.44
C LYS B 55 3.92 1.97 0.03
N TYR B 56 4.17 3.20 0.46
CA TYR B 56 3.12 4.08 0.97
C TYR B 56 3.50 5.50 0.62
N HIS B 57 2.97 6.01 -0.49
CA HIS B 57 3.28 7.35 -0.95
C HIS B 57 2.51 8.39 -0.15
N PRO B 58 3.01 9.64 -0.11
CA PRO B 58 2.37 10.66 0.73
C PRO B 58 0.94 10.97 0.35
N GLU B 59 0.54 10.75 -0.90
CA GLU B 59 -0.84 11.00 -1.30
C GLU B 59 -1.80 10.10 -0.53
N MET B 60 -1.42 8.84 -0.33
CA MET B 60 -2.27 7.90 0.39
C MET B 60 -2.42 8.33 1.84
N ARG B 61 -1.33 8.76 2.47
CA ARG B 61 -1.40 9.24 3.84
C ARG B 61 -2.24 10.50 3.94
N PHE B 62 -2.17 11.39 2.94
CA PHE B 62 -3.03 12.57 2.95
C PHE B 62 -4.49 12.19 2.83
N LEU B 63 -4.80 11.19 1.99
CA LEU B 63 -6.18 10.71 1.90
C LEU B 63 -6.67 10.14 3.22
N SER B 64 -5.81 9.38 3.91
CA SER B 64 -6.18 8.88 5.23
C SER B 64 -6.40 10.02 6.22
N LEU B 65 -5.56 11.06 6.16
CA LEU B 65 -5.74 12.22 7.03
C LEU B 65 -7.06 12.92 6.75
N VAL B 66 -7.41 13.07 5.47
CA VAL B 66 -8.68 13.69 5.10
C VAL B 66 -9.84 12.85 5.63
N SER B 67 -9.73 11.54 5.52
CA SER B 67 -10.78 10.67 6.06
C SER B 67 -10.92 10.84 7.57
N LYS B 68 -9.80 10.95 8.27
CA LYS B 68 -9.86 11.15 9.73
C LYS B 68 -10.37 12.54 10.12
N TRP B 69 -10.21 13.54 9.24
CA TRP B 69 -10.61 14.90 9.58
C TRP B 69 -12.11 15.05 9.76
N LYS B 70 -12.90 14.38 8.92
CA LYS B 70 -14.36 14.48 8.94
C LYS B 70 -14.82 15.92 8.73
N LEU B 71 -14.46 16.44 7.56
CA LEU B 71 -14.82 17.80 7.20
C LEU B 71 -16.31 17.90 6.93
N HIS B 72 -16.88 19.07 7.26
CA HIS B 72 -18.29 19.32 6.97
C HIS B 72 -18.53 19.28 5.46
N ARG B 73 -19.47 18.46 5.03
CA ARG B 73 -19.72 18.28 3.59
C ARG B 73 -20.56 19.39 2.99
N ASP B 74 -21.13 20.27 3.81
CA ASP B 74 -21.91 21.40 3.33
C ASP B 74 -21.09 22.68 3.26
N GLN B 75 -19.77 22.55 3.09
CA GLN B 75 -18.87 23.69 2.99
C GLN B 75 -17.97 23.49 1.76
N GLU B 76 -17.16 24.50 1.48
CA GLU B 76 -16.23 24.48 0.36
C GLU B 76 -14.80 24.54 0.90
N TYR B 77 -13.93 23.70 0.37
CA TYR B 77 -12.55 23.60 0.84
C TYR B 77 -11.59 23.68 -0.34
N GLU B 78 -10.45 24.33 -0.08
CA GLU B 78 -9.35 24.40 -1.04
C GLU B 78 -8.12 23.82 -0.37
N VAL B 79 -7.50 22.84 -1.01
CA VAL B 79 -6.30 22.19 -0.49
C VAL B 79 -5.13 22.54 -1.40
N THR B 80 -4.01 22.89 -0.79
CA THR B 80 -2.79 23.22 -1.51
C THR B 80 -1.70 22.21 -1.15
N TRP B 81 -1.07 21.64 -2.17
CA TRP B 81 0.03 20.70 -2.03
C TRP B 81 1.32 21.33 -2.55
N TYR B 82 2.41 21.06 -1.86
CA TYR B 82 3.77 21.36 -2.33
C TYR B 82 4.53 20.04 -2.28
N ILE B 83 4.88 19.50 -3.44
CA ILE B 83 5.42 18.14 -3.52
C ILE B 83 6.70 18.16 -4.34
N SER B 84 7.63 17.28 -3.95
CA SER B 84 8.92 17.19 -4.63
C SER B 84 8.84 16.48 -5.97
N TRP B 85 8.08 15.40 -6.08
CA TRP B 85 7.90 14.67 -7.32
C TRP B 85 6.43 14.71 -7.73
N SER B 86 6.19 14.76 -9.04
CA SER B 86 4.84 14.67 -9.54
C SER B 86 4.26 13.28 -9.25
N PRO B 87 2.96 13.19 -9.00
CA PRO B 87 2.36 11.90 -8.63
C PRO B 87 2.53 10.84 -9.72
N CYS B 88 2.67 9.60 -9.27
CA CYS B 88 2.78 8.46 -10.18
C CYS B 88 1.40 8.05 -10.66
N THR B 89 1.33 6.95 -11.42
CA THR B 89 0.06 6.52 -12.01
C THR B 89 -0.96 6.13 -10.94
N LYS B 90 -0.57 5.30 -9.98
CA LYS B 90 -1.51 4.85 -8.95
C LYS B 90 -2.03 6.03 -8.14
N CYS B 91 -1.12 6.88 -7.67
CA CYS B 91 -1.52 8.03 -6.87
C CYS B 91 -2.36 9.02 -7.67
N ALA B 92 -2.01 9.26 -8.93
CA ALA B 92 -2.80 10.17 -9.76
C ALA B 92 -4.20 9.62 -9.97
N ARG B 93 -4.32 8.33 -10.28
CA ARG B 93 -5.64 7.73 -10.49
C ARG B 93 -6.48 7.78 -9.22
N ASP B 94 -5.89 7.45 -8.07
CA ASP B 94 -6.66 7.46 -6.83
C ASP B 94 -7.02 8.88 -6.39
N MET B 95 -6.15 9.86 -6.64
CA MET B 95 -6.53 11.24 -6.38
C MET B 95 -7.65 11.70 -7.30
N ALA B 96 -7.62 11.28 -8.57
CA ALA B 96 -8.70 11.62 -9.48
C ALA B 96 -10.03 11.01 -9.04
N THR B 97 -10.02 9.75 -8.61
CA THR B 97 -11.26 9.13 -8.16
C THR B 97 -11.71 9.64 -6.80
N PHE B 98 -10.79 10.22 -6.01
CA PHE B 98 -11.19 10.91 -4.79
C PHE B 98 -11.84 12.26 -5.11
N LEU B 99 -11.27 12.99 -6.07
CA LEU B 99 -11.85 14.27 -6.46
C LEU B 99 -13.21 14.11 -7.12
N GLN B 100 -13.39 13.04 -7.91
CA GLN B 100 -14.67 12.81 -8.57
C GLN B 100 -15.79 12.50 -7.58
N GLU B 101 -15.46 11.96 -6.40
CA GLU B 101 -16.47 11.59 -5.42
C GLU B 101 -16.72 12.66 -4.38
N ASN B 102 -15.81 13.62 -4.22
CA ASN B 102 -15.95 14.72 -3.27
C ASN B 102 -15.87 16.03 -4.04
N THR B 103 -17.02 16.57 -4.42
CA THR B 103 -17.09 17.78 -5.23
C THR B 103 -17.01 19.06 -4.39
N HIS B 104 -16.95 18.95 -3.07
CA HIS B 104 -16.86 20.12 -2.21
C HIS B 104 -15.43 20.51 -1.88
N VAL B 105 -14.44 19.80 -2.42
CA VAL B 105 -13.03 20.11 -2.20
C VAL B 105 -12.34 20.27 -3.55
N THR B 106 -11.51 21.31 -3.64
CA THR B 106 -10.67 21.55 -4.81
C THR B 106 -9.22 21.42 -4.41
N LEU B 107 -8.38 21.05 -5.38
CA LEU B 107 -6.97 20.76 -5.12
C LEU B 107 -6.09 21.56 -6.07
N THR B 108 -5.07 22.20 -5.51
CA THR B 108 -4.02 22.86 -6.28
C THR B 108 -2.68 22.24 -5.89
N ILE B 109 -1.87 21.88 -6.89
CA ILE B 109 -0.64 21.15 -6.68
C ILE B 109 0.51 21.97 -7.25
N PHE B 110 1.55 22.17 -6.44
CA PHE B 110 2.81 22.73 -6.89
C PHE B 110 3.88 21.63 -6.82
N VAL B 111 4.63 21.47 -7.90
CA VAL B 111 5.63 20.41 -8.00
C VAL B 111 7.00 21.02 -8.18
N ALA B 112 7.97 20.49 -7.44
CA ALA B 112 9.36 20.91 -7.58
C ALA B 112 10.02 20.30 -8.81
N ARG B 113 9.73 19.03 -9.09
CA ARG B 113 10.27 18.33 -10.25
C ARG B 113 9.18 17.49 -10.88
N LEU B 114 9.34 17.21 -12.16
CA LEU B 114 8.43 16.33 -12.89
C LEU B 114 9.03 14.93 -12.95
N TYR B 115 8.24 13.94 -12.55
CA TYR B 115 8.69 12.56 -12.42
C TYR B 115 8.34 11.80 -13.69
N TYR B 116 9.37 11.38 -14.43
CA TYR B 116 9.23 10.68 -15.70
C TYR B 116 8.36 11.47 -16.67
N PHE B 117 8.79 12.70 -16.95
CA PHE B 117 8.06 13.54 -17.90
C PHE B 117 8.18 13.03 -19.34
N TRP B 118 9.10 12.10 -19.60
CA TRP B 118 9.24 11.50 -20.92
C TRP B 118 8.44 10.21 -21.07
N ASP B 119 7.76 9.77 -20.01
CA ASP B 119 6.99 8.53 -20.03
C ASP B 119 5.53 8.84 -20.29
N PRO B 120 4.97 8.39 -21.43
CA PRO B 120 3.56 8.68 -21.73
C PRO B 120 2.58 8.12 -20.72
N ASP B 121 2.93 7.08 -19.97
CA ASP B 121 2.04 6.59 -18.94
C ASP B 121 1.82 7.64 -17.85
N TYR B 122 2.91 8.21 -17.34
CA TYR B 122 2.77 9.25 -16.32
C TYR B 122 2.19 10.53 -16.92
N GLN B 123 2.46 10.80 -18.19
CA GLN B 123 1.85 11.95 -18.84
C GLN B 123 0.34 11.80 -18.91
N GLU B 124 -0.15 10.61 -19.26
CA GLU B 124 -1.59 10.37 -19.29
C GLU B 124 -2.19 10.40 -17.90
N ALA B 125 -1.48 9.87 -16.91
CA ALA B 125 -1.97 9.96 -15.53
C ALA B 125 -2.10 11.40 -15.07
N LEU B 126 -1.10 12.23 -15.36
CA LEU B 126 -1.16 13.64 -15.01
C LEU B 126 -2.26 14.37 -15.77
N ARG B 127 -2.46 14.05 -17.05
CA ARG B 127 -3.55 14.66 -17.81
C ARG B 127 -4.90 14.27 -17.23
N SER B 128 -5.08 13.01 -16.82
CA SER B 128 -6.32 12.60 -16.19
C SER B 128 -6.53 13.32 -14.86
N LEU B 129 -5.46 13.48 -14.08
CA LEU B 129 -5.57 14.22 -12.82
C LEU B 129 -5.97 15.67 -13.06
N ALA B 130 -5.39 16.31 -14.08
CA ALA B 130 -5.77 17.67 -14.41
C ALA B 130 -7.20 17.76 -14.93
N GLN B 131 -7.65 16.77 -15.70
CA GLN B 131 -9.04 16.75 -16.18
C GLN B 131 -10.02 16.53 -15.04
N ALA B 132 -9.63 15.81 -14.00
CA ALA B 132 -10.52 15.57 -12.87
C ALA B 132 -10.86 16.84 -12.10
N GLY B 133 -10.12 17.92 -12.29
CA GLY B 133 -10.43 19.18 -11.63
C GLY B 133 -9.31 19.72 -10.79
N ALA B 134 -8.12 19.15 -10.91
CA ALA B 134 -6.96 19.59 -10.16
C ALA B 134 -6.12 20.56 -10.98
N THR B 135 -5.55 21.55 -10.29
CA THR B 135 -4.69 22.55 -10.90
C THR B 135 -3.24 22.16 -10.64
N ILE B 136 -2.47 21.94 -11.69
CA ILE B 136 -1.08 21.53 -11.60
C ILE B 136 -0.20 22.68 -12.08
N LYS B 137 0.73 23.09 -11.24
CA LYS B 137 1.63 24.20 -11.54
C LYS B 137 3.06 23.81 -11.22
N ILE B 138 4.00 24.69 -11.56
CA ILE B 138 5.42 24.49 -11.30
C ILE B 138 5.83 25.41 -10.15
N MET B 139 6.52 24.84 -9.18
CA MET B 139 6.89 25.58 -7.96
C MET B 139 7.98 26.59 -8.28
N ASN B 140 7.65 27.88 -8.13
CA ASN B 140 8.55 28.97 -8.43
C ASN B 140 9.20 29.48 -7.14
N TYR B 141 9.98 30.56 -7.26
CA TYR B 141 10.74 31.07 -6.13
C TYR B 141 9.83 31.53 -5.00
N ASP B 142 8.69 32.14 -5.32
CA ASP B 142 7.78 32.60 -4.28
C ASP B 142 7.25 31.44 -3.45
N GLU B 143 6.89 30.34 -4.10
CA GLU B 143 6.43 29.16 -3.37
C GLU B 143 7.55 28.54 -2.55
N PHE B 144 8.78 28.53 -3.05
CA PHE B 144 9.90 28.05 -2.25
C PHE B 144 10.10 28.89 -1.00
N GLN B 145 10.01 30.22 -1.14
CA GLN B 145 10.09 31.09 0.03
C GLN B 145 8.95 30.85 1.00
N HIS B 146 7.73 30.66 0.49
CA HIS B 146 6.59 30.39 1.36
C HIS B 146 6.78 29.09 2.13
N CYS B 147 7.25 28.04 1.46
CA CYS B 147 7.48 26.77 2.14
C CYS B 147 8.61 26.87 3.15
N TRP B 148 9.67 27.63 2.83
CA TRP B 148 10.74 27.85 3.78
C TRP B 148 10.26 28.58 5.03
N SER B 149 9.40 29.59 4.85
CA SER B 149 8.92 30.37 5.99
C SER B 149 7.88 29.61 6.80
N LYS B 150 7.10 28.74 6.16
CA LYS B 150 5.93 28.14 6.80
C LYS B 150 6.15 26.70 7.26
N PHE B 151 6.78 25.86 6.44
CA PHE B 151 6.90 24.44 6.74
C PHE B 151 8.29 24.01 7.20
N VAL B 152 9.25 24.91 7.28
CA VAL B 152 10.63 24.57 7.60
C VAL B 152 10.99 25.15 8.96
N TYR B 153 11.58 24.32 9.81
CA TYR B 153 12.06 24.74 11.13
C TYR B 153 13.39 25.47 10.93
N SER B 154 13.30 26.65 10.34
CA SER B 154 14.49 27.42 10.00
C SER B 154 15.01 28.27 11.15
N GLN B 155 14.21 28.47 12.19
CA GLN B 155 14.59 29.28 13.36
C GLN B 155 15.01 30.69 12.96
N GLY B 156 14.32 31.27 11.97
CA GLY B 156 14.59 32.62 11.53
C GLY B 156 15.74 32.77 10.54
N ALA B 157 16.38 31.68 10.15
CA ALA B 157 17.46 31.78 9.18
C ALA B 157 16.92 32.17 7.81
N PRO B 158 17.65 33.01 7.08
CA PRO B 158 17.19 33.41 5.75
C PRO B 158 17.29 32.27 4.74
N PHE B 159 16.42 32.33 3.75
CA PHE B 159 16.40 31.32 2.70
C PHE B 159 17.49 31.61 1.68
N GLN B 160 18.31 30.60 1.38
CA GLN B 160 19.38 30.74 0.41
C GLN B 160 19.06 29.88 -0.81
N PRO B 161 18.59 30.46 -1.91
CA PRO B 161 18.24 29.64 -3.08
C PRO B 161 19.46 29.01 -3.71
N TRP B 162 19.26 27.83 -4.28
CA TRP B 162 20.34 27.14 -4.99
C TRP B 162 20.57 27.77 -6.36
N ASP B 163 21.68 27.40 -6.97
CA ASP B 163 22.05 27.97 -8.26
C ASP B 163 21.15 27.42 -9.37
N GLY B 164 20.67 28.31 -10.24
CA GLY B 164 19.87 27.90 -11.36
C GLY B 164 18.42 27.62 -11.08
N LEU B 165 17.86 28.18 -10.00
CA LEU B 165 16.46 27.93 -9.67
C LEU B 165 15.53 28.44 -10.75
N ASP B 166 15.75 29.66 -11.24
CA ASP B 166 14.83 30.26 -12.20
C ASP B 166 14.85 29.54 -13.54
N GLU B 167 16.05 29.20 -14.03
CA GLU B 167 16.14 28.50 -15.30
C GLU B 167 15.48 27.14 -15.24
N TYR B 168 15.70 26.40 -14.14
CA TYR B 168 15.04 25.11 -13.97
C TYR B 168 13.53 25.27 -13.89
N SER B 169 13.07 26.31 -13.19
CA SER B 169 11.63 26.55 -13.10
C SER B 169 11.02 26.82 -14.46
N GLN B 170 11.69 27.65 -15.28
CA GLN B 170 11.18 27.94 -16.61
C GLN B 170 11.17 26.69 -17.50
N ALA B 171 12.23 25.90 -17.44
CA ALA B 171 12.26 24.66 -18.23
C ALA B 171 11.15 23.71 -17.81
N LEU B 172 10.95 23.55 -16.50
CA LEU B 172 9.88 22.68 -16.03
C LEU B 172 8.50 23.21 -16.40
N SER B 173 8.33 24.53 -16.38
CA SER B 173 7.06 25.11 -16.82
C SER B 173 6.81 24.82 -18.29
N GLY B 174 7.85 24.92 -19.12
CA GLY B 174 7.69 24.57 -20.53
C GLY B 174 7.31 23.11 -20.73
N MET B 175 7.99 22.20 -20.03
CA MET B 175 7.65 20.79 -20.15
C MET B 175 6.24 20.50 -19.64
N LEU B 176 5.82 21.13 -18.55
CA LEU B 176 4.46 20.92 -18.05
C LEU B 176 3.43 21.45 -19.04
N GLY B 177 3.70 22.60 -19.66
CA GLY B 177 2.81 23.11 -20.68
C GLY B 177 2.72 22.18 -21.88
N GLU B 178 3.84 21.56 -22.27
CA GLU B 178 3.80 20.56 -23.33
C GLU B 178 2.95 19.36 -22.92
N ILE B 179 3.11 18.90 -21.68
CA ILE B 179 2.41 17.69 -21.23
C ILE B 179 0.91 17.93 -21.16
N LEU B 180 0.50 19.06 -20.58
CA LEU B 180 -0.91 19.33 -20.35
C LEU B 180 -1.65 19.77 -21.61
N ARG B 181 -0.93 20.09 -22.68
CA ARG B 181 -1.52 20.50 -23.96
C ARG B 181 -2.44 21.72 -23.79
N HIS B 182 -1.85 22.80 -23.30
CA HIS B 182 -2.59 24.04 -23.13
C HIS B 182 -2.90 24.66 -24.48
N SER B 183 -3.87 25.58 -24.47
CA SER B 183 -4.28 26.27 -25.69
C SER B 183 -4.71 27.68 -25.34
N MET B 184 -4.57 28.58 -26.32
CA MET B 184 -4.96 29.97 -26.13
C MET B 184 -6.45 30.15 -26.43
N ASP B 185 -7.13 30.94 -25.60
CA ASP B 185 -8.49 31.32 -25.92
C ASP B 185 -8.50 32.37 -27.03
N PRO B 186 -9.60 32.46 -27.78
CA PRO B 186 -9.64 33.38 -28.94
C PRO B 186 -9.33 34.82 -28.58
N PRO B 187 -9.79 35.35 -27.43
CA PRO B 187 -9.44 36.75 -27.12
C PRO B 187 -7.95 37.01 -27.05
N THR B 188 -7.18 36.12 -26.40
CA THR B 188 -5.74 36.32 -26.29
C THR B 188 -5.08 36.24 -27.67
N PHE B 189 -5.50 35.28 -28.48
CA PHE B 189 -4.95 35.15 -29.83
C PHE B 189 -5.20 36.41 -30.64
N THR B 190 -6.43 36.92 -30.61
CA THR B 190 -6.75 38.14 -31.35
C THR B 190 -5.97 39.34 -30.83
N PHE B 191 -5.82 39.45 -29.51
CA PHE B 191 -5.15 40.61 -28.94
C PHE B 191 -3.64 40.58 -29.19
N ASN B 192 -3.04 39.39 -29.25
CA ASN B 192 -1.59 39.28 -29.33
C ASN B 192 -1.07 39.12 -30.75
N PHE B 193 -1.75 38.36 -31.61
CA PHE B 193 -1.26 38.11 -32.95
C PHE B 193 -1.90 39.02 -33.99
N ASN B 194 -2.22 40.26 -33.60
CA ASN B 194 -2.70 41.25 -34.54
C ASN B 194 -1.56 42.12 -35.03
N ASN B 195 -1.54 42.37 -36.35
CA ASN B 195 -0.48 43.14 -36.97
C ASN B 195 -0.79 44.63 -37.05
N GLU B 196 -1.94 45.07 -36.52
CA GLU B 196 -2.37 46.46 -36.54
C GLU B 196 -2.45 47.00 -37.97
N ARG B 202 0.32 46.00 -25.94
CA ARG B 202 0.97 44.69 -26.09
C ARG B 202 2.33 44.66 -25.41
N HIS B 203 2.33 44.35 -24.12
CA HIS B 203 3.55 44.27 -23.32
C HIS B 203 4.01 42.84 -23.08
N GLU B 204 3.46 41.88 -23.83
CA GLU B 204 3.79 40.47 -23.67
C GLU B 204 4.10 39.86 -25.03
N THR B 205 4.99 38.86 -25.02
CA THR B 205 5.41 38.16 -26.22
C THR B 205 5.10 36.68 -26.06
N TYR B 206 4.19 36.17 -26.88
CA TYR B 206 3.80 34.77 -26.87
C TYR B 206 4.29 34.12 -28.16
N LEU B 207 4.93 32.96 -28.04
CA LEU B 207 5.48 32.28 -29.20
C LEU B 207 5.05 30.82 -29.23
N CYS B 208 4.68 30.34 -30.42
CA CYS B 208 4.37 28.95 -30.66
C CYS B 208 5.54 28.27 -31.36
N TYR B 209 5.57 26.95 -31.30
CA TYR B 209 6.67 26.20 -31.87
C TYR B 209 6.23 24.78 -32.21
N GLU B 210 6.82 24.26 -33.30
CA GLU B 210 6.63 22.90 -33.76
C GLU B 210 7.97 22.35 -34.24
N VAL B 211 8.07 21.02 -34.30
CA VAL B 211 9.31 20.35 -34.68
C VAL B 211 9.01 19.29 -35.73
N GLU B 212 9.90 19.18 -36.72
CA GLU B 212 9.81 18.17 -37.75
C GLU B 212 11.16 17.47 -37.90
N ARG B 213 11.13 16.24 -38.37
CA ARG B 213 12.33 15.44 -38.57
C ARG B 213 12.42 14.99 -40.03
N MET B 214 13.64 14.97 -40.56
CA MET B 214 13.86 14.57 -41.95
C MET B 214 13.95 13.05 -42.05
N HIS B 215 13.28 12.48 -43.06
CA HIS B 215 13.32 11.04 -43.31
C HIS B 215 13.08 10.83 -44.79
N ASN B 216 14.15 10.49 -45.52
CA ASN B 216 14.10 10.26 -46.97
C ASN B 216 13.58 11.50 -47.70
N ASP B 217 14.23 12.63 -47.41
CA ASP B 217 13.91 13.92 -48.03
C ASP B 217 12.44 14.32 -47.83
N THR B 218 11.90 14.01 -46.66
CA THR B 218 10.52 14.36 -46.33
C THR B 218 10.44 14.72 -44.86
N TRP B 219 9.72 15.79 -44.56
CA TRP B 219 9.58 16.23 -43.18
C TRP B 219 8.38 15.55 -42.52
N VAL B 220 8.61 14.93 -41.37
CA VAL B 220 7.58 14.24 -40.61
C VAL B 220 7.43 14.95 -39.27
N LYS B 221 6.20 15.29 -38.92
CA LYS B 221 5.93 16.02 -37.69
C LYS B 221 6.07 15.10 -36.47
N LEU B 222 6.44 15.71 -35.35
CA LEU B 222 6.50 15.01 -34.06
C LEU B 222 5.29 15.43 -33.23
N ASN B 223 4.51 14.44 -32.80
CA ASN B 223 3.27 14.73 -32.08
C ASN B 223 3.53 15.40 -30.74
N GLN B 224 4.55 14.97 -30.00
CA GLN B 224 4.80 15.52 -28.68
C GLN B 224 5.45 16.90 -28.74
N ARG B 225 6.29 17.14 -29.75
CA ARG B 225 7.08 18.37 -29.82
C ARG B 225 6.30 19.47 -30.55
N ARG B 226 5.23 19.90 -29.91
CA ARG B 226 4.36 20.97 -30.40
C ARG B 226 3.80 21.72 -29.21
N GLY B 227 3.82 23.05 -29.27
CA GLY B 227 3.31 23.80 -28.15
C GLY B 227 3.54 25.28 -28.31
N PHE B 228 3.43 26.00 -27.18
CA PHE B 228 3.67 27.43 -27.14
C PHE B 228 4.02 27.82 -25.72
N LEU B 229 4.57 29.03 -25.58
CA LEU B 229 4.92 29.56 -24.27
C LEU B 229 4.95 31.09 -24.34
N ALA B 230 5.23 31.71 -23.19
CA ALA B 230 5.14 33.15 -23.03
C ALA B 230 6.29 33.62 -22.16
N ASN B 231 6.26 34.89 -21.77
CA ASN B 231 7.26 35.46 -20.88
C ASN B 231 6.79 35.38 -19.43
N GLN B 232 7.76 35.29 -18.53
CA GLN B 232 7.47 35.20 -17.11
C GLN B 232 7.63 36.56 -16.41
N ARG B 243 13.46 37.43 -17.89
CA ARG B 243 13.93 37.03 -19.22
C ARG B 243 12.75 36.85 -20.18
N HIS B 244 13.00 37.08 -21.46
CA HIS B 244 11.96 36.94 -22.47
C HIS B 244 11.72 35.47 -22.80
N ALA B 245 10.76 35.23 -23.70
CA ALA B 245 10.31 33.88 -23.98
C ALA B 245 11.30 33.09 -24.81
N GLU B 246 12.12 33.76 -25.63
CA GLU B 246 13.10 33.04 -26.44
C GLU B 246 14.14 32.33 -25.58
N LEU B 247 14.59 32.97 -24.50
CA LEU B 247 15.54 32.32 -23.60
C LEU B 247 14.90 31.10 -22.94
N CYS B 248 13.63 31.19 -22.56
CA CYS B 248 12.93 30.04 -21.98
C CYS B 248 12.83 28.90 -23.00
N PHE B 249 12.54 29.22 -24.26
CA PHE B 249 12.47 28.18 -25.28
C PHE B 249 13.82 27.52 -25.49
N LEU B 250 14.89 28.33 -25.56
CA LEU B 250 16.23 27.78 -25.71
C LEU B 250 16.68 26.99 -24.48
N ASP B 251 16.12 27.27 -23.31
CA ASP B 251 16.40 26.46 -22.13
C ASP B 251 15.61 25.15 -22.17
N VAL B 252 14.40 25.17 -22.73
CA VAL B 252 13.61 23.95 -22.87
C VAL B 252 14.26 23.01 -23.88
N ILE B 253 14.88 23.58 -24.93
CA ILE B 253 15.39 22.74 -26.03
C ILE B 253 16.32 21.63 -25.58
N PRO B 254 17.35 21.86 -24.75
CA PRO B 254 18.34 20.80 -24.50
C PRO B 254 17.79 19.54 -23.85
N PHE B 255 16.63 19.59 -23.20
CA PHE B 255 16.10 18.44 -22.50
C PHE B 255 15.39 17.46 -23.42
N TRP B 256 15.25 17.79 -24.71
CA TRP B 256 14.70 16.83 -25.66
C TRP B 256 15.72 15.79 -26.09
N LYS B 257 17.00 16.07 -25.96
CA LYS B 257 18.08 15.19 -26.41
C LYS B 257 17.93 14.87 -27.89
N LEU B 258 17.98 15.92 -28.71
CA LEU B 258 17.93 15.75 -30.15
C LEU B 258 19.16 15.02 -30.64
N ASP B 259 18.95 14.03 -31.50
CA ASP B 259 20.05 13.20 -31.99
C ASP B 259 20.94 13.99 -32.93
N LEU B 260 22.23 13.63 -32.92
CA LEU B 260 23.25 14.33 -33.69
C LEU B 260 23.43 13.75 -35.09
N ASP B 261 22.65 12.76 -35.47
CA ASP B 261 22.76 12.12 -36.78
C ASP B 261 21.64 12.47 -37.73
N GLN B 262 20.45 12.78 -37.23
CA GLN B 262 19.32 13.11 -38.07
C GLN B 262 19.16 14.63 -38.17
N ASP B 263 18.27 15.07 -39.06
CA ASP B 263 18.04 16.48 -39.32
C ASP B 263 16.71 16.90 -38.72
N TYR B 264 16.74 17.92 -37.88
CA TYR B 264 15.54 18.46 -37.24
C TYR B 264 15.33 19.89 -37.69
N ARG B 265 14.06 20.27 -37.83
CA ARG B 265 13.67 21.63 -38.18
C ARG B 265 12.69 22.13 -37.14
N VAL B 266 13.00 23.28 -36.53
CA VAL B 266 12.15 23.89 -35.52
C VAL B 266 11.49 25.11 -36.13
N THR B 267 10.17 25.11 -36.18
CA THR B 267 9.39 26.21 -36.74
C THR B 267 8.82 27.03 -35.60
N CYS B 268 9.10 28.33 -35.60
CA CYS B 268 8.70 29.25 -34.55
C CYS B 268 7.73 30.28 -35.10
N PHE B 269 6.67 30.56 -34.32
CA PHE B 269 5.63 31.54 -34.64
C PHE B 269 5.66 32.57 -33.51
N THR B 270 6.38 33.66 -33.71
CA THR B 270 6.59 34.65 -32.66
C THR B 270 5.89 35.96 -33.02
N SER B 271 5.36 36.63 -31.99
CA SER B 271 4.62 37.87 -32.21
C SER B 271 5.55 39.02 -32.58
N TRP B 272 6.48 39.37 -31.70
CA TRP B 272 7.43 40.44 -31.95
C TRP B 272 8.75 39.88 -32.46
N SER B 273 9.57 40.76 -33.00
CA SER B 273 10.91 40.37 -33.41
C SER B 273 11.78 40.17 -32.17
N PRO B 274 12.74 39.24 -32.24
CA PRO B 274 13.61 39.00 -31.08
C PRO B 274 14.45 40.22 -30.75
N CYS B 275 14.78 40.36 -29.47
CA CYS B 275 15.58 41.47 -28.98
C CYS B 275 17.03 41.26 -29.40
N PHE B 276 17.92 42.15 -28.95
CA PHE B 276 19.33 42.02 -29.30
C PHE B 276 19.97 40.81 -28.62
N SER B 277 19.85 40.74 -27.29
CA SER B 277 20.43 39.62 -26.55
C SER B 277 19.79 38.29 -26.94
N CYS B 278 18.47 38.27 -27.11
CA CYS B 278 17.80 37.05 -27.52
C CYS B 278 18.26 36.60 -28.91
N ALA B 279 18.39 37.55 -29.85
CA ALA B 279 18.88 37.20 -31.18
C ALA B 279 20.31 36.68 -31.14
N GLN B 280 21.17 37.29 -30.33
CA GLN B 280 22.55 36.81 -30.21
C GLN B 280 22.58 35.41 -29.63
N GLU B 281 21.77 35.15 -28.60
CA GLU B 281 21.73 33.82 -27.99
C GLU B 281 21.21 32.78 -28.99
N MET B 282 20.16 33.13 -29.74
CA MET B 282 19.64 32.20 -30.73
C MET B 282 20.66 31.91 -31.83
N ALA B 283 21.36 32.95 -32.30
CA ALA B 283 22.37 32.76 -33.33
C ALA B 283 23.50 31.87 -32.82
N LYS B 284 23.96 32.11 -31.58
CA LYS B 284 25.00 31.26 -31.02
C LYS B 284 24.53 29.82 -30.86
N PHE B 285 23.28 29.62 -30.42
CA PHE B 285 22.76 28.27 -30.24
C PHE B 285 22.66 27.54 -31.56
N ILE B 286 22.14 28.19 -32.60
CA ILE B 286 22.01 27.54 -33.90
C ILE B 286 23.35 27.37 -34.60
N SER B 287 24.36 28.18 -34.25
CA SER B 287 25.70 27.94 -34.77
C SER B 287 26.37 26.77 -34.06
N LYS B 288 26.12 26.60 -32.77
CA LYS B 288 26.70 25.47 -32.04
C LYS B 288 26.09 24.15 -32.47
N ASN B 289 24.79 24.13 -32.78
CA ASN B 289 24.08 22.92 -33.18
C ASN B 289 23.76 23.03 -34.67
N LYS B 290 24.56 22.34 -35.48
CA LYS B 290 24.36 22.34 -36.93
C LYS B 290 23.28 21.39 -37.39
N HIS B 291 22.82 20.49 -36.52
CA HIS B 291 21.79 19.52 -36.89
C HIS B 291 20.38 20.06 -36.72
N VAL B 292 20.22 21.30 -36.25
CA VAL B 292 18.92 21.89 -36.01
C VAL B 292 18.78 23.12 -36.89
N SER B 293 17.85 23.07 -37.84
CA SER B 293 17.51 24.23 -38.64
C SER B 293 16.37 25.00 -37.96
N LEU B 294 16.36 26.30 -38.20
CA LEU B 294 15.39 27.19 -37.54
C LEU B 294 14.61 27.95 -38.60
N CYS B 295 13.29 27.95 -38.47
CA CYS B 295 12.40 28.67 -39.39
C CYS B 295 11.50 29.57 -38.57
N ILE B 296 11.83 30.87 -38.51
CA ILE B 296 11.08 31.84 -37.73
C ILE B 296 10.14 32.60 -38.65
N LYS B 297 8.85 32.61 -38.31
CA LYS B 297 7.84 33.35 -39.07
C LYS B 297 7.14 34.29 -38.10
N THR B 298 7.64 35.50 -38.00
CA THR B 298 7.13 36.49 -37.05
C THR B 298 5.93 37.23 -37.63
N ALA B 299 5.25 37.97 -36.76
CA ALA B 299 4.12 38.79 -37.15
C ALA B 299 4.38 40.29 -37.03
N ARG B 300 5.22 40.72 -36.10
CA ARG B 300 5.56 42.13 -35.96
C ARG B 300 7.07 42.30 -35.80
N ILE B 301 7.52 43.54 -35.66
CA ILE B 301 8.94 43.85 -35.49
C ILE B 301 9.08 44.69 -34.24
N TYR B 302 9.95 44.28 -33.33
CA TYR B 302 10.19 45.00 -32.09
C TYR B 302 11.28 46.05 -32.27
N GLN B 309 17.62 46.45 -36.52
CA GLN B 309 17.50 45.42 -37.56
C GLN B 309 18.81 44.64 -37.71
N GLU B 310 19.86 45.12 -37.04
CA GLU B 310 21.15 44.44 -37.11
C GLU B 310 21.08 43.06 -36.48
N GLY B 311 20.39 42.91 -35.35
CA GLY B 311 20.24 41.60 -34.75
C GLY B 311 19.47 40.64 -35.64
N LEU B 312 18.40 41.13 -36.27
CA LEU B 312 17.63 40.29 -37.19
C LEU B 312 18.49 39.88 -38.39
N ARG B 313 19.28 40.80 -38.92
CA ARG B 313 20.16 40.47 -40.04
C ARG B 313 21.20 39.44 -39.64
N THR B 314 21.78 39.58 -38.44
CA THR B 314 22.75 38.61 -37.96
C THR B 314 22.11 37.24 -37.78
N LEU B 315 20.91 37.20 -37.21
CA LEU B 315 20.21 35.92 -37.03
C LEU B 315 19.89 35.28 -38.37
N ALA B 316 19.46 36.07 -39.35
CA ALA B 316 19.17 35.53 -40.68
C ALA B 316 20.43 35.01 -41.35
N GLU B 317 21.55 35.72 -41.21
CA GLU B 317 22.82 35.27 -41.78
C GLU B 317 23.40 34.08 -41.04
N ALA B 318 22.99 33.83 -39.80
CA ALA B 318 23.48 32.68 -39.06
C ALA B 318 22.93 31.37 -39.61
N GLY B 319 21.77 31.41 -40.27
CA GLY B 319 21.20 30.21 -40.86
C GLY B 319 19.69 30.14 -40.74
N ALA B 320 19.10 31.05 -39.99
CA ALA B 320 17.66 31.07 -39.80
C ALA B 320 16.95 31.59 -41.05
N LYS B 321 15.65 31.34 -41.11
CA LYS B 321 14.80 31.78 -42.23
C LYS B 321 13.69 32.66 -41.67
N ILE B 322 13.96 33.96 -41.58
CA ILE B 322 13.00 34.91 -41.03
C ILE B 322 11.96 35.23 -42.10
N SER B 323 10.68 35.11 -41.74
CA SER B 323 9.58 35.37 -42.66
C SER B 323 8.49 36.13 -41.92
N ILE B 324 7.40 36.41 -42.64
CA ILE B 324 6.26 37.14 -42.10
C ILE B 324 5.02 36.27 -42.23
N MET B 325 4.21 36.24 -41.18
CA MET B 325 2.98 35.44 -41.18
C MET B 325 2.02 35.94 -42.25
N THR B 326 1.31 35.00 -42.86
CA THR B 326 0.27 35.27 -43.84
C THR B 326 -1.02 34.58 -43.41
N TYR B 327 -2.00 34.55 -44.31
CA TYR B 327 -3.29 33.95 -43.99
C TYR B 327 -3.16 32.45 -43.70
N SER B 328 -2.31 31.75 -44.45
CA SER B 328 -2.12 30.32 -44.20
C SER B 328 -1.55 30.07 -42.81
N GLU B 329 -0.56 30.87 -42.40
CA GLU B 329 0.01 30.71 -41.06
C GLU B 329 -1.03 31.02 -39.98
N PHE B 330 -1.84 32.05 -40.20
CA PHE B 330 -2.88 32.38 -39.23
C PHE B 330 -3.90 31.25 -39.11
N LYS B 331 -4.31 30.67 -40.24
CA LYS B 331 -5.24 29.54 -40.20
C LYS B 331 -4.62 28.35 -39.48
N HIS B 332 -3.34 28.06 -39.75
CA HIS B 332 -2.66 26.96 -39.07
C HIS B 332 -2.59 27.20 -37.57
N CYS B 333 -2.28 28.44 -37.16
CA CYS B 333 -2.22 28.76 -35.75
C CYS B 333 -3.58 28.59 -35.09
N TRP B 334 -4.64 29.06 -35.75
CA TRP B 334 -5.98 28.93 -35.18
C TRP B 334 -6.39 27.47 -35.06
N ASP B 335 -6.06 26.66 -36.07
CA ASP B 335 -6.41 25.24 -36.00
C ASP B 335 -5.56 24.49 -35.00
N THR B 336 -4.34 24.97 -34.72
CA THR B 336 -3.36 24.19 -33.97
C THR B 336 -3.30 24.57 -32.50
N PHE B 337 -3.00 25.84 -32.19
CA PHE B 337 -2.76 26.27 -30.82
C PHE B 337 -3.86 27.18 -30.28
N VAL B 338 -5.09 27.04 -30.76
CA VAL B 338 -6.21 27.88 -30.31
C VAL B 338 -7.34 26.98 -29.87
N ASP B 339 -7.88 27.24 -28.68
CA ASP B 339 -9.03 26.50 -28.15
C ASP B 339 -10.30 27.11 -28.72
N HIS B 340 -10.50 26.91 -30.03
CA HIS B 340 -11.68 27.42 -30.71
C HIS B 340 -12.94 26.66 -30.35
N GLN B 341 -12.82 25.36 -30.05
CA GLN B 341 -13.95 24.52 -29.65
C GLN B 341 -15.04 24.51 -30.73
N GLY B 342 -14.66 24.01 -31.90
CA GLY B 342 -15.61 23.88 -33.00
C GLY B 342 -15.99 25.18 -33.67
N ALA B 343 -15.12 26.20 -33.62
CA ALA B 343 -15.40 27.49 -34.22
C ALA B 343 -14.36 27.77 -35.31
N PRO B 344 -14.79 28.08 -36.53
CA PRO B 344 -13.82 28.38 -37.60
C PRO B 344 -13.17 29.75 -37.38
N PHE B 345 -12.00 29.91 -38.02
CA PHE B 345 -11.24 31.14 -37.90
C PHE B 345 -11.91 32.27 -38.67
N GLN B 346 -11.90 33.47 -38.07
CA GLN B 346 -12.45 34.66 -38.69
C GLN B 346 -11.38 35.74 -38.73
N PRO B 347 -10.86 36.09 -39.90
CA PRO B 347 -9.82 37.13 -39.97
C PRO B 347 -10.39 38.50 -39.62
N TRP B 348 -9.50 39.36 -39.12
CA TRP B 348 -9.86 40.70 -38.71
C TRP B 348 -9.58 41.68 -39.85
N ASP B 349 -10.00 42.94 -39.64
CA ASP B 349 -9.85 43.97 -40.65
C ASP B 349 -8.39 44.41 -40.76
N GLY B 350 -7.99 44.80 -41.97
CA GLY B 350 -6.63 45.26 -42.20
C GLY B 350 -5.56 44.20 -42.04
N LEU B 351 -5.86 42.95 -42.41
CA LEU B 351 -4.90 41.87 -42.28
C LEU B 351 -3.99 41.78 -43.50
N ASP B 352 -4.58 41.64 -44.68
CA ASP B 352 -3.80 41.43 -45.90
C ASP B 352 -2.91 42.61 -46.22
N GLU B 353 -3.42 43.84 -46.10
CA GLU B 353 -2.63 45.02 -46.45
C GLU B 353 -1.43 45.15 -45.51
N HIS B 354 -1.66 45.00 -44.21
CA HIS B 354 -0.57 45.09 -43.24
C HIS B 354 0.45 43.98 -43.45
N SER B 355 -0.02 42.75 -43.72
CA SER B 355 0.89 41.63 -43.95
C SER B 355 1.75 41.88 -45.19
N GLN B 356 1.13 42.35 -46.27
CA GLN B 356 1.87 42.65 -47.49
C GLN B 356 2.89 43.77 -47.27
N ASP B 357 2.50 44.82 -46.54
CA ASP B 357 3.43 45.90 -46.26
C ASP B 357 4.61 45.42 -45.43
N LEU B 358 4.35 44.58 -44.41
CA LEU B 358 5.43 44.05 -43.60
C LEU B 358 6.35 43.15 -44.42
N SER B 359 5.77 42.30 -45.28
CA SER B 359 6.58 41.43 -46.12
C SER B 359 7.45 42.24 -47.07
N GLY B 360 6.89 43.29 -47.68
CA GLY B 360 7.68 44.13 -48.56
C GLY B 360 8.79 44.87 -47.83
N ARG B 361 8.49 45.38 -46.63
CA ARG B 361 9.51 46.06 -45.84
C ARG B 361 10.64 45.10 -45.44
N LEU B 362 10.29 43.88 -45.03
CA LEU B 362 11.32 42.91 -44.68
C LEU B 362 12.15 42.50 -45.90
N ARG B 363 11.50 42.33 -47.06
CA ARG B 363 12.25 42.00 -48.28
C ARG B 363 13.19 43.13 -48.67
N ALA B 364 12.75 44.39 -48.54
CA ALA B 364 13.63 45.51 -48.81
C ALA B 364 14.80 45.56 -47.83
N ILE B 365 14.54 45.34 -46.54
CA ILE B 365 15.60 45.31 -45.56
C ILE B 365 16.51 44.11 -45.77
N LEU B 366 15.92 42.94 -45.99
CA LEU B 366 16.69 41.72 -46.20
C LEU B 366 16.36 41.09 -47.55
N MET C 15 -44.88 4.12 24.69
CA MET C 15 -43.66 4.13 23.89
C MET C 15 -42.69 3.07 24.38
N GLU C 16 -42.18 2.26 23.44
CA GLU C 16 -41.30 1.15 23.77
C GLU C 16 -39.83 1.56 23.84
N ASN C 17 -39.51 2.82 23.60
CA ASN C 17 -38.14 3.31 23.63
C ASN C 17 -37.90 4.05 24.93
N ARG C 18 -36.95 3.57 25.73
CA ARG C 18 -36.59 4.19 27.00
C ARG C 18 -35.16 4.70 26.91
N TRP C 19 -34.93 5.91 27.41
CA TRP C 19 -33.68 6.62 27.18
C TRP C 19 -33.06 7.07 28.49
N GLN C 20 -31.77 7.37 28.42
CA GLN C 20 -31.00 7.96 29.51
C GLN C 20 -30.40 9.28 29.05
N VAL C 21 -30.35 10.25 29.96
CA VAL C 21 -29.97 11.62 29.62
C VAL C 21 -28.68 11.95 30.34
N MET C 22 -27.67 12.42 29.59
CA MET C 22 -26.38 12.79 30.12
C MET C 22 -25.89 14.07 29.45
N ILE C 23 -25.34 14.98 30.25
CA ILE C 23 -24.69 16.18 29.74
C ILE C 23 -23.21 15.87 29.57
N VAL C 24 -22.75 15.81 28.33
CA VAL C 24 -21.37 15.46 28.02
C VAL C 24 -20.67 16.69 27.47
N TRP C 25 -19.54 17.05 28.09
CA TRP C 25 -18.76 18.20 27.66
C TRP C 25 -17.80 17.75 26.57
N GLN C 26 -17.99 18.27 25.36
CA GLN C 26 -17.18 17.86 24.22
C GLN C 26 -15.78 18.47 24.31
N VAL C 27 -14.77 17.61 24.32
CA VAL C 27 -13.38 18.03 24.39
C VAL C 27 -12.59 17.28 23.34
N ASP C 28 -11.40 17.81 23.02
CA ASP C 28 -10.55 17.21 22.00
C ASP C 28 -9.70 16.10 22.61
N ARG C 29 -8.87 15.47 21.77
CA ARG C 29 -8.06 14.33 22.17
C ARG C 29 -6.87 14.70 23.03
N MET C 30 -6.21 15.82 22.73
CA MET C 30 -5.02 16.22 23.49
C MET C 30 -5.35 16.48 24.95
N ARG C 31 -6.47 17.15 25.22
CA ARG C 31 -6.87 17.40 26.60
C ARG C 31 -7.20 16.11 27.34
N ILE C 32 -7.83 15.16 26.66
CA ILE C 32 -8.10 13.86 27.29
C ILE C 32 -6.81 13.16 27.66
N ASN C 33 -5.85 13.16 26.73
CA ASN C 33 -4.56 12.52 27.02
C ASN C 33 -3.84 13.20 28.17
N THR C 34 -3.85 14.53 28.19
CA THR C 34 -3.19 15.26 29.27
C THR C 34 -3.86 14.98 30.62
N TRP C 35 -5.19 14.96 30.64
CA TRP C 35 -5.91 14.66 31.88
C TRP C 35 -5.57 13.27 32.40
N LYS C 36 -5.59 12.28 31.51
CA LYS C 36 -5.29 10.92 31.93
C LYS C 36 -3.85 10.79 32.42
N ARG C 37 -2.91 11.40 31.69
CA ARG C 37 -1.51 11.33 32.10
C ARG C 37 -1.28 11.99 33.45
N LEU C 38 -1.88 13.18 33.67
CA LEU C 38 -1.71 13.86 34.94
C LEU C 38 -2.34 13.07 36.09
N VAL C 39 -3.53 12.50 35.87
CA VAL C 39 -4.18 11.73 36.92
C VAL C 39 -3.33 10.51 37.29
N LYS C 40 -2.85 9.78 36.27
CA LYS C 40 -2.05 8.59 36.57
C LYS C 40 -0.68 8.95 37.14
N HIS C 41 -0.14 10.13 36.82
CA HIS C 41 1.14 10.54 37.39
C HIS C 41 1.00 10.97 38.84
N HIS C 42 -0.09 11.66 39.18
CA HIS C 42 -0.35 12.06 40.56
C HIS C 42 -1.02 10.94 41.36
N MET C 43 -1.31 9.81 40.73
CA MET C 43 -1.89 8.66 41.41
C MET C 43 -0.86 7.64 41.88
N TYR C 44 0.23 7.46 41.13
CA TYR C 44 1.21 6.43 41.46
C TYR C 44 2.59 6.98 41.78
N ILE C 45 3.09 7.93 41.00
CA ILE C 45 4.45 8.43 41.22
C ILE C 45 4.50 9.39 42.39
N SER C 46 3.77 10.51 42.28
CA SER C 46 3.65 11.48 43.36
C SER C 46 2.27 11.26 43.99
N ARG C 47 2.24 10.44 45.03
CA ARG C 47 0.98 9.96 45.58
C ARG C 47 0.29 11.01 46.43
N LYS C 48 -0.01 12.17 45.84
CA LYS C 48 -0.88 13.13 46.51
C LYS C 48 -2.34 12.70 46.43
N ALA C 49 -2.73 12.01 45.37
CA ALA C 49 -4.06 11.43 45.21
C ALA C 49 -3.90 9.93 45.06
N LYS C 50 -3.84 9.23 46.20
CA LYS C 50 -3.65 7.79 46.22
C LYS C 50 -4.91 7.02 46.54
N ASP C 51 -5.94 7.69 47.06
CA ASP C 51 -7.21 7.05 47.40
C ASP C 51 -8.14 6.97 46.20
N TRP C 52 -7.75 7.54 45.06
CA TRP C 52 -8.56 7.48 43.86
C TRP C 52 -8.49 6.09 43.24
N PHE C 53 -9.57 5.72 42.55
CA PHE C 53 -9.65 4.43 41.87
C PHE C 53 -9.79 4.69 40.38
N TYR C 54 -8.71 4.43 39.63
CA TYR C 54 -8.71 4.63 38.18
C TYR C 54 -9.19 3.34 37.52
N ARG C 55 -10.48 3.25 37.27
CA ARG C 55 -11.05 2.11 36.57
C ARG C 55 -10.62 2.14 35.10
N HIS C 56 -10.22 0.98 34.58
CA HIS C 56 -9.71 0.90 33.22
C HIS C 56 -10.88 0.84 32.24
N HIS C 57 -10.59 0.47 30.99
CA HIS C 57 -11.52 0.67 29.89
C HIS C 57 -12.83 -0.10 30.09
N TYR C 58 -12.76 -1.43 30.07
CA TYR C 58 -13.97 -2.25 29.93
C TYR C 58 -14.41 -2.77 31.29
N GLU C 59 -15.04 -1.89 32.07
CA GLU C 59 -15.90 -2.29 33.19
C GLU C 59 -17.13 -1.40 33.11
N SER C 60 -18.10 -1.81 32.30
CA SER C 60 -19.31 -1.02 32.06
C SER C 60 -20.23 -1.80 31.14
N THR C 61 -21.52 -1.44 31.20
CA THR C 61 -22.50 -1.96 30.24
C THR C 61 -22.60 -1.08 29.00
N ASN C 62 -22.31 0.21 29.16
CA ASN C 62 -22.29 1.14 28.03
C ASN C 62 -21.12 0.80 27.11
N PRO C 63 -21.36 0.50 25.83
CA PRO C 63 -20.26 0.09 24.95
C PRO C 63 -19.21 1.15 24.71
N LYS C 64 -19.52 2.42 24.97
CA LYS C 64 -18.58 3.52 24.70
C LYS C 64 -18.33 4.32 25.99
N ILE C 65 -17.37 3.88 26.78
CA ILE C 65 -17.00 4.56 28.00
C ILE C 65 -15.57 4.24 28.15
N SER C 66 -14.67 5.08 27.67
CA SER C 66 -13.27 4.77 27.74
C SER C 66 -12.63 4.67 29.11
N SER C 67 -13.04 5.48 30.07
CA SER C 67 -12.42 5.42 31.38
C SER C 67 -13.36 5.88 32.48
N GLU C 68 -12.99 5.72 33.74
CA GLU C 68 -13.87 6.09 34.82
C GLU C 68 -13.03 6.30 36.07
N VAL C 69 -12.90 7.55 36.51
CA VAL C 69 -12.11 7.89 37.68
C VAL C 69 -13.06 8.14 38.84
N HIS C 70 -12.86 7.40 39.93
CA HIS C 70 -13.66 7.53 41.13
C HIS C 70 -12.86 8.28 42.18
N ILE C 71 -13.46 9.30 42.79
CA ILE C 71 -12.81 10.09 43.81
C ILE C 71 -13.67 10.08 45.06
N PRO C 72 -13.24 9.39 46.13
CA PRO C 72 -14.05 9.34 47.35
C PRO C 72 -14.03 10.68 48.07
N LEU C 73 -15.23 11.22 48.30
CA LEU C 73 -15.42 12.48 49.04
C LEU C 73 -16.21 12.10 50.29
N GLY C 74 -15.50 11.95 51.40
CA GLY C 74 -16.13 11.54 52.64
C GLY C 74 -16.85 10.21 52.52
N ASP C 75 -18.17 10.26 52.53
CA ASP C 75 -19.00 9.07 52.43
C ASP C 75 -19.66 8.89 51.07
N ALA C 76 -19.41 9.78 50.12
CA ALA C 76 -19.92 9.66 48.76
C ALA C 76 -18.74 9.62 47.79
N LYS C 77 -19.03 9.65 46.49
CA LYS C 77 -17.93 9.66 45.54
C LYS C 77 -18.30 10.49 44.32
N LEU C 78 -17.32 11.24 43.83
CA LEU C 78 -17.42 11.99 42.58
C LEU C 78 -16.77 11.14 41.48
N VAL C 79 -17.55 10.80 40.46
CA VAL C 79 -17.08 9.95 39.37
C VAL C 79 -17.03 10.78 38.09
N ILE C 80 -15.89 10.71 37.41
CA ILE C 80 -15.67 11.39 36.14
C ILE C 80 -15.45 10.32 35.09
N THR C 81 -16.34 10.26 34.10
CA THR C 81 -16.25 9.25 33.06
C THR C 81 -16.05 9.91 31.71
N THR C 82 -15.10 9.41 30.94
CA THR C 82 -14.83 9.98 29.63
C THR C 82 -15.36 9.03 28.58
N TYR C 83 -15.70 9.54 27.41
CA TYR C 83 -16.28 8.70 26.38
C TYR C 83 -15.55 8.82 25.11
N TRP C 84 -15.65 7.82 24.26
CA TRP C 84 -15.08 7.87 22.94
C TRP C 84 -16.05 7.19 22.04
N GLY C 85 -16.23 7.65 20.82
CA GLY C 85 -17.17 7.00 19.96
C GLY C 85 -18.54 7.63 19.87
N LEU C 86 -18.65 8.88 20.33
CA LEU C 86 -19.83 9.74 20.26
C LEU C 86 -19.96 10.33 18.86
N HIS C 87 -21.02 11.10 18.64
CA HIS C 87 -21.19 11.79 17.37
C HIS C 87 -20.20 12.95 17.27
N THR C 88 -19.98 13.41 16.04
CA THR C 88 -19.10 14.54 15.82
C THR C 88 -19.74 15.81 16.37
N GLY C 89 -18.89 16.82 16.62
CA GLY C 89 -19.33 18.09 17.14
C GLY C 89 -19.43 19.16 16.07
N GLU C 90 -19.78 20.36 16.52
CA GLU C 90 -19.87 21.51 15.63
C GLU C 90 -18.50 22.02 15.20
N ARG C 91 -17.54 22.04 16.12
CA ARG C 91 -16.21 22.52 15.80
C ARG C 91 -15.39 21.45 15.08
N ASP C 92 -14.21 21.85 14.63
CA ASP C 92 -13.37 20.96 13.82
C ASP C 92 -12.78 19.80 14.61
N TRP C 93 -12.43 20.01 15.88
CA TRP C 93 -11.73 19.00 16.66
C TRP C 93 -12.61 18.34 17.70
N HIS C 94 -13.93 18.40 17.53
CA HIS C 94 -14.87 17.65 18.36
C HIS C 94 -15.25 16.40 17.57
N LEU C 95 -14.40 15.39 17.63
CA LEU C 95 -14.51 14.21 16.79
C LEU C 95 -15.25 13.05 17.44
N GLY C 96 -15.73 13.21 18.66
CA GLY C 96 -16.51 12.15 19.27
C GLY C 96 -16.09 11.76 20.67
N GLN C 97 -15.25 12.56 21.30
CA GLN C 97 -14.81 12.32 22.67
C GLN C 97 -15.40 13.38 23.60
N GLY C 98 -15.66 12.98 24.84
CA GLY C 98 -16.25 13.90 25.80
C GLY C 98 -16.05 13.41 27.21
N VAL C 99 -16.52 14.24 28.15
CA VAL C 99 -16.40 13.95 29.57
C VAL C 99 -17.74 14.21 30.24
N SER C 100 -17.94 13.57 31.39
CA SER C 100 -19.10 13.88 32.22
C SER C 100 -18.76 13.59 33.67
N ILE C 101 -19.12 14.52 34.55
CA ILE C 101 -18.79 14.49 35.97
C ILE C 101 -20.09 14.41 36.75
N GLU C 102 -20.16 13.49 37.71
CA GLU C 102 -21.33 13.43 38.57
C GLU C 102 -20.92 13.00 39.96
N TRP C 103 -21.86 13.11 40.90
CA TRP C 103 -21.64 12.86 42.31
C TRP C 103 -22.71 11.87 42.76
N ARG C 104 -22.28 10.77 43.39
CA ARG C 104 -23.22 9.72 43.77
C ARG C 104 -22.98 9.25 45.19
N LYS C 105 -24.09 8.87 45.83
CA LYS C 105 -24.14 8.38 47.22
C LYS C 105 -25.25 7.33 47.31
N LYS C 106 -24.87 6.05 47.20
CA LYS C 106 -25.76 4.92 47.46
C LYS C 106 -27.01 5.00 46.60
N ARG C 107 -26.79 4.88 45.29
CA ARG C 107 -27.85 4.83 44.29
C ARG C 107 -28.61 6.17 44.19
N TYR C 108 -27.94 7.26 44.51
CA TYR C 108 -28.45 8.61 44.25
C TYR C 108 -27.36 9.40 43.55
N SER C 109 -27.65 9.84 42.33
CA SER C 109 -26.66 10.50 41.49
C SER C 109 -27.16 11.87 41.04
N THR C 110 -26.23 12.82 40.93
CA THR C 110 -26.53 14.14 40.42
C THR C 110 -25.36 14.65 39.59
N GLN C 111 -25.65 15.21 38.43
CA GLN C 111 -24.60 15.71 37.56
C GLN C 111 -24.10 17.05 38.08
N VAL C 112 -22.79 17.26 37.96
CA VAL C 112 -22.09 18.32 38.70
C VAL C 112 -21.41 19.25 37.71
N ASP C 113 -21.55 20.55 37.95
CA ASP C 113 -20.82 21.55 37.18
C ASP C 113 -19.33 21.37 37.39
N PRO C 114 -18.51 21.44 36.33
CA PRO C 114 -17.05 21.33 36.52
C PRO C 114 -16.48 22.32 37.52
N ASP C 115 -17.03 23.53 37.61
CA ASP C 115 -16.60 24.47 38.64
C ASP C 115 -16.80 23.87 40.03
N LEU C 116 -18.01 23.38 40.30
CA LEU C 116 -18.31 22.77 41.58
C LEU C 116 -17.50 21.50 41.79
N ALA C 117 -17.23 20.76 40.72
CA ALA C 117 -16.42 19.55 40.84
C ALA C 117 -15.00 19.87 41.30
N ASP C 118 -14.38 20.88 40.68
CA ASP C 118 -13.04 21.27 41.13
C ASP C 118 -13.05 21.85 42.53
N GLN C 119 -14.11 22.59 42.90
CA GLN C 119 -14.21 23.08 44.26
C GLN C 119 -14.27 21.94 45.26
N LEU C 120 -15.07 20.91 44.97
CA LEU C 120 -15.10 19.72 45.82
C LEU C 120 -13.75 19.02 45.88
N ILE C 121 -13.07 18.91 44.73
CA ILE C 121 -11.79 18.22 44.70
C ILE C 121 -10.77 18.94 45.57
N HIS C 122 -10.72 20.26 45.46
CA HIS C 122 -9.77 21.04 46.26
C HIS C 122 -10.18 21.19 47.71
N LEU C 123 -11.46 20.96 48.04
CA LEU C 123 -11.88 21.01 49.44
C LEU C 123 -11.37 19.81 50.22
N HIS C 124 -11.26 18.65 49.58
CA HIS C 124 -10.98 17.40 50.28
C HIS C 124 -9.55 16.91 50.13
N TYR C 125 -8.90 17.16 48.99
CA TYR C 125 -7.61 16.54 48.71
C TYR C 125 -6.47 17.53 48.65
N PHE C 126 -6.66 18.70 48.05
CA PHE C 126 -5.58 19.67 47.85
C PHE C 126 -5.84 20.95 48.63
N ASP C 127 -6.31 20.81 49.87
CA ASP C 127 -6.55 21.96 50.74
C ASP C 127 -5.33 22.27 51.59
N PRO C 137 4.73 18.71 37.70
CA PRO C 137 3.46 18.44 37.02
C PRO C 137 2.28 19.17 37.66
N PRO C 138 1.46 19.83 36.84
CA PRO C 138 0.30 20.55 37.39
C PRO C 138 -0.71 19.60 38.01
N LEU C 139 -1.43 20.13 38.98
CA LEU C 139 -2.47 19.36 39.66
C LEU C 139 -3.63 19.11 38.71
N PRO C 140 -4.24 17.93 38.72
CA PRO C 140 -5.33 17.64 37.79
C PRO C 140 -6.62 18.37 38.16
N SER C 141 -7.07 19.27 37.29
CA SER C 141 -8.33 19.99 37.48
C SER C 141 -9.26 19.71 36.32
N VAL C 142 -10.56 19.71 36.60
CA VAL C 142 -11.54 19.45 35.56
C VAL C 142 -12.00 20.70 34.83
N ARG C 143 -11.80 21.89 35.42
CA ARG C 143 -12.11 23.13 34.72
C ARG C 143 -11.24 23.32 33.49
N LYS C 144 -9.95 23.01 33.57
CA LYS C 144 -9.07 23.08 32.41
C LYS C 144 -9.38 22.00 31.39
N LEU C 145 -9.86 20.84 31.84
CA LEU C 145 -10.21 19.77 30.92
C LEU C 145 -11.46 20.12 30.12
N THR C 146 -12.51 20.59 30.80
CA THR C 146 -13.81 20.79 30.17
C THR C 146 -13.96 22.14 29.50
N GLU C 147 -13.02 23.06 29.69
CA GLU C 147 -13.14 24.39 29.09
C GLU C 147 -12.97 24.30 27.57
N ASP C 148 -13.78 25.06 26.84
CA ASP C 148 -13.79 25.03 25.38
C ASP C 148 -12.82 26.07 24.86
N ARG C 149 -11.66 25.61 24.40
CA ARG C 149 -10.64 26.47 23.83
C ARG C 149 -10.83 26.70 22.33
N TRP C 150 -11.85 26.08 21.72
CA TRP C 150 -12.10 26.22 20.30
C TRP C 150 -13.27 27.15 19.99
N ASN C 151 -14.10 27.50 20.96
CA ASN C 151 -15.20 28.43 20.78
C ASN C 151 -14.86 29.83 21.27
N LYS C 152 -13.61 30.07 21.67
CA LYS C 152 -13.21 31.37 22.19
C LYS C 152 -11.70 31.57 22.02
N GLN D 8 -33.86 25.40 45.26
CA GLN D 8 -34.66 24.88 44.17
C GLN D 8 -35.01 25.98 43.16
N ARG D 9 -36.17 26.60 43.34
CA ARG D 9 -36.58 27.68 42.44
C ARG D 9 -35.62 28.86 42.53
N SER D 10 -35.29 29.29 43.75
CA SER D 10 -34.33 30.38 43.92
C SER D 10 -32.95 29.99 43.42
N LYS D 11 -32.51 28.76 43.70
CA LYS D 11 -31.22 28.30 43.19
C LYS D 11 -31.21 28.22 41.67
N PHE D 12 -32.31 27.77 41.07
CA PHE D 12 -32.39 27.74 39.60
C PHE D 12 -32.36 29.14 39.01
N GLU D 13 -33.04 30.10 39.63
CA GLU D 13 -33.12 31.45 39.08
C GLU D 13 -31.93 32.33 39.46
N ASN D 14 -31.07 31.87 40.37
CA ASN D 14 -29.96 32.70 40.85
C ASN D 14 -28.59 32.21 40.41
N GLU D 15 -28.39 30.91 40.23
CA GLU D 15 -27.07 30.41 39.90
C GLU D 15 -26.75 30.65 38.42
N GLU D 16 -25.45 30.84 38.15
CA GLU D 16 -25.00 31.20 36.80
C GLU D 16 -25.22 30.08 35.80
N PHE D 17 -24.96 28.83 36.21
CA PHE D 17 -25.01 27.71 35.27
C PHE D 17 -26.42 27.50 34.73
N PHE D 18 -27.42 27.47 35.62
CA PHE D 18 -28.79 27.25 35.19
C PHE D 18 -29.29 28.40 34.32
N ARG D 19 -28.96 29.64 34.68
CA ARG D 19 -29.35 30.77 33.83
C ARG D 19 -28.69 30.68 32.46
N LYS D 20 -27.43 30.28 32.40
CA LYS D 20 -26.74 30.14 31.13
C LYS D 20 -27.39 29.09 30.24
N LEU D 21 -27.77 27.95 30.83
CA LEU D 21 -28.41 26.91 30.04
C LEU D 21 -29.90 27.14 29.81
N SER D 22 -30.52 28.10 30.50
CA SER D 22 -31.95 28.32 30.35
C SER D 22 -32.30 29.56 29.52
N ARG D 23 -31.43 30.56 29.46
CA ARG D 23 -31.77 31.83 28.83
C ARG D 23 -31.46 31.85 27.34
N GLU D 24 -30.19 31.65 26.97
CA GLU D 24 -29.76 31.75 25.58
C GLU D 24 -29.23 30.39 25.14
N CYS D 25 -30.10 29.58 24.54
CA CYS D 25 -29.71 28.25 24.09
C CYS D 25 -30.52 27.87 22.86
N GLU D 26 -29.81 27.49 21.80
CA GLU D 26 -30.41 26.88 20.62
C GLU D 26 -29.60 25.65 20.24
N ILE D 27 -30.31 24.60 19.83
CA ILE D 27 -29.69 23.29 19.63
C ILE D 27 -29.71 22.95 18.14
N LYS D 28 -28.81 22.04 17.77
CA LYS D 28 -28.73 21.53 16.41
C LYS D 28 -28.17 20.12 16.46
N TYR D 29 -28.45 19.36 15.41
CA TYR D 29 -28.02 17.97 15.31
C TYR D 29 -26.87 17.85 14.32
N THR D 30 -25.71 17.39 14.80
CA THR D 30 -24.53 17.14 13.97
C THR D 30 -24.09 15.71 14.25
N GLY D 31 -24.69 14.77 13.53
CA GLY D 31 -24.39 13.37 13.74
C GLY D 31 -23.29 12.85 12.84
N PHE D 32 -23.45 13.05 11.53
CA PHE D 32 -22.47 12.64 10.53
C PHE D 32 -22.23 13.85 9.63
N ARG D 33 -21.33 14.73 10.07
CA ARG D 33 -21.14 16.00 9.41
C ARG D 33 -20.43 15.89 8.06
N ASP D 34 -19.79 14.76 7.79
CA ASP D 34 -19.11 14.53 6.53
C ASP D 34 -19.97 13.80 5.51
N ARG D 35 -21.24 13.58 5.83
CA ARG D 35 -22.13 12.84 4.95
C ARG D 35 -23.19 13.78 4.37
N PRO D 36 -23.73 13.47 3.19
CA PRO D 36 -24.74 14.34 2.58
C PRO D 36 -26.00 14.41 3.42
N HIS D 37 -26.82 15.42 3.12
CA HIS D 37 -27.98 15.74 3.95
C HIS D 37 -28.99 14.59 3.98
N GLU D 38 -29.18 13.93 2.85
CA GLU D 38 -30.24 12.92 2.75
C GLU D 38 -29.99 11.75 3.69
N GLU D 39 -28.78 11.20 3.68
CA GLU D 39 -28.52 10.06 4.55
C GLU D 39 -28.40 10.50 6.00
N ARG D 40 -28.03 11.76 6.24
CA ARG D 40 -28.12 12.28 7.61
C ARG D 40 -29.55 12.26 8.13
N GLN D 41 -30.50 12.73 7.30
CA GLN D 41 -31.90 12.66 7.69
C GLN D 41 -32.35 11.22 7.90
N ALA D 42 -31.97 10.32 6.99
CA ALA D 42 -32.35 8.92 7.12
C ALA D 42 -31.80 8.30 8.40
N ARG D 43 -30.53 8.56 8.71
CA ARG D 43 -29.92 8.03 9.92
C ARG D 43 -30.58 8.60 11.17
N PHE D 44 -30.89 9.90 11.17
CA PHE D 44 -31.55 10.49 12.33
C PHE D 44 -32.92 9.87 12.55
N GLN D 45 -33.69 9.68 11.47
CA GLN D 45 -35.01 9.06 11.60
C GLN D 45 -34.87 7.63 12.10
N ASN D 46 -33.93 6.86 11.54
CA ASN D 46 -33.74 5.48 11.97
C ASN D 46 -33.36 5.41 13.43
N ALA D 47 -32.43 6.27 13.88
CA ALA D 47 -32.00 6.27 15.27
C ALA D 47 -33.13 6.70 16.20
N CYS D 48 -33.97 7.63 15.77
CA CYS D 48 -35.12 8.01 16.59
C CYS D 48 -36.13 6.89 16.69
N ARG D 49 -36.25 6.07 15.64
CA ARG D 49 -37.26 5.02 15.63
C ARG D 49 -36.85 3.72 16.31
N ASP D 50 -35.58 3.28 16.20
CA ASP D 50 -35.23 1.97 16.73
C ASP D 50 -35.01 1.97 18.23
N GLY D 51 -34.48 3.05 18.79
CA GLY D 51 -34.18 3.10 20.20
C GLY D 51 -32.99 2.28 20.63
N ARG D 52 -32.10 1.93 19.70
CA ARG D 52 -30.92 1.13 20.02
C ARG D 52 -29.62 1.89 19.79
N SER D 53 -29.68 3.19 19.52
CA SER D 53 -28.48 3.97 19.27
C SER D 53 -28.65 5.35 19.90
N GLU D 54 -27.52 5.99 20.18
CA GLU D 54 -27.52 7.30 20.80
C GLU D 54 -27.92 8.38 19.80
N ILE D 55 -28.46 9.48 20.33
CA ILE D 55 -28.69 10.70 19.56
C ILE D 55 -28.17 11.88 20.38
N ALA D 56 -27.46 12.78 19.71
CA ALA D 56 -26.80 13.89 20.37
C ALA D 56 -27.32 15.21 19.84
N PHE D 57 -27.44 16.18 20.74
CA PHE D 57 -27.89 17.53 20.41
C PHE D 57 -26.93 18.52 21.02
N VAL D 58 -26.25 19.30 20.18
CA VAL D 58 -25.18 20.18 20.62
C VAL D 58 -25.69 21.61 20.68
N ALA D 59 -25.42 22.30 21.80
CA ALA D 59 -25.70 23.73 21.88
C ALA D 59 -24.82 24.49 20.89
N THR D 60 -25.43 25.43 20.18
CA THR D 60 -24.73 26.11 19.09
C THR D 60 -23.53 26.92 19.61
N GLY D 61 -23.71 27.63 20.71
CA GLY D 61 -22.66 28.52 21.21
C GLY D 61 -21.51 27.82 21.90
N THR D 62 -21.81 26.95 22.85
CA THR D 62 -20.82 26.29 23.67
C THR D 62 -20.58 24.86 23.19
N ASN D 63 -19.77 24.11 23.95
CA ASN D 63 -19.46 22.72 23.62
C ASN D 63 -20.38 21.75 24.34
N LEU D 64 -21.39 22.25 25.05
CA LEU D 64 -22.32 21.40 25.77
C LEU D 64 -23.19 20.60 24.81
N SER D 65 -23.46 19.35 25.16
CA SER D 65 -24.27 18.48 24.34
C SER D 65 -25.13 17.59 25.23
N LEU D 66 -26.30 17.24 24.73
CA LEU D 66 -27.21 16.30 25.38
C LEU D 66 -27.17 14.99 24.61
N GLN D 67 -26.85 13.91 25.31
CA GLN D 67 -26.81 12.57 24.72
C GLN D 67 -27.99 11.77 25.26
N PHE D 68 -28.72 11.12 24.37
CA PHE D 68 -29.84 10.26 24.76
C PHE D 68 -29.38 8.81 24.58
N PHE D 69 -28.75 8.27 25.62
CA PHE D 69 -28.32 6.88 25.57
C PHE D 69 -29.50 5.94 25.75
N PRO D 70 -29.47 4.78 25.11
CA PRO D 70 -30.50 3.76 25.38
C PRO D 70 -30.43 3.28 26.82
N ALA D 71 -31.60 2.94 27.36
CA ALA D 71 -31.69 2.50 28.75
C ALA D 71 -30.93 1.21 29.02
N SER D 72 -30.71 0.38 27.99
CA SER D 72 -29.96 -0.86 28.20
C SER D 72 -28.51 -0.59 28.56
N TRP D 73 -27.97 0.54 28.12
CA TRP D 73 -26.58 0.87 28.39
C TRP D 73 -26.35 1.33 29.82
N GLN D 74 -27.42 1.67 30.56
CA GLN D 74 -27.26 2.10 31.94
C GLN D 74 -26.98 0.91 32.85
N GLY D 75 -27.89 -0.06 32.88
CA GLY D 75 -27.73 -1.24 33.69
C GLY D 75 -28.22 -1.12 35.12
N GLU D 76 -28.63 0.08 35.53
CA GLU D 76 -29.11 0.30 36.90
C GLU D 76 -30.63 0.48 36.95
N GLN D 77 -31.16 1.39 36.14
CA GLN D 77 -32.60 1.64 36.12
C GLN D 77 -33.20 1.21 34.78
N ARG D 83 -40.92 8.81 31.47
CA ARG D 83 -41.19 10.23 31.60
C ARG D 83 -40.57 11.00 30.43
N GLU D 84 -39.28 10.77 30.18
CA GLU D 84 -38.62 11.35 29.02
C GLU D 84 -39.17 10.73 27.74
N TYR D 85 -39.13 11.52 26.67
CA TYR D 85 -39.56 10.97 25.39
C TYR D 85 -38.88 11.71 24.24
N VAL D 86 -38.70 10.96 23.16
CA VAL D 86 -38.30 11.47 21.85
C VAL D 86 -39.37 11.02 20.86
N ASP D 87 -40.30 11.91 20.53
CA ASP D 87 -41.48 11.50 19.78
C ASP D 87 -41.62 12.25 18.47
N LEU D 88 -42.34 11.61 17.54
CA LEU D 88 -42.47 12.03 16.15
C LEU D 88 -43.89 12.41 15.77
N GLU D 89 -44.88 11.71 16.30
CA GLU D 89 -46.26 11.79 15.81
C GLU D 89 -47.02 13.02 16.28
N ARG D 90 -46.45 13.84 17.18
CA ARG D 90 -47.13 15.06 17.58
C ARG D 90 -47.30 16.02 16.40
N GLU D 91 -46.29 16.14 15.55
CA GLU D 91 -46.36 17.00 14.38
C GLU D 91 -45.46 16.44 13.30
N ALA D 92 -45.97 16.38 12.08
CA ALA D 92 -45.20 15.88 10.94
C ALA D 92 -44.09 16.87 10.62
N GLY D 93 -42.88 16.36 10.43
CA GLY D 93 -41.72 17.17 10.13
C GLY D 93 -40.95 17.67 11.33
N LYS D 94 -41.38 17.34 12.55
CA LYS D 94 -40.69 17.77 13.74
C LYS D 94 -40.54 16.61 14.72
N VAL D 95 -39.49 16.68 15.54
CA VAL D 95 -39.23 15.75 16.63
C VAL D 95 -39.26 16.55 17.92
N TYR D 96 -40.02 16.05 18.90
CA TYR D 96 -40.12 16.72 20.20
C TYR D 96 -39.39 15.89 21.27
N LEU D 97 -38.73 16.61 22.18
CA LEU D 97 -37.77 16.06 23.12
C LEU D 97 -38.11 16.54 24.52
N LYS D 98 -38.30 15.59 25.44
CA LYS D 98 -38.41 15.91 26.86
C LYS D 98 -37.46 15.01 27.63
N ALA D 99 -36.68 15.60 28.53
CA ALA D 99 -35.65 14.86 29.27
C ALA D 99 -35.57 15.38 30.70
N PRO D 100 -36.15 14.67 31.67
CA PRO D 100 -35.93 15.03 33.07
C PRO D 100 -34.57 14.53 33.56
N MET D 101 -33.99 15.27 34.49
CA MET D 101 -32.67 14.95 35.01
C MET D 101 -32.47 15.69 36.32
N ILE D 102 -31.37 15.36 37.00
CA ILE D 102 -30.97 16.01 38.24
C ILE D 102 -29.64 16.71 37.98
N LEU D 103 -29.63 18.03 38.12
CA LEU D 103 -28.46 18.85 37.84
C LEU D 103 -28.14 19.67 39.09
N ASN D 104 -26.88 19.60 39.52
CA ASN D 104 -26.40 20.33 40.69
C ASN D 104 -27.30 20.10 41.91
N GLY D 105 -27.87 18.90 41.99
CA GLY D 105 -28.69 18.51 43.12
C GLY D 105 -30.15 18.87 43.02
N VAL D 106 -30.58 19.58 41.99
CA VAL D 106 -31.98 19.97 41.85
C VAL D 106 -32.57 19.31 40.61
N CYS D 107 -33.85 18.97 40.68
CA CYS D 107 -34.55 18.33 39.58
C CYS D 107 -34.91 19.35 38.52
N VAL D 108 -34.44 19.12 37.29
CA VAL D 108 -34.63 20.04 36.18
C VAL D 108 -35.09 19.21 34.98
N ILE D 109 -35.75 19.87 34.03
CA ILE D 109 -36.28 19.18 32.85
C ILE D 109 -35.87 19.98 31.60
N TRP D 110 -35.40 19.26 30.58
CA TRP D 110 -35.01 19.87 29.32
C TRP D 110 -36.06 19.61 28.27
N LYS D 111 -36.47 20.68 27.58
CA LYS D 111 -37.53 20.58 26.58
C LYS D 111 -37.04 21.18 25.27
N GLY D 112 -37.30 20.49 24.17
CA GLY D 112 -36.84 20.99 22.88
C GLY D 112 -37.56 20.34 21.72
N TRP D 113 -37.20 20.80 20.52
CA TRP D 113 -37.73 20.26 19.28
C TRP D 113 -36.79 20.61 18.15
N ILE D 114 -36.69 19.72 17.17
CA ILE D 114 -35.94 19.99 15.95
C ILE D 114 -36.68 19.43 14.74
N ASP D 115 -36.59 20.14 13.63
CA ASP D 115 -37.26 19.72 12.40
C ASP D 115 -36.42 18.67 11.68
N LEU D 116 -37.09 17.77 10.97
CA LEU D 116 -36.39 16.68 10.27
C LEU D 116 -35.67 17.15 9.02
N GLN D 117 -36.05 18.30 8.45
CA GLN D 117 -35.44 18.78 7.22
C GLN D 117 -34.12 19.50 7.48
N ARG D 118 -34.17 20.54 8.31
CA ARG D 118 -32.97 21.32 8.59
C ARG D 118 -32.07 20.68 9.64
N LEU D 119 -32.56 19.68 10.37
CA LEU D 119 -31.84 19.05 11.47
C LEU D 119 -31.39 20.12 12.49
N ASP D 120 -32.34 21.01 12.80
CA ASP D 120 -32.08 22.16 13.66
C ASP D 120 -33.37 22.51 14.39
N GLY D 121 -33.24 23.26 15.48
CA GLY D 121 -34.41 23.65 16.23
C GLY D 121 -34.11 24.46 17.48
N MET D 122 -34.93 24.27 18.51
CA MET D 122 -34.79 25.01 19.75
C MET D 122 -34.76 24.03 20.92
N GLY D 123 -34.20 24.49 22.03
CA GLY D 123 -34.12 23.70 23.24
C GLY D 123 -33.75 24.54 24.44
N CYS D 124 -34.42 24.31 25.57
CA CYS D 124 -34.21 25.12 26.77
C CYS D 124 -34.51 24.27 27.99
N LEU D 125 -34.42 24.90 29.15
CA LEU D 125 -34.58 24.22 30.43
C LEU D 125 -35.79 24.79 31.16
N GLU D 126 -36.31 24.02 32.11
CA GLU D 126 -37.46 24.42 32.90
C GLU D 126 -37.23 23.95 34.33
N PHE D 127 -38.28 24.01 35.15
CA PHE D 127 -38.20 23.56 36.53
C PHE D 127 -39.41 22.70 36.83
N ASP D 128 -39.19 21.58 37.52
CA ASP D 128 -40.26 20.66 37.88
C ASP D 128 -39.94 19.92 39.18
N ALA D 139 -27.64 11.92 49.09
CA ALA D 139 -28.99 12.36 49.45
C ALA D 139 -29.23 13.81 49.06
N GLN D 140 -30.50 14.20 48.96
CA GLN D 140 -30.83 15.57 48.59
C GLN D 140 -30.32 16.57 49.61
N GLN D 141 -30.48 16.28 50.91
CA GLN D 141 -29.97 17.16 51.94
C GLN D 141 -28.46 17.01 52.10
N ALA D 142 -27.92 15.81 51.87
CA ALA D 142 -26.48 15.60 51.96
C ALA D 142 -25.74 16.42 50.92
N PHE D 143 -26.26 16.49 49.70
CA PHE D 143 -25.61 17.31 48.67
C PHE D 143 -25.71 18.79 49.00
N GLU D 144 -26.82 19.23 49.59
CA GLU D 144 -26.92 20.62 50.02
C GLU D 144 -25.90 20.93 51.11
N GLU D 145 -25.71 20.01 52.05
CA GLU D 145 -24.69 20.19 53.08
C GLU D 145 -23.30 20.26 52.47
N ALA D 146 -23.03 19.38 51.50
CA ALA D 146 -21.73 19.41 50.83
C ALA D 146 -21.52 20.72 50.06
N ARG D 147 -22.56 21.22 49.40
CA ARG D 147 -22.45 22.49 48.70
C ARG D 147 -22.21 23.64 49.66
N ARG D 148 -22.90 23.65 50.81
CA ARG D 148 -22.68 24.68 51.81
C ARG D 148 -21.25 24.64 52.33
N ARG D 149 -20.74 23.45 52.62
CA ARG D 149 -19.35 23.32 53.07
C ARG D 149 -18.34 23.53 51.94
N THR D 150 -18.81 23.58 50.69
CA THR D 150 -17.90 23.72 49.56
C THR D 150 -17.46 25.18 49.37
N ARG D 151 -18.43 26.07 49.12
CA ARG D 151 -18.22 27.49 48.89
C ARG D 151 -16.97 27.81 48.07
N MET E 15 -20.94 -43.55 -4.72
CA MET E 15 -19.83 -42.62 -4.82
C MET E 15 -20.16 -41.47 -5.76
N GLU E 16 -20.11 -41.74 -7.07
CA GLU E 16 -20.38 -40.75 -8.08
C GLU E 16 -21.84 -40.77 -8.55
N ASN E 17 -22.71 -41.44 -7.82
CA ASN E 17 -24.13 -41.54 -8.19
C ASN E 17 -24.92 -40.30 -7.82
N ARG E 18 -24.41 -39.46 -6.91
CA ARG E 18 -25.10 -38.26 -6.47
C ARG E 18 -24.15 -37.07 -6.57
N TRP E 19 -24.63 -35.99 -7.20
CA TRP E 19 -23.85 -34.77 -7.34
C TRP E 19 -24.81 -33.58 -7.36
N GLN E 20 -24.25 -32.38 -7.46
CA GLN E 20 -25.06 -31.17 -7.55
C GLN E 20 -24.39 -30.24 -8.56
N VAL E 21 -25.19 -29.61 -9.42
CA VAL E 21 -24.70 -28.80 -10.53
C VAL E 21 -25.23 -27.38 -10.37
N MET E 22 -24.32 -26.41 -10.45
CA MET E 22 -24.65 -25.00 -10.44
C MET E 22 -23.72 -24.25 -11.38
N ILE E 23 -24.13 -23.05 -11.78
CA ILE E 23 -23.32 -22.15 -12.60
C ILE E 23 -22.75 -21.09 -11.67
N VAL E 24 -21.43 -21.01 -11.60
CA VAL E 24 -20.74 -20.11 -10.68
C VAL E 24 -19.81 -19.21 -11.48
N TRP E 25 -19.90 -17.90 -11.22
CA TRP E 25 -19.13 -16.89 -11.92
C TRP E 25 -17.96 -16.46 -11.04
N GLN E 26 -16.74 -16.73 -11.49
CA GLN E 26 -15.56 -16.32 -10.74
C GLN E 26 -15.43 -14.80 -10.73
N VAL E 27 -15.22 -14.24 -9.54
CA VAL E 27 -15.07 -12.81 -9.33
C VAL E 27 -13.90 -12.58 -8.39
N ASP E 28 -13.67 -11.31 -8.05
CA ASP E 28 -12.60 -10.95 -7.13
C ASP E 28 -13.14 -10.78 -5.71
N ARG E 29 -12.24 -10.89 -4.74
CA ARG E 29 -12.65 -10.76 -3.34
C ARG E 29 -13.12 -9.35 -3.02
N MET E 30 -12.48 -8.33 -3.60
CA MET E 30 -12.91 -6.96 -3.38
C MET E 30 -14.30 -6.71 -3.93
N ARG E 31 -14.67 -7.35 -5.05
CA ARG E 31 -16.03 -7.22 -5.55
C ARG E 31 -17.04 -7.86 -4.62
N ILE E 32 -16.69 -9.00 -4.02
CA ILE E 32 -17.57 -9.63 -3.04
C ILE E 32 -17.74 -8.74 -1.82
N ASN E 33 -16.64 -8.13 -1.36
CA ASN E 33 -16.73 -7.21 -0.23
C ASN E 33 -17.59 -6.00 -0.56
N THR E 34 -17.43 -5.45 -1.76
CA THR E 34 -18.28 -4.33 -2.18
C THR E 34 -19.75 -4.73 -2.21
N TRP E 35 -20.03 -5.93 -2.75
CA TRP E 35 -21.40 -6.42 -2.79
C TRP E 35 -21.99 -6.50 -1.38
N LYS E 36 -21.29 -7.18 -0.48
CA LYS E 36 -21.81 -7.41 0.86
C LYS E 36 -21.76 -6.16 1.73
N ARG E 37 -21.05 -5.12 1.29
CA ARG E 37 -21.14 -3.82 1.95
C ARG E 37 -22.35 -3.02 1.50
N LEU E 38 -22.57 -2.90 0.19
CA LEU E 38 -23.74 -2.18 -0.28
C LEU E 38 -25.05 -2.87 0.09
N VAL E 39 -25.08 -4.20 0.11
CA VAL E 39 -26.31 -4.90 0.49
C VAL E 39 -26.65 -4.62 1.95
N LYS E 40 -25.67 -4.71 2.84
CA LYS E 40 -25.90 -4.38 4.24
C LYS E 40 -26.30 -2.91 4.41
N HIS E 41 -25.63 -2.00 3.70
CA HIS E 41 -25.99 -0.60 3.79
C HIS E 41 -27.44 -0.39 3.38
N HIS E 42 -27.85 -0.98 2.27
CA HIS E 42 -29.19 -0.74 1.74
C HIS E 42 -30.29 -1.44 2.52
N MET E 43 -30.00 -2.50 3.28
CA MET E 43 -31.03 -3.03 4.18
C MET E 43 -30.94 -2.52 5.60
N TYR E 44 -29.91 -1.76 5.97
CA TYR E 44 -29.83 -1.29 7.35
C TYR E 44 -29.93 0.22 7.48
N ILE E 45 -29.18 0.99 6.70
CA ILE E 45 -29.19 2.44 6.86
C ILE E 45 -30.26 3.08 5.98
N SER E 46 -30.16 2.88 4.66
CA SER E 46 -31.10 3.50 3.74
C SER E 46 -32.51 2.93 3.86
N ARG E 47 -32.64 1.66 4.24
CA ARG E 47 -33.92 0.99 4.44
C ARG E 47 -34.77 0.93 3.17
N LYS E 48 -34.14 1.04 2.00
CA LYS E 48 -34.85 0.80 0.75
C LYS E 48 -35.07 -0.68 0.49
N ALA E 49 -34.17 -1.53 0.95
CA ALA E 49 -34.24 -2.97 0.75
C ALA E 49 -34.31 -3.70 2.10
N LYS E 50 -35.08 -3.13 3.04
CA LYS E 50 -35.22 -3.74 4.36
C LYS E 50 -35.96 -5.07 4.33
N ASP E 51 -36.63 -5.39 3.22
CA ASP E 51 -37.33 -6.65 3.09
C ASP E 51 -36.41 -7.81 2.72
N TRP E 52 -35.18 -7.52 2.31
CA TRP E 52 -34.24 -8.58 1.95
C TRP E 52 -33.75 -9.32 3.20
N PHE E 53 -33.28 -10.53 2.98
CA PHE E 53 -32.76 -11.37 4.06
C PHE E 53 -31.30 -11.70 3.79
N TYR E 54 -30.52 -11.82 4.87
CA TYR E 54 -29.10 -12.14 4.78
C TYR E 54 -28.81 -13.34 5.66
N ARG E 55 -28.22 -14.38 5.07
CA ARG E 55 -27.84 -15.59 5.80
C ARG E 55 -26.32 -15.74 5.75
N HIS E 56 -25.73 -15.97 6.92
CA HIS E 56 -24.28 -16.01 7.08
C HIS E 56 -23.74 -17.37 6.65
N HIS E 57 -22.45 -17.60 6.94
CA HIS E 57 -21.78 -18.81 6.49
C HIS E 57 -22.17 -20.02 7.32
N TYR E 58 -22.44 -19.84 8.61
CA TYR E 58 -22.70 -20.96 9.51
C TYR E 58 -24.15 -21.44 9.45
N GLU E 59 -24.99 -20.81 8.63
CA GLU E 59 -26.39 -21.20 8.49
C GLU E 59 -26.63 -22.11 7.29
N SER E 60 -25.58 -22.57 6.63
CA SER E 60 -25.71 -23.42 5.46
C SER E 60 -24.84 -24.66 5.63
N THR E 61 -25.31 -25.78 5.08
CA THR E 61 -24.58 -27.04 5.16
C THR E 61 -23.41 -27.12 4.20
N ASN E 62 -23.46 -26.41 3.08
CA ASN E 62 -22.37 -26.47 2.10
C ASN E 62 -21.15 -25.75 2.66
N PRO E 63 -20.01 -26.43 2.80
CA PRO E 63 -18.81 -25.78 3.33
C PRO E 63 -18.29 -24.64 2.47
N LYS E 64 -18.65 -24.58 1.19
CA LYS E 64 -18.14 -23.57 0.28
C LYS E 64 -19.04 -22.36 0.13
N ILE E 65 -20.19 -22.34 0.81
CA ILE E 65 -21.11 -21.21 0.73
C ILE E 65 -20.59 -20.08 1.61
N SER E 66 -20.45 -18.89 1.03
CA SER E 66 -19.98 -17.74 1.79
C SER E 66 -21.14 -17.04 2.49
N SER E 67 -22.12 -16.57 1.72
CA SER E 67 -23.29 -15.91 2.27
C SER E 67 -24.42 -16.00 1.25
N GLU E 68 -25.64 -15.85 1.74
CA GLU E 68 -26.83 -15.89 0.90
C GLU E 68 -27.65 -14.62 1.08
N VAL E 69 -28.13 -14.06 -0.02
CA VAL E 69 -28.99 -12.89 0.01
C VAL E 69 -30.31 -13.28 -0.65
N HIS E 70 -31.40 -13.06 0.09
CA HIS E 70 -32.76 -13.38 -0.36
C HIS E 70 -33.48 -12.09 -0.69
N ILE E 71 -33.94 -11.97 -1.93
CA ILE E 71 -34.71 -10.81 -2.38
C ILE E 71 -36.14 -11.29 -2.64
N PRO E 72 -37.10 -10.92 -1.79
CA PRO E 72 -38.49 -11.33 -2.03
C PRO E 72 -39.06 -10.62 -3.24
N LEU E 73 -39.77 -11.39 -4.07
CA LEU E 73 -40.43 -10.89 -5.26
C LEU E 73 -41.93 -11.20 -5.21
N GLY E 74 -42.50 -11.15 -4.02
CA GLY E 74 -43.90 -11.48 -3.84
C GLY E 74 -44.09 -12.91 -3.38
N ASP E 75 -44.64 -13.74 -4.27
CA ASP E 75 -44.84 -15.16 -3.96
C ASP E 75 -43.58 -15.99 -4.13
N ALA E 76 -42.58 -15.47 -4.82
CA ALA E 76 -41.31 -16.16 -5.05
C ALA E 76 -40.16 -15.32 -4.51
N LYS E 77 -38.94 -15.84 -4.66
CA LYS E 77 -37.76 -15.13 -4.18
C LYS E 77 -36.59 -15.36 -5.12
N LEU E 78 -35.61 -14.47 -5.03
CA LEU E 78 -34.35 -14.58 -5.76
C LEU E 78 -33.24 -14.75 -4.74
N VAL E 79 -32.49 -15.84 -4.85
CA VAL E 79 -31.43 -16.18 -3.92
C VAL E 79 -30.11 -16.02 -4.66
N ILE E 80 -29.24 -15.14 -4.15
CA ILE E 80 -27.91 -14.97 -4.71
C ILE E 80 -26.90 -15.40 -3.65
N THR E 81 -26.05 -16.37 -4.00
CA THR E 81 -25.12 -16.97 -3.06
C THR E 81 -23.68 -16.72 -3.50
N THR E 82 -22.83 -16.46 -2.52
CA THR E 82 -21.41 -16.27 -2.73
C THR E 82 -20.64 -17.49 -2.25
N TYR E 83 -19.47 -17.70 -2.85
CA TYR E 83 -18.67 -18.89 -2.58
C TYR E 83 -17.21 -18.52 -2.42
N TRP E 84 -16.58 -19.05 -1.37
CA TRP E 84 -15.13 -19.20 -1.32
C TRP E 84 -14.76 -20.66 -1.60
N GLY E 85 -13.46 -20.94 -1.47
CA GLY E 85 -12.97 -22.30 -1.48
C GLY E 85 -12.95 -22.96 -2.84
N LEU E 86 -13.24 -22.23 -3.91
CA LEU E 86 -13.18 -22.79 -5.25
C LEU E 86 -11.73 -23.02 -5.66
N HIS E 87 -11.46 -24.20 -6.22
CA HIS E 87 -10.10 -24.59 -6.54
C HIS E 87 -9.71 -24.07 -7.92
N THR E 88 -10.42 -23.04 -8.37
CA THR E 88 -10.17 -22.42 -9.68
C THR E 88 -9.16 -21.29 -9.50
N GLY E 89 -9.48 -20.34 -8.63
CA GLY E 89 -8.59 -19.21 -8.44
C GLY E 89 -8.71 -18.18 -9.55
N GLU E 90 -8.34 -16.95 -9.22
CA GLU E 90 -8.39 -15.88 -10.21
C GLU E 90 -7.04 -15.73 -10.92
N ARG E 91 -5.97 -15.53 -10.14
CA ARG E 91 -4.61 -15.54 -10.65
C ARG E 91 -3.94 -16.88 -10.38
N ASP E 92 -4.71 -17.96 -10.43
CA ASP E 92 -4.24 -19.33 -10.23
C ASP E 92 -3.66 -19.50 -8.82
N TRP E 93 -4.47 -19.14 -7.83
CA TRP E 93 -4.11 -19.35 -6.43
C TRP E 93 -4.87 -20.51 -5.79
N HIS E 94 -5.55 -21.33 -6.59
CA HIS E 94 -6.36 -22.47 -6.16
C HIS E 94 -7.37 -22.10 -5.08
N LEU E 95 -7.67 -20.81 -4.93
CA LEU E 95 -8.67 -20.35 -3.96
C LEU E 95 -9.36 -19.15 -4.58
N GLY E 96 -10.56 -19.35 -5.11
CA GLY E 96 -11.27 -18.29 -5.80
C GLY E 96 -12.70 -18.15 -5.30
N GLN E 97 -13.24 -16.95 -5.47
CA GLN E 97 -14.62 -16.67 -5.11
C GLN E 97 -15.55 -16.91 -6.31
N GLY E 98 -16.84 -16.95 -6.03
CA GLY E 98 -17.82 -17.15 -7.07
C GLY E 98 -19.19 -16.68 -6.65
N VAL E 99 -20.06 -16.48 -7.63
CA VAL E 99 -21.43 -16.02 -7.38
C VAL E 99 -22.38 -16.92 -8.16
N SER E 100 -23.52 -17.23 -7.55
CA SER E 100 -24.56 -18.03 -8.20
C SER E 100 -25.92 -17.38 -7.95
N ILE E 101 -26.79 -17.47 -8.95
CA ILE E 101 -28.13 -16.87 -8.90
C ILE E 101 -29.16 -17.97 -9.05
N GLU E 102 -30.25 -17.87 -8.29
CA GLU E 102 -31.27 -18.93 -8.30
C GLU E 102 -32.63 -18.33 -8.01
N TRP E 103 -33.55 -18.45 -8.96
CA TRP E 103 -34.95 -18.10 -8.72
C TRP E 103 -35.67 -19.28 -8.10
N ARG E 104 -36.33 -19.03 -6.96
CA ARG E 104 -36.94 -20.08 -6.17
C ARG E 104 -38.40 -19.74 -5.92
N LYS E 105 -39.29 -20.71 -6.17
CA LYS E 105 -40.74 -20.55 -5.97
C LYS E 105 -41.31 -21.87 -5.47
N LYS E 106 -41.38 -22.01 -4.13
CA LYS E 106 -42.09 -23.10 -3.47
C LYS E 106 -41.65 -24.47 -4.01
N ARG E 107 -40.39 -24.77 -3.75
CA ARG E 107 -39.67 -25.99 -4.12
C ARG E 107 -39.26 -26.02 -5.59
N TYR E 108 -39.62 -25.02 -6.38
CA TYR E 108 -39.15 -24.92 -7.74
C TYR E 108 -37.95 -23.97 -7.81
N SER E 109 -36.92 -24.39 -8.55
CA SER E 109 -35.67 -23.65 -8.58
C SER E 109 -35.13 -23.62 -9.99
N THR E 110 -34.43 -22.53 -10.33
CA THR E 110 -33.77 -22.43 -11.62
C THR E 110 -32.64 -21.41 -11.54
N GLN E 111 -31.71 -21.50 -12.48
CA GLN E 111 -30.66 -20.49 -12.57
C GLN E 111 -31.09 -19.33 -13.46
N VAL E 112 -30.62 -18.14 -13.10
CA VAL E 112 -30.97 -16.90 -13.78
C VAL E 112 -29.70 -16.13 -14.10
N ASP E 113 -29.58 -15.66 -15.34
CA ASP E 113 -28.45 -14.82 -15.71
C ASP E 113 -28.55 -13.45 -15.05
N PRO E 114 -27.43 -12.74 -14.89
CA PRO E 114 -27.45 -11.47 -14.15
C PRO E 114 -28.40 -10.43 -14.73
N ASP E 115 -28.55 -10.37 -16.06
CA ASP E 115 -29.41 -9.35 -16.65
C ASP E 115 -30.86 -9.52 -16.21
N LEU E 116 -31.38 -10.76 -16.28
CA LEU E 116 -32.76 -11.00 -15.91
C LEU E 116 -32.97 -10.78 -14.42
N ALA E 117 -31.97 -11.13 -13.60
CA ALA E 117 -32.07 -10.89 -12.17
C ALA E 117 -32.13 -9.40 -11.85
N ASP E 118 -31.30 -8.60 -12.52
CA ASP E 118 -31.32 -7.16 -12.31
C ASP E 118 -32.64 -6.57 -12.77
N GLN E 119 -33.18 -7.07 -13.89
CA GLN E 119 -34.50 -6.62 -14.34
C GLN E 119 -35.60 -6.99 -13.35
N LEU E 120 -35.55 -8.19 -12.77
CA LEU E 120 -36.46 -8.56 -11.70
C LEU E 120 -36.36 -7.64 -10.50
N ILE E 121 -35.14 -7.31 -10.08
CA ILE E 121 -34.97 -6.42 -8.93
C ILE E 121 -35.53 -5.04 -9.24
N HIS E 122 -35.26 -4.50 -10.42
CA HIS E 122 -35.78 -3.19 -10.78
C HIS E 122 -37.29 -3.19 -10.95
N LEU E 123 -37.89 -4.32 -11.34
CA LEU E 123 -39.34 -4.37 -11.46
C LEU E 123 -40.02 -4.18 -10.10
N HIS E 124 -39.48 -4.81 -9.06
CA HIS E 124 -40.12 -4.81 -7.75
C HIS E 124 -39.54 -3.79 -6.79
N TYR E 125 -38.34 -3.30 -7.04
CA TYR E 125 -37.66 -2.39 -6.12
C TYR E 125 -37.08 -1.21 -6.90
N PHE E 126 -36.71 -0.17 -6.16
CA PHE E 126 -35.96 0.96 -6.69
C PHE E 126 -36.73 1.68 -7.80
N PRO E 137 -25.94 7.75 -3.90
CA PRO E 137 -25.93 6.42 -3.27
C PRO E 137 -25.91 5.30 -4.30
N PRO E 138 -24.84 4.51 -4.32
CA PRO E 138 -24.76 3.40 -5.27
C PRO E 138 -25.79 2.32 -4.95
N LEU E 139 -26.26 1.64 -5.99
CA LEU E 139 -27.24 0.59 -5.76
C LEU E 139 -26.62 -0.78 -5.98
N PRO E 140 -27.06 -1.80 -5.24
CA PRO E 140 -26.50 -3.15 -5.44
C PRO E 140 -27.01 -3.76 -6.74
N SER E 141 -26.12 -3.82 -7.75
CA SER E 141 -26.45 -4.37 -9.05
C SER E 141 -25.68 -5.65 -9.28
N VAL E 142 -26.30 -6.60 -9.99
CA VAL E 142 -25.68 -7.90 -10.21
C VAL E 142 -24.73 -7.88 -11.40
N ARG E 143 -24.99 -7.03 -12.40
CA ARG E 143 -24.08 -6.94 -13.54
C ARG E 143 -22.70 -6.45 -13.11
N LYS E 144 -22.66 -5.45 -12.23
CA LYS E 144 -21.37 -4.94 -11.75
C LYS E 144 -20.63 -6.01 -10.95
N LEU E 145 -21.35 -6.92 -10.30
CA LEU E 145 -20.72 -7.95 -9.51
C LEU E 145 -20.23 -9.12 -10.35
N THR E 146 -20.98 -9.50 -11.39
CA THR E 146 -20.73 -10.72 -12.14
C THR E 146 -19.86 -10.49 -13.38
N GLU E 147 -19.86 -9.29 -13.95
CA GLU E 147 -19.10 -9.01 -15.16
C GLU E 147 -17.61 -9.23 -14.90
N ASP E 148 -16.84 -9.34 -15.98
CA ASP E 148 -15.42 -9.65 -15.89
C ASP E 148 -14.62 -8.70 -16.75
N ARG E 149 -13.42 -8.37 -16.26
CA ARG E 149 -12.43 -7.64 -17.03
C ARG E 149 -11.12 -8.40 -17.15
N TRP E 150 -10.98 -9.52 -16.44
CA TRP E 150 -9.79 -10.35 -16.54
C TRP E 150 -9.70 -11.05 -17.89
N ASN E 151 -10.83 -11.45 -18.46
CA ASN E 151 -10.89 -12.03 -19.79
C ASN E 151 -11.61 -11.13 -20.78
N LYS E 152 -12.06 -9.97 -20.34
CA LYS E 152 -12.76 -9.03 -21.21
C LYS E 152 -12.70 -7.62 -20.64
N GLU F 15 -33.35 -17.86 -27.15
CA GLU F 15 -32.75 -16.78 -26.38
C GLU F 15 -31.32 -16.52 -26.84
N GLU F 16 -30.91 -15.25 -26.81
CA GLU F 16 -29.57 -14.90 -27.26
C GLU F 16 -28.49 -15.42 -26.30
N PHE F 17 -28.83 -15.56 -25.02
CA PHE F 17 -27.85 -16.01 -24.03
C PHE F 17 -27.34 -17.41 -24.33
N PHE F 18 -28.25 -18.32 -24.68
CA PHE F 18 -27.86 -19.71 -24.94
C PHE F 18 -26.86 -19.79 -26.09
N ARG F 19 -27.25 -19.28 -27.26
CA ARG F 19 -26.37 -19.34 -28.43
C ARG F 19 -25.13 -18.47 -28.25
N LYS F 20 -25.19 -17.45 -27.41
CA LYS F 20 -23.99 -16.69 -27.07
C LYS F 20 -23.00 -17.54 -26.30
N LEU F 21 -23.49 -18.41 -25.42
CA LEU F 21 -22.63 -19.31 -24.64
C LEU F 21 -22.77 -20.75 -25.11
N SER F 22 -22.87 -20.97 -26.42
CA SER F 22 -22.90 -22.31 -26.98
C SER F 22 -22.11 -22.46 -28.28
N ARG F 23 -21.35 -21.44 -28.67
CA ARG F 23 -20.60 -21.46 -29.92
C ARG F 23 -19.11 -21.63 -29.64
N GLU F 24 -18.47 -22.55 -30.38
CA GLU F 24 -17.05 -22.86 -30.28
C GLU F 24 -16.54 -22.89 -28.85
N CYS F 25 -17.36 -23.40 -27.93
CA CYS F 25 -17.01 -23.40 -26.52
C CYS F 25 -16.32 -24.70 -26.15
N GLU F 26 -15.08 -24.60 -25.70
CA GLU F 26 -14.33 -25.74 -25.20
C GLU F 26 -14.09 -25.59 -23.71
N ILE F 27 -14.08 -26.73 -23.01
CA ILE F 27 -13.98 -26.75 -21.56
C ILE F 27 -12.64 -27.33 -21.16
N LYS F 28 -12.16 -26.90 -19.99
CA LYS F 28 -10.85 -27.28 -19.49
C LYS F 28 -10.84 -27.22 -17.97
N TYR F 29 -10.13 -28.17 -17.36
CA TYR F 29 -10.20 -28.37 -15.92
C TYR F 29 -9.31 -27.37 -15.19
N THR F 30 -9.79 -26.88 -14.05
CA THR F 30 -9.03 -25.98 -13.18
C THR F 30 -8.93 -26.63 -11.80
N GLY F 31 -7.74 -27.07 -11.44
CA GLY F 31 -7.51 -27.67 -10.14
C GLY F 31 -6.36 -27.01 -9.41
N PHE F 32 -5.37 -27.81 -9.00
CA PHE F 32 -4.19 -27.31 -8.30
C PHE F 32 -3.24 -26.74 -9.35
N ARG F 33 -3.56 -25.53 -9.81
CA ARG F 33 -2.90 -24.97 -10.99
C ARG F 33 -1.43 -24.66 -10.73
N ASP F 34 -1.08 -24.28 -9.49
CA ASP F 34 0.28 -23.91 -9.15
C ASP F 34 1.16 -25.12 -8.85
N ARG F 35 0.78 -26.30 -9.33
CA ARG F 35 1.46 -27.56 -9.07
C ARG F 35 1.64 -28.35 -10.37
N PRO F 36 2.55 -29.33 -10.40
CA PRO F 36 2.84 -30.04 -11.64
C PRO F 36 1.64 -30.84 -12.16
N HIS F 37 1.71 -31.16 -13.45
CA HIS F 37 0.56 -31.70 -14.17
C HIS F 37 0.25 -33.15 -13.76
N GLU F 38 1.29 -33.95 -13.50
CA GLU F 38 1.08 -35.37 -13.22
C GLU F 38 0.18 -35.58 -12.01
N GLU F 39 0.54 -34.96 -10.89
CA GLU F 39 -0.32 -35.04 -9.72
C GLU F 39 -1.66 -34.37 -9.97
N ARG F 40 -1.74 -33.39 -10.87
CA ARG F 40 -3.01 -32.76 -11.17
C ARG F 40 -3.99 -33.76 -11.79
N GLN F 41 -3.52 -34.53 -12.78
CA GLN F 41 -4.42 -35.57 -13.30
C GLN F 41 -4.65 -36.68 -12.30
N ALA F 42 -3.68 -36.99 -11.43
CA ALA F 42 -3.92 -37.99 -10.39
C ALA F 42 -5.03 -37.54 -9.44
N ARG F 43 -5.00 -36.27 -9.02
CA ARG F 43 -6.03 -35.73 -8.14
C ARG F 43 -7.37 -35.65 -8.85
N PHE F 44 -7.38 -35.27 -10.12
CA PHE F 44 -8.64 -35.28 -10.87
C PHE F 44 -9.21 -36.69 -10.94
N GLN F 45 -8.34 -37.68 -11.19
CA GLN F 45 -8.75 -39.08 -11.22
C GLN F 45 -9.40 -39.50 -9.92
N ASN F 46 -8.71 -39.31 -8.80
CA ASN F 46 -9.22 -39.89 -7.55
C ASN F 46 -10.41 -39.09 -7.03
N ALA F 47 -10.44 -37.78 -7.29
CA ALA F 47 -11.61 -36.98 -6.93
C ALA F 47 -12.83 -37.39 -7.74
N CYS F 48 -12.64 -37.70 -9.04
CA CYS F 48 -13.77 -38.17 -9.83
C CYS F 48 -14.18 -39.57 -9.41
N ARG F 49 -13.25 -40.38 -8.91
CA ARG F 49 -13.61 -41.71 -8.44
C ARG F 49 -14.44 -41.65 -7.16
N ASP F 50 -13.86 -41.08 -6.09
CA ASP F 50 -14.51 -41.14 -4.79
C ASP F 50 -15.63 -40.11 -4.63
N GLY F 51 -15.51 -38.96 -5.27
CA GLY F 51 -16.43 -37.85 -5.00
C GLY F 51 -16.00 -37.06 -3.79
N ARG F 52 -16.96 -36.65 -2.96
CA ARG F 52 -16.69 -35.91 -1.73
C ARG F 52 -15.84 -34.68 -1.98
N SER F 53 -15.99 -34.07 -3.15
CA SER F 53 -15.18 -32.92 -3.53
C SER F 53 -15.90 -32.16 -4.64
N GLU F 54 -15.47 -30.94 -4.88
CA GLU F 54 -16.03 -30.09 -5.92
C GLU F 54 -15.13 -30.10 -7.15
N ILE F 55 -15.74 -30.21 -8.32
CA ILE F 55 -15.00 -30.26 -9.58
C ILE F 55 -15.47 -29.09 -10.44
N ALA F 56 -14.51 -28.36 -11.00
CA ALA F 56 -14.79 -27.15 -11.77
C ALA F 56 -14.46 -27.36 -13.24
N PHE F 57 -15.31 -26.82 -14.10
CA PHE F 57 -15.08 -26.83 -15.55
C PHE F 57 -15.42 -25.44 -16.09
N VAL F 58 -14.40 -24.66 -16.40
CA VAL F 58 -14.57 -23.27 -16.83
C VAL F 58 -14.55 -23.20 -18.34
N ALA F 59 -15.37 -22.33 -18.91
CA ALA F 59 -15.29 -22.02 -20.33
C ALA F 59 -14.05 -21.19 -20.61
N THR F 60 -13.43 -21.43 -21.77
CA THR F 60 -12.20 -20.72 -22.12
C THR F 60 -12.46 -19.22 -22.36
N GLY F 61 -13.50 -18.90 -23.12
CA GLY F 61 -13.77 -17.51 -23.48
C GLY F 61 -14.15 -16.60 -22.34
N THR F 62 -15.03 -17.05 -21.47
CA THR F 62 -15.58 -16.23 -20.39
C THR F 62 -15.29 -16.88 -19.04
N ASN F 63 -15.88 -16.32 -17.98
CA ASN F 63 -15.69 -16.80 -16.62
C ASN F 63 -16.81 -17.74 -16.17
N LEU F 64 -17.63 -18.22 -17.11
CA LEU F 64 -18.66 -19.18 -16.75
C LEU F 64 -18.02 -20.51 -16.35
N SER F 65 -18.57 -21.14 -15.32
CA SER F 65 -17.99 -22.35 -14.77
C SER F 65 -19.09 -23.30 -14.33
N LEU F 66 -18.90 -24.59 -14.62
CA LEU F 66 -19.78 -25.64 -14.14
C LEU F 66 -19.16 -26.24 -12.88
N GLN F 67 -19.93 -26.25 -11.79
CA GLN F 67 -19.48 -26.79 -10.52
C GLN F 67 -20.17 -28.12 -10.25
N PHE F 68 -19.39 -29.10 -9.78
CA PHE F 68 -19.89 -30.41 -9.39
C PHE F 68 -19.66 -30.57 -7.90
N PHE F 69 -20.74 -30.41 -7.12
CA PHE F 69 -20.88 -30.49 -5.67
C PHE F 69 -21.50 -31.83 -5.28
N PRO F 70 -20.99 -32.48 -4.24
CA PRO F 70 -21.65 -33.69 -3.74
C PRO F 70 -23.05 -33.38 -3.22
N ALA F 71 -23.94 -34.36 -3.36
CA ALA F 71 -25.32 -34.17 -2.94
C ALA F 71 -25.46 -34.04 -1.43
N SER F 72 -24.49 -34.54 -0.67
CA SER F 72 -24.53 -34.41 0.78
C SER F 72 -24.35 -32.98 1.25
N TRP F 73 -23.78 -32.11 0.41
CA TRP F 73 -23.59 -30.71 0.79
C TRP F 73 -24.90 -29.93 0.79
N GLN F 74 -25.87 -30.34 -0.02
CA GLN F 74 -27.17 -29.70 -0.03
C GLN F 74 -27.98 -30.14 1.19
N GLY F 75 -28.83 -29.23 1.68
CA GLY F 75 -29.67 -29.55 2.80
C GLY F 75 -30.74 -30.59 2.50
N GLU F 76 -31.18 -30.67 1.25
CA GLU F 76 -32.25 -31.59 0.89
C GLU F 76 -32.06 -32.09 -0.53
N GLN F 77 -32.63 -33.27 -0.81
CA GLN F 77 -32.54 -33.97 -2.09
C GLN F 77 -31.16 -33.85 -2.75
N SER F 82 -33.93 -36.05 -11.55
CA SER F 82 -32.66 -35.42 -11.21
C SER F 82 -31.53 -36.46 -11.21
N ARG F 83 -31.17 -36.93 -12.41
CA ARG F 83 -30.10 -37.91 -12.55
C ARG F 83 -29.06 -37.37 -13.51
N GLU F 84 -27.81 -37.39 -13.06
CA GLU F 84 -26.69 -36.80 -13.78
C GLU F 84 -25.38 -37.37 -13.26
N TYR F 85 -24.42 -37.54 -14.16
CA TYR F 85 -23.29 -38.41 -13.89
C TYR F 85 -22.00 -37.88 -14.51
N VAL F 86 -20.89 -38.38 -13.98
CA VAL F 86 -19.56 -38.19 -14.54
C VAL F 86 -18.93 -39.58 -14.60
N ASP F 87 -18.63 -40.05 -15.81
CA ASP F 87 -18.20 -41.44 -16.00
C ASP F 87 -16.92 -41.50 -16.81
N LEU F 88 -15.94 -42.27 -16.31
CA LEU F 88 -14.67 -42.44 -16.98
C LEU F 88 -14.33 -43.89 -17.29
N GLU F 89 -15.12 -44.86 -16.81
CA GLU F 89 -14.81 -46.26 -16.98
C GLU F 89 -15.35 -46.85 -18.27
N ARG F 90 -16.19 -46.11 -19.01
CA ARG F 90 -16.67 -46.62 -20.28
C ARG F 90 -15.60 -46.57 -21.36
N GLU F 91 -14.74 -45.56 -21.33
CA GLU F 91 -13.60 -45.47 -22.24
C GLU F 91 -12.39 -44.99 -21.47
N ALA F 92 -11.29 -45.72 -21.55
CA ALA F 92 -10.08 -45.37 -20.83
C ALA F 92 -9.45 -44.12 -21.43
N GLY F 93 -8.94 -43.24 -20.56
CA GLY F 93 -8.28 -42.03 -20.98
C GLY F 93 -9.16 -40.86 -21.29
N LYS F 94 -10.47 -40.97 -21.09
CA LYS F 94 -11.40 -39.88 -21.34
C LYS F 94 -12.58 -40.00 -20.39
N VAL F 95 -13.16 -38.85 -20.02
CA VAL F 95 -14.29 -38.83 -19.11
C VAL F 95 -15.43 -38.05 -19.74
N TYR F 96 -16.65 -38.55 -19.52
CA TYR F 96 -17.89 -38.05 -20.09
C TYR F 96 -18.70 -37.41 -18.97
N LEU F 97 -19.34 -36.29 -19.28
CA LEU F 97 -20.05 -35.49 -18.29
C LEU F 97 -21.48 -35.28 -18.77
N LYS F 98 -22.46 -35.52 -17.88
CA LYS F 98 -23.87 -35.31 -18.23
C LYS F 98 -24.59 -34.70 -17.04
N ALA F 99 -25.32 -33.60 -17.29
CA ALA F 99 -26.06 -32.94 -16.21
C ALA F 99 -27.25 -32.13 -16.72
N PRO F 100 -28.48 -32.48 -16.33
CA PRO F 100 -29.61 -31.59 -16.61
C PRO F 100 -29.75 -30.52 -15.54
N MET F 101 -30.20 -29.34 -15.96
CA MET F 101 -30.37 -28.22 -15.06
C MET F 101 -31.34 -27.22 -15.69
N ILE F 102 -32.29 -26.75 -14.88
CA ILE F 102 -33.30 -25.82 -15.38
C ILE F 102 -32.74 -24.41 -15.40
N LEU F 103 -32.72 -23.80 -16.57
CA LEU F 103 -32.14 -22.46 -16.74
C LEU F 103 -33.15 -21.57 -17.43
N ASN F 104 -33.52 -20.48 -16.77
CA ASN F 104 -34.44 -19.47 -17.31
C ASN F 104 -35.79 -20.06 -17.69
N GLY F 105 -36.25 -21.09 -16.99
CA GLY F 105 -37.54 -21.68 -17.23
C GLY F 105 -37.57 -22.85 -18.18
N VAL F 106 -36.45 -23.19 -18.81
CA VAL F 106 -36.38 -24.33 -19.71
C VAL F 106 -35.41 -25.35 -19.13
N CYS F 107 -35.64 -26.62 -19.45
CA CYS F 107 -34.85 -27.72 -18.90
C CYS F 107 -33.76 -28.12 -19.89
N VAL F 108 -32.70 -27.31 -19.92
CA VAL F 108 -31.55 -27.61 -20.77
C VAL F 108 -30.69 -28.68 -20.09
N ILE F 109 -29.96 -29.43 -20.93
CA ILE F 109 -29.08 -30.49 -20.47
C ILE F 109 -27.69 -30.25 -21.03
N TRP F 110 -26.70 -30.16 -20.15
CA TRP F 110 -25.32 -29.91 -20.55
C TRP F 110 -24.56 -31.22 -20.56
N LYS F 111 -23.97 -31.56 -21.70
CA LYS F 111 -23.20 -32.78 -21.86
C LYS F 111 -21.86 -32.45 -22.52
N GLY F 112 -20.84 -33.22 -22.17
CA GLY F 112 -19.53 -32.97 -22.73
C GLY F 112 -18.57 -34.10 -22.41
N TRP F 113 -17.30 -33.85 -22.74
CA TRP F 113 -16.24 -34.82 -22.50
C TRP F 113 -14.92 -34.07 -22.43
N ILE F 114 -13.97 -34.64 -21.67
CA ILE F 114 -12.59 -34.17 -21.68
C ILE F 114 -11.66 -35.38 -21.64
N ASP F 115 -10.53 -35.28 -22.35
CA ASP F 115 -9.57 -36.37 -22.32
C ASP F 115 -8.83 -36.34 -20.99
N LEU F 116 -8.55 -37.53 -20.46
CA LEU F 116 -7.92 -37.63 -19.14
C LEU F 116 -6.45 -37.24 -19.18
N GLN F 117 -5.83 -37.23 -20.36
CA GLN F 117 -4.42 -36.92 -20.46
C GLN F 117 -4.14 -35.43 -20.30
N ARG F 118 -5.02 -34.59 -20.86
CA ARG F 118 -4.76 -33.15 -20.91
C ARG F 118 -5.83 -32.30 -20.24
N LEU F 119 -6.82 -32.92 -19.60
CA LEU F 119 -7.88 -32.22 -18.86
C LEU F 119 -8.51 -31.11 -19.70
N ASP F 120 -8.69 -31.38 -20.99
CA ASP F 120 -9.30 -30.46 -21.94
C ASP F 120 -10.29 -31.23 -22.79
N GLY F 121 -11.27 -30.52 -23.35
CA GLY F 121 -12.23 -31.18 -24.20
C GLY F 121 -13.36 -30.27 -24.60
N MET F 122 -14.47 -30.88 -24.99
CA MET F 122 -15.61 -30.18 -25.55
C MET F 122 -16.81 -30.31 -24.62
N GLY F 123 -17.73 -29.35 -24.72
CA GLY F 123 -18.95 -29.38 -23.94
C GLY F 123 -20.01 -28.44 -24.49
N CYS F 124 -21.27 -28.88 -24.46
CA CYS F 124 -22.34 -28.07 -25.01
C CYS F 124 -23.63 -28.36 -24.27
N LEU F 125 -24.56 -27.41 -24.35
CA LEU F 125 -25.84 -27.53 -23.68
C LEU F 125 -26.95 -27.62 -24.73
N GLU F 126 -27.66 -28.74 -24.74
CA GLU F 126 -28.80 -28.94 -25.62
C GLU F 126 -30.03 -29.24 -24.76
N PHE F 127 -31.15 -28.60 -25.08
CA PHE F 127 -32.37 -28.72 -24.32
C PHE F 127 -33.11 -30.04 -24.63
N ASP F 128 -33.88 -30.49 -23.64
CA ASP F 128 -34.72 -31.69 -23.75
C ASP F 128 -35.96 -31.51 -24.61
N LEU F 138 -46.22 -26.16 -13.65
CA LEU F 138 -47.03 -24.97 -13.43
C LEU F 138 -46.13 -23.78 -13.10
N ALA F 139 -45.07 -24.04 -12.34
CA ALA F 139 -44.13 -22.97 -11.98
C ALA F 139 -43.35 -22.48 -13.19
N GLN F 140 -43.12 -23.35 -14.18
CA GLN F 140 -42.39 -22.94 -15.38
C GLN F 140 -43.15 -21.87 -16.15
N GLN F 141 -44.46 -22.07 -16.36
CA GLN F 141 -45.26 -21.06 -17.02
C GLN F 141 -45.37 -19.80 -16.15
N ALA F 142 -45.37 -19.95 -14.83
CA ALA F 142 -45.39 -18.78 -13.96
C ALA F 142 -44.15 -17.94 -14.15
N PHE F 143 -42.97 -18.58 -14.21
CA PHE F 143 -41.74 -17.82 -14.45
C PHE F 143 -41.75 -17.23 -15.86
N GLU F 144 -42.29 -17.96 -16.84
CA GLU F 144 -42.33 -17.40 -18.18
C GLU F 144 -43.18 -16.13 -18.22
N GLU F 145 -44.33 -16.14 -17.55
CA GLU F 145 -45.16 -14.95 -17.44
C GLU F 145 -44.44 -13.82 -16.73
N ALA F 146 -43.76 -14.12 -15.61
CA ALA F 146 -43.02 -13.08 -14.91
C ALA F 146 -41.92 -12.49 -15.77
N ARG F 147 -41.19 -13.35 -16.50
CA ARG F 147 -40.12 -12.87 -17.37
C ARG F 147 -40.64 -12.01 -18.50
N ARG F 148 -41.77 -12.40 -19.11
CA ARG F 148 -42.36 -11.55 -20.14
C ARG F 148 -42.82 -10.22 -19.56
N ARG F 149 -43.31 -10.23 -18.31
CA ARG F 149 -43.67 -8.98 -17.65
C ARG F 149 -42.47 -8.09 -17.35
N THR F 150 -41.32 -8.69 -17.01
CA THR F 150 -40.13 -7.88 -16.72
C THR F 150 -39.51 -7.30 -17.97
N ARG F 151 -40.02 -7.67 -19.15
CA ARG F 151 -39.53 -7.22 -20.46
C ARG F 151 -38.08 -6.75 -20.51
N MET G 15 49.79 4.99 -11.56
CA MET G 15 48.42 4.69 -11.17
C MET G 15 47.49 5.86 -11.52
N GLU G 16 46.38 5.54 -12.19
CA GLU G 16 45.44 6.55 -12.66
C GLU G 16 44.39 6.92 -11.62
N ASN G 17 44.43 6.31 -10.44
CA ASN G 17 43.46 6.58 -9.38
C ASN G 17 44.11 7.48 -8.34
N ARG G 18 43.54 8.66 -8.13
CA ARG G 18 44.03 9.61 -7.14
C ARG G 18 42.97 9.79 -6.06
N TRP G 19 43.40 9.81 -4.81
CA TRP G 19 42.49 9.73 -3.67
C TRP G 19 42.73 10.88 -2.70
N GLN G 20 41.72 11.12 -1.86
CA GLN G 20 41.80 12.05 -0.75
C GLN G 20 41.51 11.32 0.54
N VAL G 21 42.20 11.73 1.61
CA VAL G 21 42.17 11.01 2.88
C VAL G 21 41.54 11.91 3.93
N MET G 22 40.52 11.40 4.62
CA MET G 22 39.82 12.12 5.66
C MET G 22 39.52 11.20 6.83
N ILE G 23 39.72 11.69 8.05
CA ILE G 23 39.34 10.97 9.26
C ILE G 23 37.94 11.44 9.64
N VAL G 24 36.97 10.54 9.52
CA VAL G 24 35.56 10.86 9.79
C VAL G 24 35.14 10.12 11.04
N TRP G 25 34.60 10.87 12.00
CA TRP G 25 34.13 10.30 13.26
C TRP G 25 32.68 9.86 13.07
N GLN G 26 32.45 8.54 13.15
CA GLN G 26 31.12 8.00 12.91
C GLN G 26 30.21 8.28 14.10
N VAL G 27 29.10 8.96 13.83
CA VAL G 27 28.12 9.30 14.85
C VAL G 27 26.74 8.96 14.34
N ASP G 28 25.78 8.85 15.26
CA ASP G 28 24.42 8.50 14.92
C ASP G 28 23.63 9.74 14.50
N ARG G 29 22.36 9.54 14.15
CA ARG G 29 21.51 10.61 13.64
C ARG G 29 21.05 11.58 14.70
N MET G 30 20.72 11.08 15.90
CA MET G 30 20.22 11.95 16.96
C MET G 30 21.25 12.99 17.36
N ARG G 31 22.52 12.59 17.48
CA ARG G 31 23.57 13.54 17.83
C ARG G 31 23.76 14.60 16.74
N ILE G 32 23.66 14.19 15.48
CA ILE G 32 23.76 15.16 14.38
C ILE G 32 22.63 16.17 14.47
N ASN G 33 21.41 15.69 14.70
CA ASN G 33 20.28 16.61 14.81
C ASN G 33 20.43 17.56 15.99
N THR G 34 20.88 17.04 17.13
CA THR G 34 21.08 17.88 18.31
C THR G 34 22.15 18.93 18.06
N TRP G 35 23.26 18.54 17.43
CA TRP G 35 24.33 19.48 17.13
C TRP G 35 23.84 20.59 16.22
N LYS G 36 23.12 20.22 15.15
CA LYS G 36 22.63 21.23 14.22
C LYS G 36 21.63 22.17 14.89
N ARG G 37 20.71 21.60 15.69
CA ARG G 37 19.72 22.43 16.36
C ARG G 37 20.37 23.39 17.35
N LEU G 38 21.34 22.91 18.13
CA LEU G 38 22.02 23.78 19.08
C LEU G 38 22.82 24.88 18.38
N VAL G 39 23.51 24.54 17.29
CA VAL G 39 24.28 25.54 16.57
C VAL G 39 23.36 26.61 16.00
N LYS G 40 22.26 26.20 15.36
CA LYS G 40 21.35 27.19 14.79
C LYS G 40 20.60 27.97 15.86
N HIS G 41 20.38 27.40 17.05
CA HIS G 41 19.73 28.13 18.12
C HIS G 41 20.66 29.16 18.75
N HIS G 42 21.93 28.82 18.92
CA HIS G 42 22.91 29.76 19.45
C HIS G 42 23.47 30.68 18.37
N MET G 43 23.06 30.49 17.12
CA MET G 43 23.48 31.36 16.03
C MET G 43 22.52 32.50 15.74
N TYR G 44 21.21 32.29 15.91
CA TYR G 44 20.23 33.29 15.56
C TYR G 44 19.41 33.80 16.74
N ILE G 45 18.94 32.91 17.62
CA ILE G 45 18.08 33.33 18.72
C ILE G 45 18.89 33.96 19.83
N SER G 46 19.80 33.19 20.43
CA SER G 46 20.72 33.68 21.45
C SER G 46 22.07 33.86 20.77
N ARG G 47 22.32 35.09 20.28
CA ARG G 47 23.46 35.33 19.42
C ARG G 47 24.77 35.41 20.19
N LYS G 48 25.11 34.35 20.91
CA LYS G 48 26.45 34.25 21.48
C LYS G 48 27.48 33.89 20.43
N ALA G 49 27.08 33.13 19.41
CA ALA G 49 27.92 32.79 18.27
C ALA G 49 27.24 33.33 17.02
N LYS G 50 27.49 34.61 16.71
CA LYS G 50 26.87 35.26 15.57
C LYS G 50 27.82 35.44 14.39
N ASP G 51 29.13 35.28 14.61
CA ASP G 51 30.12 35.42 13.55
C ASP G 51 30.31 34.13 12.78
N TRP G 52 29.64 33.05 13.19
CA TRP G 52 29.74 31.78 12.49
C TRP G 52 28.95 31.83 11.19
N PHE G 53 29.40 31.04 10.22
CA PHE G 53 28.74 30.95 8.91
C PHE G 53 28.24 29.52 8.74
N TYR G 54 26.93 29.34 8.84
CA TYR G 54 26.32 28.01 8.68
C TYR G 54 25.99 27.82 7.21
N ARG G 55 26.92 27.21 6.47
CA ARG G 55 26.69 26.90 5.07
C ARG G 55 25.67 25.76 4.96
N HIS G 56 24.73 25.91 4.03
CA HIS G 56 23.65 24.95 3.89
C HIS G 56 24.14 23.75 3.07
N HIS G 57 23.20 22.92 2.61
CA HIS G 57 23.53 21.60 2.10
C HIS G 57 24.45 21.65 0.88
N TYR G 58 23.96 22.20 -0.23
CA TYR G 58 24.62 22.02 -1.53
C TYR G 58 25.45 23.25 -1.87
N GLU G 59 26.61 23.37 -1.23
CA GLU G 59 27.71 24.20 -1.71
C GLU G 59 28.99 23.38 -1.53
N SER G 60 29.28 22.53 -2.52
CA SER G 60 30.42 21.62 -2.46
C SER G 60 30.51 20.85 -3.77
N THR G 61 31.71 20.34 -4.04
CA THR G 61 31.91 19.42 -5.15
C THR G 61 31.70 17.96 -4.73
N ASN G 62 31.95 17.67 -3.45
CA ASN G 62 31.72 16.34 -2.91
C ASN G 62 30.21 16.07 -2.87
N PRO G 63 29.72 15.02 -3.54
CA PRO G 63 28.28 14.79 -3.58
C PRO G 63 27.64 14.48 -2.23
N LYS G 64 28.42 14.10 -1.23
CA LYS G 64 27.88 13.72 0.09
C LYS G 64 28.53 14.59 1.18
N ILE G 65 27.96 15.75 1.44
CA ILE G 65 28.44 16.65 2.46
C ILE G 65 27.21 17.36 2.88
N SER G 66 26.53 16.91 3.91
CA SER G 66 25.30 17.54 4.31
C SER G 66 25.37 18.97 4.83
N SER G 67 26.42 19.33 5.55
CA SER G 67 26.50 20.67 6.09
C SER G 67 27.93 21.12 6.30
N GLU G 68 28.14 22.39 6.62
CA GLU G 68 29.50 22.87 6.78
C GLU G 68 29.45 24.13 7.63
N VAL G 69 29.95 24.05 8.86
CA VAL G 69 29.95 25.17 9.79
C VAL G 69 31.34 25.76 9.83
N HIS G 70 31.45 27.05 9.53
CA HIS G 70 32.71 27.78 9.55
C HIS G 70 32.78 28.63 10.80
N ILE G 71 33.88 28.55 11.53
CA ILE G 71 34.07 29.31 12.75
C ILE G 71 35.36 30.12 12.62
N PRO G 72 35.27 31.44 12.48
CA PRO G 72 36.49 32.25 12.35
C PRO G 72 37.24 32.33 13.66
N LEU G 73 38.51 31.92 13.62
CA LEU G 73 39.42 31.99 14.78
C LEU G 73 40.52 32.96 14.38
N GLY G 74 40.40 34.20 14.83
CA GLY G 74 41.37 35.22 14.47
C GLY G 74 41.47 35.43 12.98
N ASP G 75 42.58 34.99 12.41
CA ASP G 75 42.84 35.11 10.98
C ASP G 75 42.70 33.81 10.21
N ALA G 76 42.34 32.72 10.87
CA ALA G 76 42.09 31.43 10.22
C ALA G 76 40.65 31.00 10.51
N LYS G 77 40.30 29.78 10.10
CA LYS G 77 38.96 29.32 10.41
C LYS G 77 38.96 27.82 10.66
N LEU G 78 38.17 27.42 11.65
CA LEU G 78 37.92 26.01 11.96
C LEU G 78 36.61 25.62 11.29
N VAL G 79 36.67 24.63 10.40
CA VAL G 79 35.50 24.19 9.65
C VAL G 79 35.13 22.78 10.09
N ILE G 80 33.86 22.58 10.39
CA ILE G 80 33.31 21.30 10.79
C ILE G 80 32.29 20.90 9.74
N THR G 81 32.55 19.79 9.05
CA THR G 81 31.67 19.34 7.98
C THR G 81 31.09 17.97 8.34
N THR G 82 29.78 17.82 8.17
CA THR G 82 29.15 16.56 8.48
C THR G 82 28.79 15.87 7.19
N TYR G 83 28.69 14.55 7.19
CA TYR G 83 28.42 13.83 5.98
C TYR G 83 27.26 12.93 6.13
N TRP G 84 26.64 12.57 5.03
CA TRP G 84 25.58 11.60 5.03
C TRP G 84 25.74 10.78 3.79
N GLY G 85 25.48 9.50 3.83
CA GLY G 85 25.64 8.72 2.64
C GLY G 85 26.93 7.95 2.52
N LEU G 86 27.64 7.80 3.65
CA LEU G 86 28.86 7.02 3.82
C LEU G 86 28.51 5.53 3.96
N HIS G 87 29.54 4.69 4.07
CA HIS G 87 29.31 3.27 4.29
C HIS G 87 28.82 3.04 5.73
N THR G 88 28.22 1.88 5.93
CA THR G 88 27.76 1.51 7.26
C THR G 88 28.96 1.26 8.19
N GLY G 89 28.68 1.35 9.49
CA GLY G 89 29.70 1.15 10.50
C GLY G 89 29.64 -0.24 11.12
N GLU G 90 30.52 -0.44 12.09
CA GLU G 90 30.55 -1.70 12.83
C GLU G 90 29.39 -1.83 13.81
N ARG G 91 29.02 -0.74 14.48
CA ARG G 91 27.94 -0.78 15.43
C ARG G 91 26.58 -0.70 14.73
N ASP G 92 25.52 -0.87 15.51
CA ASP G 92 24.17 -0.94 14.96
C ASP G 92 23.68 0.40 14.41
N TRP G 93 24.03 1.51 15.05
CA TRP G 93 23.49 2.81 14.69
C TRP G 93 24.49 3.69 13.94
N HIS G 94 25.52 3.09 13.35
CA HIS G 94 26.44 3.81 12.46
C HIS G 94 25.99 3.50 11.04
N LEU G 95 24.99 4.25 10.57
CA LEU G 95 24.30 3.96 9.32
C LEU G 95 24.84 4.74 8.14
N GLY G 96 25.86 5.57 8.33
CA GLY G 96 26.44 6.27 7.20
C GLY G 96 26.61 7.76 7.38
N GLN G 97 26.47 8.25 8.60
CA GLN G 97 26.67 9.66 8.91
C GLN G 97 27.92 9.84 9.75
N GLY G 98 28.58 10.98 9.58
CA GLY G 98 29.81 11.24 10.31
C GLY G 98 30.15 12.71 10.31
N VAL G 99 31.23 13.04 11.01
CA VAL G 99 31.69 14.41 11.14
C VAL G 99 33.19 14.45 10.90
N SER G 100 33.68 15.62 10.52
CA SER G 100 35.13 15.83 10.44
C SER G 100 35.42 17.30 10.68
N ILE G 101 36.42 17.56 11.52
CA ILE G 101 36.80 18.90 11.96
C ILE G 101 38.21 19.18 11.47
N GLU G 102 38.42 20.35 10.87
CA GLU G 102 39.76 20.73 10.47
C GLU G 102 39.93 22.23 10.61
N TRP G 103 41.17 22.69 10.49
CA TRP G 103 41.56 24.07 10.69
C TRP G 103 42.34 24.51 9.46
N ARG G 104 41.92 25.62 8.85
CA ARG G 104 42.53 26.07 7.61
C ARG G 104 42.84 27.56 7.64
N LYS G 105 43.93 27.90 6.95
CA LYS G 105 44.45 29.27 6.82
C LYS G 105 45.07 29.41 5.43
N LYS G 106 44.29 29.95 4.49
CA LYS G 106 44.78 30.34 3.16
C LYS G 106 45.45 29.17 2.45
N ARG G 107 44.62 28.17 2.15
CA ARG G 107 45.03 26.98 1.40
C ARG G 107 46.03 26.13 2.17
N TYR G 108 45.98 26.17 3.49
CA TYR G 108 46.71 25.24 4.35
C TYR G 108 45.74 24.68 5.37
N SER G 109 45.56 23.36 5.33
CA SER G 109 44.57 22.70 6.17
C SER G 109 45.21 21.59 7.00
N THR G 110 44.70 21.42 8.22
CA THR G 110 45.14 20.36 9.10
C THR G 110 43.95 19.82 9.89
N GLN G 111 43.84 18.50 9.97
CA GLN G 111 42.73 17.89 10.68
C GLN G 111 42.99 17.96 12.18
N VAL G 112 41.92 18.20 12.94
CA VAL G 112 42.02 18.63 14.34
C VAL G 112 41.31 17.63 15.23
N ASP G 113 41.95 17.27 16.33
CA ASP G 113 41.32 16.44 17.35
C ASP G 113 40.12 17.17 17.94
N PRO G 114 38.98 16.50 18.13
CA PRO G 114 37.83 17.18 18.75
C PRO G 114 38.14 17.82 20.09
N ASP G 115 39.02 17.24 20.90
CA ASP G 115 39.45 17.88 22.14
C ASP G 115 40.07 19.24 21.85
N LEU G 116 41.03 19.28 20.93
CA LEU G 116 41.67 20.53 20.56
C LEU G 116 40.69 21.48 19.89
N ALA G 117 39.74 20.95 19.13
CA ALA G 117 38.73 21.79 18.50
C ALA G 117 37.88 22.52 19.54
N ASP G 118 37.40 21.79 20.55
CA ASP G 118 36.63 22.44 21.61
C ASP G 118 37.47 23.40 22.42
N GLN G 119 38.75 23.08 22.65
CA GLN G 119 39.63 24.02 23.34
C GLN G 119 39.77 25.32 22.55
N LEU G 120 39.96 25.22 21.24
CA LEU G 120 40.00 26.42 20.40
C LEU G 120 38.69 27.19 20.44
N ILE G 121 37.56 26.47 20.39
CA ILE G 121 36.25 27.14 20.39
C ILE G 121 36.06 27.92 21.68
N HIS G 122 36.39 27.32 22.82
CA HIS G 122 36.22 27.99 24.10
C HIS G 122 37.29 29.04 24.37
N LEU G 123 38.42 29.00 23.65
CA LEU G 123 39.42 30.04 23.82
C LEU G 123 38.98 31.36 23.20
N HIS G 124 38.22 31.31 22.11
CA HIS G 124 37.91 32.51 21.33
C HIS G 124 36.50 33.04 21.54
N TYR G 125 35.52 32.18 21.81
CA TYR G 125 34.12 32.59 21.80
C TYR G 125 33.46 32.52 23.16
N PHE G 126 33.72 31.46 23.94
CA PHE G 126 33.06 31.25 25.22
C PHE G 126 34.05 31.33 26.38
N ASP G 127 34.96 32.29 26.33
CA ASP G 127 35.94 32.49 27.39
C ASP G 127 35.43 33.49 28.42
N PRO G 137 19.55 26.27 26.85
CA PRO G 137 20.19 25.38 25.88
C PRO G 137 21.69 25.26 26.10
N PRO G 138 22.20 24.03 26.10
CA PRO G 138 23.64 23.84 26.31
C PRO G 138 24.46 24.42 25.17
N LEU G 139 25.68 24.82 25.52
CA LEU G 139 26.60 25.36 24.52
C LEU G 139 27.04 24.27 23.56
N PRO G 140 27.15 24.57 22.27
CA PRO G 140 27.55 23.53 21.30
C PRO G 140 29.01 23.14 21.41
N SER G 141 29.27 21.89 21.78
CA SER G 141 30.63 21.36 21.86
C SER G 141 30.77 20.16 20.93
N VAL G 142 31.98 20.00 20.38
CA VAL G 142 32.23 18.89 19.47
C VAL G 142 32.67 17.62 20.16
N ARG G 143 33.17 17.71 21.41
CA ARG G 143 33.49 16.51 22.16
C ARG G 143 32.27 15.66 22.46
N LYS G 144 31.14 16.27 22.80
CA LYS G 144 29.90 15.53 23.01
C LYS G 144 29.33 14.98 21.70
N LEU G 145 29.55 15.69 20.59
CA LEU G 145 29.09 15.22 19.29
C LEU G 145 29.86 13.99 18.83
N THR G 146 31.19 14.04 18.91
CA THR G 146 32.04 13.00 18.34
C THR G 146 32.29 11.83 19.28
N GLU G 147 31.90 11.93 20.54
CA GLU G 147 32.14 10.84 21.49
C GLU G 147 31.28 9.63 21.14
N ASP G 148 31.86 8.44 21.25
CA ASP G 148 31.18 7.20 20.88
C ASP G 148 30.47 6.65 22.11
N ARG G 149 29.15 6.82 22.14
CA ARG G 149 28.32 6.30 23.22
C ARG G 149 27.86 4.87 22.99
N TRP G 150 28.22 4.26 21.85
CA TRP G 150 27.82 2.91 21.53
C TRP G 150 28.93 1.89 21.72
N ASN G 151 30.18 2.32 21.85
CA ASN G 151 31.31 1.44 22.10
C ASN G 151 31.71 1.40 23.56
N LYS G 152 30.94 2.05 24.44
CA LYS G 152 31.26 2.10 25.86
C LYS G 152 30.00 2.36 26.69
N GLN H 8 57.06 17.61 16.46
CA GLN H 8 57.05 16.62 15.39
C GLN H 8 57.22 15.22 15.95
N ARG H 9 58.47 14.74 15.98
CA ARG H 9 58.75 13.41 16.52
C ARG H 9 58.37 13.31 17.99
N SER H 10 58.80 14.29 18.79
CA SER H 10 58.44 14.31 20.20
C SER H 10 56.94 14.48 20.40
N LYS H 11 56.31 15.35 19.60
CA LYS H 11 54.87 15.53 19.69
C LYS H 11 54.13 14.26 19.29
N PHE H 12 54.61 13.56 18.25
CA PHE H 12 54.00 12.30 17.86
C PHE H 12 54.13 11.23 18.93
N GLU H 13 55.30 11.17 19.58
CA GLU H 13 55.54 10.13 20.58
C GLU H 13 55.03 10.48 21.95
N ASN H 14 54.58 11.71 22.18
CA ASN H 14 54.16 12.15 23.50
C ASN H 14 52.67 12.43 23.63
N GLU H 15 52.00 12.85 22.57
CA GLU H 15 50.59 13.19 22.66
C GLU H 15 49.73 11.94 22.69
N GLU H 16 48.59 12.04 23.38
CA GLU H 16 47.71 10.89 23.59
C GLU H 16 47.06 10.42 22.30
N PHE H 17 46.63 11.35 21.45
CA PHE H 17 45.88 10.98 20.25
C PHE H 17 46.73 10.15 19.30
N PHE H 18 47.95 10.60 19.02
CA PHE H 18 48.82 9.88 18.10
C PHE H 18 49.20 8.51 18.64
N ARG H 19 49.49 8.41 19.94
CA ARG H 19 49.78 7.12 20.54
C ARG H 19 48.58 6.18 20.45
N LYS H 20 47.38 6.72 20.68
CA LYS H 20 46.17 5.90 20.60
C LYS H 20 45.98 5.35 19.19
N LEU H 21 46.17 6.20 18.17
CA LEU H 21 46.01 5.73 16.79
C LEU H 21 47.21 4.95 16.26
N SER H 22 48.35 4.96 16.95
CA SER H 22 49.53 4.27 16.45
C SER H 22 49.83 2.96 17.15
N ARG H 23 49.42 2.79 18.40
CA ARG H 23 49.81 1.63 19.19
C ARG H 23 48.87 0.44 19.00
N GLU H 24 47.60 0.60 19.34
CA GLU H 24 46.63 -0.48 19.31
C GLU H 24 45.54 -0.13 18.29
N CYS H 25 45.72 -0.60 17.06
CA CYS H 25 44.77 -0.34 15.99
C CYS H 25 44.73 -1.50 15.02
N GLU H 26 43.54 -2.02 14.77
CA GLU H 26 43.29 -2.98 13.71
C GLU H 26 42.06 -2.54 12.94
N ILE H 27 42.11 -2.71 11.62
CA ILE H 27 41.09 -2.16 10.73
C ILE H 27 40.30 -3.30 10.09
N LYS H 28 39.09 -2.96 9.65
CA LYS H 28 38.23 -3.90 8.94
C LYS H 28 37.34 -3.11 7.99
N TYR H 29 36.83 -3.79 6.97
CA TYR H 29 36.00 -3.17 5.96
C TYR H 29 34.55 -3.60 6.17
N THR H 30 33.67 -2.63 6.42
CA THR H 30 32.23 -2.86 6.56
C THR H 30 31.52 -1.91 5.60
N GLY H 31 31.39 -2.34 4.35
CA GLY H 31 30.79 -1.49 3.34
C GLY H 31 29.29 -1.71 3.20
N PHE H 32 28.89 -2.95 3.00
CA PHE H 32 27.48 -3.34 2.87
C PHE H 32 27.26 -4.51 3.81
N ARG H 33 27.00 -4.20 5.09
CA ARG H 33 26.95 -5.22 6.12
C ARG H 33 25.71 -6.10 6.02
N ASP H 34 24.68 -5.66 5.30
CA ASP H 34 23.45 -6.43 5.14
C ASP H 34 23.46 -7.29 3.88
N ARG H 35 24.59 -7.34 3.17
CA ARG H 35 24.69 -8.08 1.93
C ARG H 35 25.59 -9.30 2.11
N PRO H 36 25.39 -10.36 1.33
CA PRO H 36 26.22 -11.56 1.47
C PRO H 36 27.68 -11.28 1.13
N HIS H 37 28.54 -12.21 1.55
CA HIS H 37 29.98 -12.00 1.48
C HIS H 37 30.46 -11.84 0.04
N GLU H 38 29.88 -12.60 -0.89
CA GLU H 38 30.39 -12.62 -2.25
C GLU H 38 30.24 -11.27 -2.93
N GLU H 39 29.05 -10.66 -2.85
CA GLU H 39 28.88 -9.37 -3.51
C GLU H 39 29.59 -8.26 -2.74
N ARG H 40 29.81 -8.44 -1.43
CA ARG H 40 30.67 -7.51 -0.71
C ARG H 40 32.09 -7.53 -1.28
N GLN H 41 32.65 -8.73 -1.51
CA GLN H 41 33.96 -8.81 -2.12
C GLN H 41 33.96 -8.20 -3.51
N ALA H 42 32.94 -8.49 -4.31
CA ALA H 42 32.87 -7.95 -5.66
C ALA H 42 32.80 -6.42 -5.65
N ARG H 43 31.98 -5.85 -4.77
CA ARG H 43 31.86 -4.41 -4.66
C ARG H 43 33.17 -3.78 -4.19
N PHE H 44 33.84 -4.41 -3.22
CA PHE H 44 35.11 -3.86 -2.76
C PHE H 44 36.14 -3.87 -3.88
N GLN H 45 36.23 -4.96 -4.64
CA GLN H 45 37.17 -5.03 -5.76
C GLN H 45 36.83 -3.98 -6.81
N ASN H 46 35.54 -3.84 -7.15
CA ASN H 46 35.14 -2.86 -8.15
C ASN H 46 35.48 -1.45 -7.71
N ALA H 47 35.20 -1.12 -6.43
CA ALA H 47 35.49 0.21 -5.92
C ALA H 47 36.98 0.47 -5.86
N CYS H 48 37.79 -0.54 -5.54
CA CYS H 48 39.24 -0.36 -5.55
C CYS H 48 39.75 -0.15 -6.98
N ARG H 49 39.10 -0.76 -7.97
CA ARG H 49 39.60 -0.67 -9.33
C ARG H 49 39.15 0.57 -10.10
N ASP H 50 37.92 1.06 -9.91
CA ASP H 50 37.44 2.14 -10.76
C ASP H 50 37.95 3.51 -10.32
N GLY H 51 38.13 3.72 -9.01
CA GLY H 51 38.55 5.01 -8.52
C GLY H 51 37.50 6.10 -8.57
N ARG H 52 36.22 5.73 -8.66
CA ARG H 52 35.13 6.69 -8.74
C ARG H 52 34.20 6.61 -7.54
N SER H 53 34.55 5.84 -6.52
CA SER H 53 33.69 5.71 -5.34
C SER H 53 34.56 5.62 -4.10
N GLU H 54 33.97 5.98 -2.96
CA GLU H 54 34.68 5.98 -1.70
C GLU H 54 34.89 4.56 -1.18
N ILE H 55 35.94 4.40 -0.37
CA ILE H 55 36.17 3.18 0.38
C ILE H 55 36.50 3.57 1.82
N ALA H 56 35.90 2.87 2.77
CA ALA H 56 36.01 3.20 4.18
C ALA H 56 36.62 2.04 4.95
N PHE H 57 37.45 2.39 5.94
CA PHE H 57 38.09 1.41 6.80
C PHE H 57 37.92 1.85 8.25
N VAL H 58 37.22 1.03 9.04
CA VAL H 58 36.81 1.40 10.39
C VAL H 58 37.72 0.72 11.39
N ALA H 59 38.23 1.48 12.35
CA ALA H 59 38.97 0.89 13.46
C ALA H 59 38.04 0.02 14.29
N THR H 60 38.51 -1.17 14.67
CA THR H 60 37.64 -2.14 15.33
C THR H 60 37.16 -1.64 16.68
N GLY H 61 38.04 -1.03 17.47
CA GLY H 61 37.69 -0.63 18.82
C GLY H 61 36.84 0.60 18.91
N THR H 62 37.25 1.67 18.24
CA THR H 62 36.59 2.97 18.33
C THR H 62 35.71 3.21 17.11
N ASN H 63 35.16 4.41 17.00
CA ASN H 63 34.30 4.80 15.89
C ASN H 63 35.09 5.51 14.78
N LEU H 64 36.41 5.59 14.92
CA LEU H 64 37.23 6.25 13.92
C LEU H 64 37.24 5.46 12.62
N SER H 65 37.22 6.18 11.50
CA SER H 65 37.24 5.57 10.18
C SER H 65 38.08 6.42 9.24
N LEU H 66 38.70 5.75 8.27
CA LEU H 66 39.44 6.39 7.20
C LEU H 66 38.64 6.26 5.91
N GLN H 67 38.34 7.40 5.30
CA GLN H 67 37.61 7.46 4.04
C GLN H 67 38.57 7.85 2.93
N PHE H 68 38.55 7.12 1.83
CA PHE H 68 39.38 7.43 0.66
C PHE H 68 38.46 8.02 -0.41
N PHE H 69 38.23 9.33 -0.34
CA PHE H 69 37.41 9.98 -1.33
C PHE H 69 38.17 10.13 -2.65
N PRO H 70 37.47 10.06 -3.78
CA PRO H 70 38.11 10.36 -5.07
C PRO H 70 38.58 11.81 -5.11
N ALA H 71 39.68 12.05 -5.82
CA ALA H 71 40.25 13.38 -5.92
C ALA H 71 39.33 14.37 -6.62
N SER H 72 38.41 13.90 -7.47
CA SER H 72 37.49 14.81 -8.13
C SER H 72 36.54 15.48 -7.15
N TRP H 73 36.26 14.82 -6.02
CA TRP H 73 35.34 15.37 -5.04
C TRP H 73 35.96 16.49 -4.22
N GLN H 74 37.29 16.63 -4.24
CA GLN H 74 37.94 17.70 -3.50
C GLN H 74 37.74 19.05 -4.18
N GLY H 75 38.20 19.17 -5.43
CA GLY H 75 38.06 20.39 -6.19
C GLY H 75 39.16 21.41 -5.97
N GLU H 76 40.09 21.15 -5.04
CA GLU H 76 41.19 22.07 -4.76
C GLU H 76 42.52 21.56 -5.30
N GLN H 77 42.87 20.33 -4.94
CA GLN H 77 44.13 19.74 -5.40
C GLN H 77 43.87 18.57 -6.35
N ARG H 83 51.18 10.19 -4.17
CA ARG H 83 51.91 9.64 -3.05
C ARG H 83 51.11 8.53 -2.36
N GLU H 84 49.86 8.83 -2.03
CA GLU H 84 48.96 7.83 -1.49
C GLU H 84 48.62 6.79 -2.55
N TYR H 85 48.34 5.56 -2.11
CA TYR H 85 47.92 4.55 -3.07
C TYR H 85 47.08 3.49 -2.40
N VAL H 86 46.18 2.92 -3.19
CA VAL H 86 45.42 1.72 -2.86
C VAL H 86 45.69 0.71 -3.98
N ASP H 87 46.59 -0.23 -3.72
CA ASP H 87 47.09 -1.08 -4.79
C ASP H 87 46.84 -2.56 -4.51
N LEU H 88 46.79 -3.34 -5.60
CA LEU H 88 46.40 -4.73 -5.62
C LEU H 88 47.52 -5.67 -6.03
N GLU H 89 48.37 -5.25 -6.97
CA GLU H 89 49.29 -6.15 -7.65
C GLU H 89 50.54 -6.48 -6.84
N ARG H 90 50.74 -5.86 -5.67
CA ARG H 90 51.89 -6.23 -4.84
C ARG H 90 51.80 -7.67 -4.38
N GLU H 91 50.60 -8.13 -3.99
CA GLU H 91 50.40 -9.50 -3.56
C GLU H 91 48.97 -9.91 -3.87
N ALA H 92 48.81 -11.10 -4.45
CA ALA H 92 47.49 -11.62 -4.76
C ALA H 92 46.73 -11.94 -3.49
N GLY H 93 45.49 -11.50 -3.40
CA GLY H 93 44.65 -11.72 -2.24
C GLY H 93 44.74 -10.64 -1.18
N LYS H 94 45.54 -9.60 -1.39
CA LYS H 94 45.67 -8.52 -0.42
C LYS H 94 45.62 -7.18 -1.13
N VAL H 95 45.16 -6.16 -0.39
CA VAL H 95 45.15 -4.77 -0.82
C VAL H 95 46.03 -4.00 0.14
N TYR H 96 46.94 -3.20 -0.40
CA TYR H 96 47.84 -2.39 0.41
C TYR H 96 47.47 -0.91 0.28
N LEU H 97 47.58 -0.20 1.41
CA LEU H 97 47.04 1.14 1.60
C LEU H 97 48.12 2.03 2.17
N LYS H 98 48.41 3.14 1.48
CA LYS H 98 49.25 4.20 2.03
C LYS H 98 48.53 5.52 1.87
N ALA H 99 48.50 6.31 2.94
CA ALA H 99 47.75 7.57 2.95
C ALA H 99 48.51 8.62 3.77
N PRO H 100 49.21 9.55 3.11
CA PRO H 100 49.80 10.68 3.84
C PRO H 100 48.74 11.73 4.14
N MET H 101 48.93 12.42 5.28
CA MET H 101 47.98 13.42 5.71
C MET H 101 48.65 14.31 6.74
N ILE H 102 47.94 15.38 7.12
CA ILE H 102 48.40 16.31 8.15
C ILE H 102 47.41 16.24 9.31
N LEU H 103 47.90 15.83 10.47
CA LEU H 103 47.07 15.63 11.65
C LEU H 103 47.63 16.47 12.79
N ASN H 104 46.77 17.28 13.40
CA ASN H 104 47.15 18.15 14.52
C ASN H 104 48.39 18.99 14.18
N GLY H 105 48.51 19.35 12.91
CA GLY H 105 49.58 20.22 12.45
C GLY H 105 50.86 19.52 12.06
N VAL H 106 50.96 18.20 12.24
CA VAL H 106 52.18 17.48 11.89
C VAL H 106 51.88 16.50 10.77
N CYS H 107 52.87 16.28 9.92
CA CYS H 107 52.72 15.37 8.79
C CYS H 107 52.87 13.93 9.25
N VAL H 108 51.83 13.13 9.00
CA VAL H 108 51.77 11.74 9.44
C VAL H 108 51.33 10.90 8.25
N ILE H 109 51.65 9.61 8.28
CA ILE H 109 51.32 8.70 7.19
C ILE H 109 50.66 7.45 7.76
N TRP H 110 49.57 7.01 7.13
CA TRP H 110 48.85 5.82 7.56
C TRP H 110 49.15 4.67 6.60
N LYS H 111 49.52 3.51 7.17
CA LYS H 111 49.90 2.36 6.37
C LYS H 111 49.08 1.15 6.81
N GLY H 112 48.56 0.41 5.84
CA GLY H 112 47.75 -0.74 6.19
C GLY H 112 47.60 -1.72 5.04
N TRP H 113 46.89 -2.81 5.33
CA TRP H 113 46.60 -3.82 4.34
C TRP H 113 45.40 -4.64 4.81
N ILE H 114 44.58 -5.08 3.86
CA ILE H 114 43.48 -6.00 4.17
C ILE H 114 43.36 -7.04 3.08
N ASP H 115 42.99 -8.26 3.48
CA ASP H 115 42.84 -9.35 2.53
C ASP H 115 41.48 -9.28 1.85
N LEU H 116 41.41 -9.75 0.60
CA LEU H 116 40.16 -9.68 -0.15
C LEU H 116 39.14 -10.70 0.29
N GLN H 117 39.56 -11.77 0.97
CA GLN H 117 38.63 -12.83 1.37
C GLN H 117 37.91 -12.47 2.67
N ARG H 118 38.66 -12.19 3.73
CA ARG H 118 38.06 -11.88 5.02
C ARG H 118 37.59 -10.43 5.12
N LEU H 119 38.01 -9.57 4.19
CA LEU H 119 37.73 -8.13 4.25
C LEU H 119 38.17 -7.55 5.59
N ASP H 120 39.38 -7.94 6.00
CA ASP H 120 39.93 -7.59 7.30
C ASP H 120 41.44 -7.51 7.17
N GLY H 121 42.08 -6.84 8.12
CA GLY H 121 43.53 -6.73 8.08
C GLY H 121 44.11 -5.89 9.20
N MET H 122 45.21 -5.20 8.90
CA MET H 122 45.92 -4.38 9.87
C MET H 122 46.11 -2.98 9.32
N GLY H 123 46.31 -2.03 10.23
CA GLY H 123 46.55 -0.65 9.87
C GLY H 123 47.07 0.16 11.03
N CYS H 124 48.07 1.00 10.78
CA CYS H 124 48.70 1.77 11.83
C CYS H 124 49.25 3.06 11.25
N LEU H 125 49.92 3.84 12.10
CA LEU H 125 50.42 5.15 11.73
C LEU H 125 51.94 5.16 11.83
N GLU H 126 52.55 6.12 11.14
CA GLU H 126 54.01 6.25 11.14
C GLU H 126 54.33 7.75 11.17
N PHE H 127 55.59 8.07 10.91
CA PHE H 127 56.02 9.48 10.88
C PHE H 127 56.89 9.69 9.65
N ASP H 128 56.65 10.79 8.95
CA ASP H 128 57.42 11.14 7.76
C ASP H 128 57.51 12.64 7.57
N ALA H 139 49.37 28.32 8.66
CA ALA H 139 50.78 28.02 8.49
C ALA H 139 51.26 27.02 9.54
N GLN H 140 52.39 26.37 9.26
CA GLN H 140 52.94 25.40 10.19
C GLN H 140 53.31 26.03 11.52
N GLN H 141 53.95 27.21 11.49
CA GLN H 141 54.28 27.91 12.72
C GLN H 141 53.06 28.60 13.33
N ALA H 142 52.13 29.05 12.49
CA ALA H 142 50.91 29.68 13.00
C ALA H 142 50.08 28.70 13.81
N PHE H 143 49.96 27.45 13.35
CA PHE H 143 49.22 26.46 14.12
C PHE H 143 49.94 26.10 15.41
N GLU H 144 51.27 26.07 15.42
CA GLU H 144 52.00 25.85 16.66
C GLU H 144 51.76 26.99 17.64
N GLU H 145 51.74 28.23 17.15
CA GLU H 145 51.43 29.37 18.02
C GLU H 145 50.03 29.26 18.58
N ALA H 146 49.07 28.87 17.73
CA ALA H 146 47.69 28.70 18.21
C ALA H 146 47.59 27.60 19.25
N ARG H 147 48.30 26.49 19.05
CA ARG H 147 48.30 25.41 20.03
C ARG H 147 48.92 25.86 21.35
N ARG H 148 50.02 26.62 21.29
CA ARG H 148 50.62 27.12 22.51
C ARG H 148 49.67 28.06 23.26
N ARG H 149 49.00 28.95 22.52
CA ARG H 149 48.02 29.82 23.16
C ARG H 149 46.74 29.09 23.55
N THR H 150 46.56 27.85 23.10
CA THR H 150 45.33 27.13 23.39
C THR H 150 45.36 26.52 24.79
N ARG H 151 46.33 25.63 25.03
CA ARG H 151 46.50 24.93 26.31
C ARG H 151 45.18 24.50 26.97
N MET I 15 1.04 6.69 -48.06
CA MET I 15 0.37 6.59 -46.78
C MET I 15 0.58 5.21 -46.15
N GLU I 16 -0.15 4.21 -46.66
CA GLU I 16 -0.07 2.86 -46.17
C GLU I 16 0.90 2.00 -46.97
N ASN I 17 1.75 2.61 -47.78
CA ASN I 17 2.72 1.88 -48.60
C ASN I 17 3.95 1.45 -47.82
N ARG I 18 4.21 2.04 -46.66
CA ARG I 18 5.37 1.72 -45.84
C ARG I 18 4.92 1.46 -44.42
N TRP I 19 5.38 0.34 -43.85
CA TRP I 19 5.06 -0.03 -42.49
C TRP I 19 6.22 -0.83 -41.91
N GLN I 20 6.11 -1.21 -40.64
CA GLN I 20 7.12 -2.05 -39.99
C GLN I 20 6.41 -3.07 -39.12
N VAL I 21 6.87 -4.31 -39.15
CA VAL I 21 6.22 -5.43 -38.48
C VAL I 21 7.17 -6.04 -37.48
N MET I 22 6.71 -6.20 -36.24
CA MET I 22 7.44 -6.87 -35.18
C MET I 22 6.48 -7.68 -34.32
N ILE I 23 7.02 -8.64 -33.58
CA ILE I 23 6.27 -9.43 -32.62
C ILE I 23 6.57 -8.89 -31.23
N VAL I 24 5.53 -8.44 -30.54
CA VAL I 24 5.67 -7.78 -29.24
C VAL I 24 4.84 -8.53 -28.22
N TRP I 25 5.45 -8.86 -27.08
CA TRP I 25 4.81 -9.62 -26.02
C TRP I 25 4.39 -8.66 -24.91
N GLN I 26 3.08 -8.55 -24.69
CA GLN I 26 2.59 -7.70 -23.62
C GLN I 26 2.98 -8.26 -22.25
N VAL I 27 3.53 -7.39 -21.40
CA VAL I 27 3.97 -7.74 -20.06
C VAL I 27 3.51 -6.65 -19.11
N ASP I 28 3.88 -6.79 -17.83
CA ASP I 28 3.54 -5.81 -16.82
C ASP I 28 4.70 -4.84 -16.60
N ARG I 29 4.38 -3.66 -16.06
CA ARG I 29 5.39 -2.65 -15.81
C ARG I 29 6.39 -3.10 -14.75
N MET I 30 5.91 -3.79 -13.71
CA MET I 30 6.82 -4.29 -12.69
C MET I 30 7.79 -5.32 -13.24
N ARG I 31 7.37 -6.13 -14.22
CA ARG I 31 8.30 -7.06 -14.85
C ARG I 31 9.36 -6.32 -15.65
N ILE I 32 8.99 -5.24 -16.33
CA ILE I 32 9.95 -4.43 -17.05
C ILE I 32 10.95 -3.80 -16.09
N ASN I 33 10.46 -3.29 -14.95
CA ASN I 33 11.35 -2.72 -13.95
C ASN I 33 12.29 -3.77 -13.38
N THR I 34 11.79 -4.98 -13.10
CA THR I 34 12.65 -6.06 -12.63
C THR I 34 13.72 -6.39 -13.67
N TRP I 35 13.33 -6.47 -14.95
CA TRP I 35 14.28 -6.74 -16.01
C TRP I 35 15.38 -5.69 -16.04
N LYS I 36 15.01 -4.42 -16.08
CA LYS I 36 15.98 -3.34 -16.22
C LYS I 36 16.74 -3.09 -14.92
N ARG I 37 16.30 -3.66 -13.80
CA ARG I 37 17.09 -3.64 -12.59
C ARG I 37 18.14 -4.74 -12.56
N LEU I 38 17.75 -5.98 -12.86
CA LEU I 38 18.74 -7.06 -12.88
C LEU I 38 19.77 -6.88 -13.99
N VAL I 39 19.38 -6.34 -15.15
CA VAL I 39 20.34 -6.12 -16.23
C VAL I 39 21.40 -5.10 -15.82
N LYS I 40 20.95 -3.97 -15.24
CA LYS I 40 21.90 -2.98 -14.73
C LYS I 40 22.78 -3.56 -13.62
N HIS I 41 22.20 -4.31 -12.70
CA HIS I 41 22.98 -4.92 -11.64
C HIS I 41 24.06 -5.82 -12.22
N HIS I 42 23.70 -6.67 -13.18
CA HIS I 42 24.64 -7.65 -13.71
C HIS I 42 25.68 -7.05 -14.64
N MET I 43 25.45 -5.89 -15.24
CA MET I 43 26.54 -5.24 -15.96
C MET I 43 27.29 -4.18 -15.16
N TYR I 44 26.85 -3.84 -13.95
CA TYR I 44 27.57 -2.82 -13.20
C TYR I 44 28.21 -3.35 -11.92
N ILE I 45 27.47 -4.09 -11.09
CA ILE I 45 28.02 -4.53 -9.81
C ILE I 45 28.71 -5.90 -9.97
N SER I 46 27.96 -6.91 -10.39
CA SER I 46 28.51 -8.26 -10.50
C SER I 46 29.54 -8.37 -11.61
N ARG I 47 29.41 -7.57 -12.67
CA ARG I 47 30.35 -7.55 -13.79
C ARG I 47 30.44 -8.89 -14.53
N LYS I 48 29.42 -9.74 -14.41
CA LYS I 48 29.36 -10.93 -15.23
C LYS I 48 28.94 -10.65 -16.66
N ALA I 49 28.13 -9.61 -16.86
CA ALA I 49 27.65 -9.22 -18.18
C ALA I 49 28.08 -7.80 -18.52
N LYS I 50 29.33 -7.47 -18.19
CA LYS I 50 29.86 -6.14 -18.47
C LYS I 50 30.03 -5.87 -19.96
N ASP I 51 29.98 -6.91 -20.80
CA ASP I 51 30.08 -6.74 -22.23
C ASP I 51 28.78 -6.29 -22.87
N TRP I 52 27.67 -6.36 -22.17
CA TRP I 52 26.38 -5.94 -22.71
C TRP I 52 26.32 -4.42 -22.83
N PHE I 53 25.43 -3.96 -23.71
CA PHE I 53 25.23 -2.54 -23.94
C PHE I 53 23.79 -2.16 -23.61
N TYR I 54 23.61 -0.94 -23.10
CA TYR I 54 22.29 -0.43 -22.74
C TYR I 54 22.07 0.90 -23.45
N ARG I 55 20.98 1.00 -24.19
CA ARG I 55 20.60 2.23 -24.88
C ARG I 55 19.28 2.74 -24.31
N HIS I 56 19.26 4.03 -23.97
CA HIS I 56 18.13 4.65 -23.32
C HIS I 56 17.04 5.00 -24.32
N HIS I 57 16.04 5.76 -23.85
CA HIS I 57 14.88 6.08 -24.68
C HIS I 57 15.20 7.15 -25.72
N TYR I 58 16.07 8.09 -25.38
CA TYR I 58 16.35 9.23 -26.26
C TYR I 58 17.36 8.91 -27.36
N GLU I 59 17.87 7.68 -27.40
CA GLU I 59 18.84 7.27 -28.41
C GLU I 59 18.20 6.54 -29.57
N SER I 60 16.87 6.48 -29.63
CA SER I 60 16.17 5.79 -30.69
C SER I 60 15.12 6.70 -31.31
N THR I 61 14.89 6.53 -32.61
CA THR I 61 13.92 7.34 -33.33
C THR I 61 12.49 6.93 -33.07
N ASN I 62 12.24 5.67 -32.76
CA ASN I 62 10.88 5.21 -32.52
C ASN I 62 10.36 5.79 -31.22
N PRO I 63 9.26 6.54 -31.25
CA PRO I 63 8.72 7.12 -29.99
C PRO I 63 8.26 6.09 -28.99
N LYS I 64 7.99 4.85 -29.40
CA LYS I 64 7.47 3.84 -28.51
C LYS I 64 8.54 2.93 -27.91
N ILE I 65 9.81 3.14 -28.27
CA ILE I 65 10.89 2.32 -27.74
C ILE I 65 11.23 2.78 -26.33
N SER I 66 11.23 1.86 -25.38
CA SER I 66 11.58 2.19 -24.01
C SER I 66 13.08 2.14 -23.79
N SER I 67 13.68 0.98 -24.02
CA SER I 67 15.12 0.81 -23.86
C SER I 67 15.54 -0.39 -24.70
N GLU I 68 16.84 -0.43 -25.02
CA GLU I 68 17.42 -1.52 -25.79
C GLU I 68 18.58 -2.13 -25.04
N VAL I 69 18.65 -3.45 -25.03
CA VAL I 69 19.76 -4.19 -24.42
C VAL I 69 20.42 -5.01 -25.52
N HIS I 70 21.73 -4.82 -25.67
CA HIS I 70 22.54 -5.51 -26.66
C HIS I 70 23.41 -6.55 -25.96
N ILE I 71 23.25 -7.81 -26.36
CA ILE I 71 24.05 -8.91 -25.83
C ILE I 71 24.97 -9.39 -26.96
N PRO I 72 26.26 -9.12 -26.89
CA PRO I 72 27.16 -9.61 -27.94
C PRO I 72 27.31 -11.12 -27.88
N LEU I 73 27.27 -11.74 -29.05
CA LEU I 73 27.42 -13.19 -29.20
C LEU I 73 28.58 -13.51 -30.14
N GLY I 74 29.62 -12.69 -30.10
CA GLY I 74 30.75 -12.85 -30.98
C GLY I 74 30.67 -11.95 -32.20
N ASP I 75 30.44 -12.54 -33.37
CA ASP I 75 30.29 -11.78 -34.59
C ASP I 75 28.90 -11.18 -34.78
N ALA I 76 27.92 -11.65 -34.02
CA ALA I 76 26.55 -11.16 -34.07
C ALA I 76 26.12 -10.67 -32.70
N LYS I 77 24.87 -10.20 -32.61
CA LYS I 77 24.35 -9.69 -31.36
C LYS I 77 22.87 -10.04 -31.23
N LEU I 78 22.39 -10.00 -29.99
CA LEU I 78 20.98 -10.17 -29.67
C LEU I 78 20.47 -8.87 -29.07
N VAL I 79 19.45 -8.29 -29.68
CA VAL I 79 18.90 -7.01 -29.27
C VAL I 79 17.52 -7.27 -28.69
N ILE I 80 17.32 -6.93 -27.42
CA ILE I 80 16.02 -7.04 -26.78
C ILE I 80 15.53 -5.64 -26.44
N THR I 81 14.36 -5.27 -26.96
CA THR I 81 13.82 -3.93 -26.83
C THR I 81 12.52 -3.94 -26.06
N THR I 82 12.35 -2.93 -25.22
CA THR I 82 11.14 -2.74 -24.44
C THR I 82 10.33 -1.59 -25.02
N TYR I 83 9.02 -1.63 -24.79
CA TYR I 83 8.10 -0.67 -25.39
C TYR I 83 7.08 -0.21 -24.35
N TRP I 84 6.87 1.10 -24.28
CA TRP I 84 5.65 1.68 -23.74
C TRP I 84 4.75 2.14 -24.87
N GLY I 85 3.65 2.78 -24.48
CA GLY I 85 2.80 3.47 -25.42
C GLY I 85 1.93 2.59 -26.29
N LEU I 86 1.92 1.28 -26.04
CA LEU I 86 1.08 0.39 -26.81
C LEU I 86 -0.38 0.59 -26.43
N HIS I 87 -1.25 0.66 -27.44
CA HIS I 87 -2.66 0.99 -27.21
C HIS I 87 -3.44 -0.28 -26.90
N THR I 88 -2.73 -1.32 -26.46
CA THR I 88 -3.34 -2.59 -26.11
C THR I 88 -3.73 -2.58 -24.64
N GLY I 89 -2.76 -2.32 -23.77
CA GLY I 89 -3.03 -2.31 -22.35
C GLY I 89 -3.12 -3.71 -21.78
N GLU I 90 -2.88 -3.82 -20.47
CA GLU I 90 -2.95 -5.11 -19.80
C GLU I 90 -4.34 -5.34 -19.21
N ARG I 91 -4.79 -4.41 -18.37
CA ARG I 91 -6.16 -4.40 -17.87
C ARG I 91 -7.03 -3.42 -18.64
N ASP I 92 -6.75 -3.28 -19.94
CA ASP I 92 -7.51 -2.40 -20.84
C ASP I 92 -7.39 -0.94 -20.40
N TRP I 93 -6.14 -0.49 -20.25
CA TRP I 93 -5.86 0.90 -19.94
C TRP I 93 -5.31 1.68 -21.13
N HIS I 94 -5.38 1.11 -22.33
CA HIS I 94 -4.89 1.66 -23.59
C HIS I 94 -3.43 2.13 -23.49
N LEU I 95 -2.69 1.64 -22.50
CA LEU I 95 -1.28 1.95 -22.34
C LEU I 95 -0.60 0.72 -21.76
N GLY I 96 0.08 -0.04 -22.61
CA GLY I 96 0.70 -1.28 -22.20
C GLY I 96 2.15 -1.37 -22.61
N GLN I 97 2.91 -2.18 -21.88
CA GLN I 97 4.30 -2.43 -22.19
C GLN I 97 4.43 -3.66 -23.09
N GLY I 98 5.62 -3.82 -23.67
CA GLY I 98 5.88 -4.94 -24.53
C GLY I 98 7.37 -5.21 -24.66
N VAL I 99 7.70 -6.41 -25.12
CA VAL I 99 9.09 -6.82 -25.31
C VAL I 99 9.23 -7.44 -26.69
N SER I 100 10.34 -7.15 -27.35
CA SER I 100 10.65 -7.73 -28.66
C SER I 100 12.10 -8.21 -28.68
N ILE I 101 12.33 -9.32 -29.38
CA ILE I 101 13.65 -9.94 -29.48
C ILE I 101 14.08 -9.96 -30.93
N GLU I 102 15.37 -9.71 -31.17
CA GLU I 102 15.86 -9.61 -32.55
C GLU I 102 17.31 -10.04 -32.60
N TRP I 103 17.59 -11.11 -33.34
CA TRP I 103 18.96 -11.49 -33.63
C TRP I 103 19.46 -10.71 -34.83
N ARG I 104 20.62 -10.06 -34.67
CA ARG I 104 21.15 -9.15 -35.67
C ARG I 104 22.59 -9.54 -36.00
N LYS I 105 22.89 -9.66 -37.29
CA LYS I 105 24.24 -10.00 -37.78
C LYS I 105 24.51 -9.22 -39.06
N LYS I 106 25.14 -8.05 -38.92
CA LYS I 106 25.69 -7.27 -40.02
C LYS I 106 24.63 -7.06 -41.11
N ARG I 107 23.61 -6.29 -40.73
CA ARG I 107 22.46 -5.88 -41.53
C ARG I 107 21.43 -7.01 -41.69
N TYR I 108 21.69 -8.20 -41.18
CA TYR I 108 20.70 -9.27 -41.19
C TYR I 108 19.98 -9.31 -39.85
N SER I 109 18.65 -9.45 -39.90
CA SER I 109 17.85 -9.37 -38.70
C SER I 109 16.75 -10.42 -38.75
N THR I 110 16.37 -10.91 -37.56
CA THR I 110 15.26 -11.86 -37.47
C THR I 110 14.69 -11.82 -36.05
N GLN I 111 13.46 -12.30 -35.91
CA GLN I 111 12.87 -12.45 -34.58
C GLN I 111 13.20 -13.81 -33.99
N VAL I 112 13.35 -13.84 -32.67
CA VAL I 112 13.74 -15.03 -31.93
C VAL I 112 12.79 -15.19 -30.75
N ASP I 113 12.27 -16.41 -30.58
CA ASP I 113 11.43 -16.70 -29.43
C ASP I 113 12.26 -16.72 -28.15
N PRO I 114 11.63 -16.52 -26.98
CA PRO I 114 12.41 -16.40 -25.73
C PRO I 114 13.26 -17.61 -25.42
N ASP I 115 12.79 -18.82 -25.73
CA ASP I 115 13.55 -20.02 -25.40
C ASP I 115 14.90 -20.05 -26.12
N LEU I 116 14.89 -19.78 -27.43
CA LEU I 116 16.13 -19.80 -28.19
C LEU I 116 17.07 -18.68 -27.75
N ALA I 117 16.51 -17.51 -27.41
CA ALA I 117 17.33 -16.41 -26.92
C ALA I 117 18.00 -16.76 -25.60
N ASP I 118 17.25 -17.39 -24.68
CA ASP I 118 17.84 -17.79 -23.40
C ASP I 118 18.92 -18.85 -23.62
N GLN I 119 18.68 -19.78 -24.55
CA GLN I 119 19.70 -20.77 -24.88
C GLN I 119 20.95 -20.13 -25.47
N LEU I 120 20.79 -19.14 -26.35
CA LEU I 120 21.92 -18.36 -26.85
C LEU I 120 22.68 -17.67 -25.73
N ILE I 121 21.98 -17.05 -24.78
CA ILE I 121 22.65 -16.37 -23.68
C ILE I 121 23.43 -17.36 -22.83
N HIS I 122 22.82 -18.51 -22.51
CA HIS I 122 23.51 -19.52 -21.71
C HIS I 122 24.68 -20.14 -22.45
N LEU I 123 24.63 -20.22 -23.78
CA LEU I 123 25.76 -20.77 -24.52
C LEU I 123 27.01 -19.91 -24.37
N HIS I 124 26.85 -18.58 -24.42
CA HIS I 124 27.98 -17.67 -24.42
C HIS I 124 28.27 -17.06 -23.05
N TYR I 125 27.32 -17.09 -22.13
CA TYR I 125 27.47 -16.44 -20.84
C TYR I 125 27.02 -17.40 -19.74
N PHE I 126 27.39 -17.07 -18.51
CA PHE I 126 26.89 -17.73 -17.30
C PHE I 126 27.25 -19.22 -17.30
N PRO I 137 22.08 -14.84 -6.22
CA PRO I 137 21.95 -13.78 -7.21
C PRO I 137 21.09 -14.21 -8.40
N PRO I 138 19.94 -13.56 -8.59
CA PRO I 138 19.07 -13.90 -9.73
C PRO I 138 19.73 -13.53 -11.04
N LEU I 139 19.42 -14.30 -12.09
CA LEU I 139 19.99 -14.00 -13.38
C LEU I 139 18.93 -13.42 -14.32
N PRO I 140 19.31 -12.53 -15.24
CA PRO I 140 18.32 -11.98 -16.18
C PRO I 140 17.94 -13.01 -17.23
N SER I 141 16.73 -13.55 -17.10
CA SER I 141 16.22 -14.56 -18.02
C SER I 141 15.06 -13.99 -18.82
N VAL I 142 14.95 -14.42 -20.07
CA VAL I 142 13.92 -13.89 -20.95
C VAL I 142 12.59 -14.61 -20.77
N ARG I 143 12.61 -15.89 -20.40
CA ARG I 143 11.36 -16.61 -20.15
C ARG I 143 10.58 -15.99 -19.00
N LYS I 144 11.27 -15.63 -17.92
CA LYS I 144 10.59 -15.01 -16.78
C LYS I 144 10.00 -13.65 -17.17
N LEU I 145 10.62 -12.96 -18.13
CA LEU I 145 10.12 -11.66 -18.54
C LEU I 145 8.95 -11.76 -19.51
N THR I 146 8.98 -12.74 -20.42
CA THR I 146 8.03 -12.81 -21.52
C THR I 146 6.81 -13.68 -21.21
N GLU I 147 6.94 -14.66 -20.31
CA GLU I 147 5.83 -15.55 -20.01
C GLU I 147 4.65 -14.77 -19.43
N ASP I 148 3.48 -15.41 -19.43
CA ASP I 148 2.25 -14.75 -19.02
C ASP I 148 1.49 -15.61 -18.03
N ARG I 149 0.84 -14.94 -17.08
CA ARG I 149 -0.10 -15.58 -16.16
C ARG I 149 -1.48 -14.94 -16.25
N TRP I 150 -1.63 -13.84 -16.99
CA TRP I 150 -2.93 -13.21 -17.16
C TRP I 150 -3.85 -14.05 -18.03
N ASN I 151 -3.31 -14.75 -19.03
CA ASN I 151 -4.07 -15.67 -19.86
C ASN I 151 -3.63 -17.12 -19.65
N LYS I 152 -2.68 -17.35 -18.75
CA LYS I 152 -2.20 -18.70 -18.47
C LYS I 152 -1.54 -18.76 -17.10
N GLU J 15 9.29 -26.78 -37.24
CA GLU J 15 9.48 -26.38 -35.85
C GLU J 15 8.16 -26.42 -35.09
N GLU J 16 8.23 -26.77 -33.81
CA GLU J 16 7.03 -26.88 -33.00
C GLU J 16 6.41 -25.51 -32.73
N PHE J 17 7.24 -24.45 -32.69
CA PHE J 17 6.73 -23.12 -32.39
C PHE J 17 5.74 -22.64 -33.43
N PHE J 18 6.05 -22.84 -34.71
CA PHE J 18 5.18 -22.38 -35.79
C PHE J 18 3.79 -23.01 -35.68
N ARG J 19 3.73 -24.34 -35.70
CA ARG J 19 2.44 -25.03 -35.63
C ARG J 19 1.76 -24.83 -34.29
N LYS J 20 2.52 -24.56 -33.23
CA LYS J 20 1.91 -24.20 -31.95
C LYS J 20 1.18 -22.86 -32.04
N LEU J 21 1.72 -21.91 -32.81
CA LEU J 21 1.09 -20.62 -33.00
C LEU J 21 0.53 -20.46 -34.41
N SER J 22 -0.05 -21.53 -34.95
CA SER J 22 -0.70 -21.46 -36.25
C SER J 22 -2.00 -22.25 -36.33
N ARG J 23 -2.50 -22.77 -35.21
CA ARG J 23 -3.70 -23.59 -35.18
C ARG J 23 -4.86 -22.79 -34.59
N GLU J 24 -6.01 -22.84 -35.26
CA GLU J 24 -7.26 -22.18 -34.86
C GLU J 24 -7.03 -20.78 -34.30
N CYS J 25 -6.08 -20.04 -34.89
CA CYS J 25 -5.71 -18.73 -34.38
C CYS J 25 -6.53 -17.67 -35.10
N GLU J 26 -7.32 -16.92 -34.34
CA GLU J 26 -8.07 -15.79 -34.86
C GLU J 26 -7.52 -14.50 -34.26
N ILE J 27 -7.57 -13.43 -35.06
CA ILE J 27 -6.98 -12.16 -34.67
C ILE J 27 -8.09 -11.14 -34.47
N LYS J 28 -7.82 -10.16 -33.61
CA LYS J 28 -8.79 -9.16 -33.21
C LYS J 28 -8.08 -7.90 -32.79
N TYR J 29 -8.69 -6.76 -33.13
CA TYR J 29 -8.03 -5.46 -32.98
C TYR J 29 -8.12 -4.96 -31.55
N THR J 30 -7.04 -4.34 -31.07
CA THR J 30 -6.99 -3.72 -29.75
C THR J 30 -6.63 -2.25 -29.92
N GLY J 31 -7.61 -1.38 -29.68
CA GLY J 31 -7.37 0.04 -29.77
C GLY J 31 -7.78 0.77 -28.50
N PHE J 32 -8.67 1.75 -28.64
CA PHE J 32 -9.16 2.53 -27.50
C PHE J 32 -10.27 1.71 -26.83
N ARG J 33 -9.84 0.71 -26.06
CA ARG J 33 -10.76 -0.31 -25.55
C ARG J 33 -11.76 0.25 -24.55
N ASP J 34 -11.37 1.26 -23.78
CA ASP J 34 -12.23 1.84 -22.75
C ASP J 34 -13.20 2.88 -23.31
N ARG J 35 -13.47 2.83 -24.61
CA ARG J 35 -14.30 3.78 -25.33
C ARG J 35 -15.30 3.06 -26.24
N PRO J 36 -16.36 3.72 -26.67
CA PRO J 36 -17.40 3.05 -27.45
C PRO J 36 -16.90 2.56 -28.80
N HIS J 37 -17.65 1.61 -29.36
CA HIS J 37 -17.20 0.85 -30.52
C HIS J 37 -17.21 1.69 -31.80
N GLU J 38 -18.19 2.57 -31.96
CA GLU J 38 -18.33 3.33 -33.20
C GLU J 38 -17.09 4.17 -33.49
N GLU J 39 -16.68 4.98 -32.53
CA GLU J 39 -15.45 5.73 -32.71
C GLU J 39 -14.24 4.82 -32.80
N ARG J 40 -14.29 3.62 -32.21
CA ARG J 40 -13.16 2.70 -32.32
C ARG J 40 -12.96 2.27 -33.77
N GLN J 41 -14.03 1.90 -34.47
CA GLN J 41 -13.87 1.59 -35.89
C GLN J 41 -13.55 2.83 -36.71
N ALA J 42 -14.06 4.00 -36.31
CA ALA J 42 -13.69 5.23 -37.03
C ALA J 42 -12.19 5.49 -36.92
N ARG J 43 -11.63 5.34 -35.72
CA ARG J 43 -10.20 5.54 -35.51
C ARG J 43 -9.37 4.47 -36.23
N PHE J 44 -9.83 3.22 -36.21
CA PHE J 44 -9.14 2.19 -36.98
C PHE J 44 -9.14 2.53 -38.46
N GLN J 45 -10.29 3.00 -38.97
CA GLN J 45 -10.39 3.40 -40.37
C GLN J 45 -9.38 4.50 -40.71
N ASN J 46 -9.39 5.60 -39.95
CA ASN J 46 -8.57 6.73 -40.38
C ASN J 46 -7.08 6.47 -40.11
N ALA J 47 -6.77 5.69 -39.06
CA ALA J 47 -5.38 5.30 -38.83
C ALA J 47 -4.88 4.38 -39.93
N CYS J 48 -5.72 3.47 -40.42
CA CYS J 48 -5.31 2.62 -41.53
C CYS J 48 -5.19 3.42 -42.83
N ARG J 49 -5.99 4.48 -42.98
CA ARG J 49 -5.90 5.31 -44.17
C ARG J 49 -4.59 6.11 -44.17
N ASP J 50 -4.41 6.98 -43.17
CA ASP J 50 -3.28 7.90 -43.20
C ASP J 50 -1.96 7.26 -42.79
N GLY J 51 -1.99 6.28 -41.90
CA GLY J 51 -0.76 5.76 -41.31
C GLY J 51 -0.32 6.61 -40.14
N ARG J 52 0.99 6.83 -40.02
CA ARG J 52 1.57 7.67 -38.98
C ARG J 52 1.13 7.23 -37.58
N SER J 53 0.91 5.93 -37.41
CA SER J 53 0.41 5.38 -36.15
C SER J 53 0.74 3.90 -36.11
N GLU J 54 0.64 3.33 -34.92
CA GLU J 54 0.90 1.91 -34.70
C GLU J 54 -0.42 1.17 -34.60
N ILE J 55 -0.49 0.01 -35.26
CA ILE J 55 -1.70 -0.82 -35.26
C ILE J 55 -1.35 -2.18 -34.68
N ALA J 56 -2.17 -2.64 -33.74
CA ALA J 56 -1.92 -3.88 -33.02
C ALA J 56 -2.93 -4.96 -33.41
N PHE J 57 -2.47 -6.19 -33.54
CA PHE J 57 -3.32 -7.34 -33.80
C PHE J 57 -2.86 -8.49 -32.89
N VAL J 58 -3.61 -8.74 -31.83
CA VAL J 58 -3.23 -9.73 -30.83
C VAL J 58 -3.94 -11.05 -31.12
N ALA J 59 -3.23 -12.15 -30.89
CA ALA J 59 -3.86 -13.46 -30.93
C ALA J 59 -4.76 -13.64 -29.71
N THR J 60 -5.88 -14.36 -29.92
CA THR J 60 -6.84 -14.55 -28.84
C THR J 60 -6.29 -15.45 -27.74
N GLY J 61 -5.65 -16.56 -28.11
CA GLY J 61 -5.18 -17.52 -27.15
C GLY J 61 -4.05 -17.05 -26.25
N THR J 62 -3.05 -16.39 -26.83
CA THR J 62 -1.85 -15.99 -26.11
C THR J 62 -1.67 -14.48 -26.22
N ASN J 63 -0.52 -13.99 -25.75
CA ASN J 63 -0.20 -12.58 -25.75
C ASN J 63 0.66 -12.16 -26.94
N LEU J 64 0.76 -13.03 -27.96
CA LEU J 64 1.48 -12.65 -29.17
C LEU J 64 0.71 -11.56 -29.91
N SER J 65 1.45 -10.60 -30.45
CA SER J 65 0.85 -9.44 -31.09
C SER J 65 1.67 -9.04 -32.30
N LEU J 66 0.98 -8.70 -33.39
CA LEU J 66 1.60 -8.13 -34.58
C LEU J 66 1.49 -6.61 -34.51
N GLN J 67 2.62 -5.93 -34.60
CA GLN J 67 2.66 -4.47 -34.56
C GLN J 67 2.94 -3.91 -35.94
N PHE J 68 2.21 -2.86 -36.30
CA PHE J 68 2.40 -2.15 -37.57
C PHE J 68 2.86 -0.74 -37.23
N PHE J 69 4.16 -0.49 -37.40
CA PHE J 69 4.92 0.73 -37.19
C PHE J 69 5.19 1.42 -38.52
N PRO J 70 5.04 2.75 -38.60
CA PRO J 70 5.45 3.45 -39.82
C PRO J 70 6.94 3.33 -40.06
N ALA J 71 7.32 3.31 -41.34
CA ALA J 71 8.72 3.15 -41.70
C ALA J 71 9.57 4.35 -41.29
N SER J 72 8.96 5.52 -41.09
CA SER J 72 9.71 6.68 -40.65
C SER J 72 10.22 6.56 -39.22
N TRP J 73 9.62 5.66 -38.43
CA TRP J 73 10.08 5.48 -37.06
C TRP J 73 11.40 4.72 -36.97
N GLN J 74 11.71 3.89 -37.97
CA GLN J 74 12.99 3.21 -38.02
C GLN J 74 14.09 4.16 -38.45
N GLY J 75 15.30 3.94 -37.95
CA GLY J 75 16.43 4.77 -38.34
C GLY J 75 16.85 4.59 -39.78
N GLU J 76 16.60 3.42 -40.37
CA GLU J 76 17.05 3.14 -41.72
C GLU J 76 16.07 2.20 -42.41
N GLN J 77 16.06 2.27 -43.74
CA GLN J 77 15.17 1.49 -44.61
C GLN J 77 13.76 1.31 -44.04
N SER J 82 11.31 -6.18 -49.31
CA SER J 82 10.60 -5.74 -48.12
C SER J 82 9.35 -4.96 -48.49
N ARG J 83 8.35 -5.66 -49.02
CA ARG J 83 7.09 -5.04 -49.40
C ARG J 83 5.95 -5.75 -48.70
N GLU J 84 5.11 -4.96 -48.04
CA GLU J 84 4.03 -5.45 -47.20
C GLU J 84 3.02 -4.35 -46.98
N TYR J 85 1.74 -4.74 -46.89
CA TYR J 85 0.65 -3.80 -47.07
C TYR J 85 -0.54 -4.13 -46.17
N VAL J 86 -1.37 -3.10 -45.96
CA VAL J 86 -2.68 -3.24 -45.32
C VAL J 86 -3.66 -2.52 -46.25
N ASP J 87 -4.61 -3.26 -46.80
CA ASP J 87 -5.49 -2.72 -47.84
C ASP J 87 -6.95 -2.97 -47.51
N LEU J 88 -7.76 -1.92 -47.60
CA LEU J 88 -9.19 -2.02 -47.33
C LEU J 88 -10.07 -1.57 -48.50
N GLU J 89 -9.48 -1.02 -49.55
CA GLU J 89 -10.25 -0.48 -50.67
C GLU J 89 -10.58 -1.53 -51.73
N ARG J 90 -10.00 -2.73 -51.65
CA ARG J 90 -10.34 -3.76 -52.63
C ARG J 90 -11.73 -4.35 -52.36
N GLU J 91 -12.11 -4.48 -51.09
CA GLU J 91 -13.44 -4.92 -50.72
C GLU J 91 -13.94 -4.07 -49.55
N ALA J 92 -15.13 -3.49 -49.71
CA ALA J 92 -15.69 -2.63 -48.67
C ALA J 92 -16.10 -3.45 -47.47
N GLY J 93 -15.84 -2.91 -46.28
CA GLY J 93 -16.22 -3.55 -45.05
C GLY J 93 -15.25 -4.58 -44.51
N LYS J 94 -14.11 -4.78 -45.15
CA LYS J 94 -13.12 -5.74 -44.70
C LYS J 94 -11.73 -5.25 -45.10
N VAL J 95 -10.73 -5.61 -44.30
CA VAL J 95 -9.36 -5.19 -44.59
C VAL J 95 -8.45 -6.42 -44.58
N TYR J 96 -7.51 -6.41 -45.52
CA TYR J 96 -6.58 -7.50 -45.79
C TYR J 96 -5.19 -7.07 -45.34
N LEU J 97 -4.45 -8.00 -44.74
CA LEU J 97 -3.15 -7.71 -44.14
C LEU J 97 -2.12 -8.67 -44.73
N LYS J 98 -0.97 -8.13 -45.17
CA LYS J 98 0.10 -8.96 -45.72
C LYS J 98 1.43 -8.43 -45.23
N ALA J 99 2.28 -9.32 -44.68
CA ALA J 99 3.59 -8.91 -44.20
C ALA J 99 4.59 -10.06 -44.17
N PRO J 100 5.69 -9.98 -44.92
CA PRO J 100 6.77 -10.94 -44.75
C PRO J 100 7.72 -10.52 -43.64
N MET J 101 8.26 -11.51 -42.93
CA MET J 101 9.17 -11.25 -41.84
C MET J 101 10.00 -12.51 -41.57
N ILE J 102 11.31 -12.32 -41.40
CA ILE J 102 12.20 -13.44 -41.19
C ILE J 102 12.17 -13.86 -39.73
N LEU J 103 11.80 -15.11 -39.47
CA LEU J 103 11.66 -15.61 -38.11
C LEU J 103 12.46 -16.90 -37.97
N ASN J 104 13.41 -16.91 -37.05
CA ASN J 104 14.24 -18.08 -36.74
C ASN J 104 15.01 -18.59 -37.94
N GLY J 105 15.38 -17.70 -38.87
CA GLY J 105 16.17 -18.09 -40.02
C GLY J 105 15.38 -18.42 -41.27
N VAL J 106 14.06 -18.46 -41.20
CA VAL J 106 13.23 -18.74 -42.36
C VAL J 106 12.37 -17.51 -42.65
N CYS J 107 12.02 -17.35 -43.93
CA CYS J 107 11.28 -16.17 -44.36
C CYS J 107 9.79 -16.51 -44.46
N VAL J 108 9.15 -16.52 -43.28
CA VAL J 108 7.71 -16.75 -43.23
C VAL J 108 6.96 -15.46 -43.59
N ILE J 109 5.74 -15.63 -44.10
CA ILE J 109 4.90 -14.52 -44.51
C ILE J 109 3.56 -14.65 -43.80
N TRP J 110 3.16 -13.63 -43.06
CA TRP J 110 1.92 -13.63 -42.31
C TRP J 110 0.87 -12.84 -43.09
N LYS J 111 -0.25 -13.49 -43.38
CA LYS J 111 -1.34 -12.88 -44.12
C LYS J 111 -2.66 -13.15 -43.39
N GLY J 112 -3.59 -12.21 -43.49
CA GLY J 112 -4.85 -12.37 -42.82
C GLY J 112 -5.85 -11.32 -43.27
N TRP J 113 -6.99 -11.30 -42.57
CA TRP J 113 -8.06 -10.36 -42.85
C TRP J 113 -8.89 -10.19 -41.60
N ILE J 114 -9.50 -9.00 -41.46
CA ILE J 114 -10.50 -8.76 -40.44
C ILE J 114 -11.63 -7.93 -41.04
N ASP J 115 -12.87 -8.22 -40.62
CA ASP J 115 -14.00 -7.44 -41.09
C ASP J 115 -13.99 -6.07 -40.41
N LEU J 116 -14.35 -5.04 -41.18
CA LEU J 116 -14.28 -3.68 -40.66
C LEU J 116 -15.40 -3.40 -39.67
N GLN J 117 -16.46 -4.21 -39.66
CA GLN J 117 -17.60 -3.97 -38.78
C GLN J 117 -17.28 -4.36 -37.33
N ARG J 118 -16.55 -5.45 -37.14
CA ARG J 118 -16.35 -6.02 -35.80
C ARG J 118 -14.88 -6.13 -35.41
N LEU J 119 -13.95 -5.64 -36.24
CA LEU J 119 -12.51 -5.65 -35.94
C LEU J 119 -12.03 -7.03 -35.47
N ASP J 120 -12.56 -8.07 -36.12
CA ASP J 120 -12.21 -9.45 -35.82
C ASP J 120 -12.01 -10.18 -37.15
N GLY J 121 -11.24 -11.25 -37.11
CA GLY J 121 -11.04 -12.03 -38.32
C GLY J 121 -10.00 -13.10 -38.15
N MET J 122 -9.45 -13.54 -39.28
CA MET J 122 -8.54 -14.68 -39.34
C MET J 122 -7.16 -14.21 -39.76
N GLY J 123 -6.14 -14.98 -39.39
CA GLY J 123 -4.77 -14.70 -39.77
C GLY J 123 -3.86 -15.89 -39.59
N CYS J 124 -2.93 -16.09 -40.53
CA CYS J 124 -2.05 -17.24 -40.45
C CYS J 124 -0.73 -16.89 -41.10
N LEU J 125 0.30 -17.65 -40.74
CA LEU J 125 1.65 -17.45 -41.26
C LEU J 125 2.06 -18.65 -42.10
N GLU J 126 2.29 -18.43 -43.39
CA GLU J 126 2.76 -19.46 -44.30
C GLU J 126 4.09 -19.00 -44.89
N PHE J 127 5.06 -19.90 -44.94
CA PHE J 127 6.40 -19.58 -45.42
C PHE J 127 6.47 -19.55 -46.95
N ASP J 128 7.42 -18.77 -47.46
CA ASP J 128 7.68 -18.64 -48.88
C ASP J 128 8.39 -19.84 -49.51
N LEU J 138 23.63 -15.97 -46.95
CA LEU J 138 24.78 -16.53 -46.24
C LEU J 138 24.54 -16.45 -44.74
N ALA J 139 23.94 -15.35 -44.28
CA ALA J 139 23.66 -15.18 -42.87
C ALA J 139 22.60 -16.16 -42.38
N GLN J 140 21.68 -16.59 -43.26
CA GLN J 140 20.65 -17.54 -42.87
C GLN J 140 21.26 -18.88 -42.47
N GLN J 141 22.19 -19.39 -43.29
CA GLN J 141 22.87 -20.63 -42.94
C GLN J 141 23.74 -20.45 -41.71
N ALA J 142 24.32 -19.26 -41.52
CA ALA J 142 25.10 -19.00 -40.32
C ALA J 142 24.23 -19.11 -39.08
N PHE J 143 23.03 -18.52 -39.10
CA PHE J 143 22.15 -18.65 -37.95
C PHE J 143 21.68 -20.09 -37.79
N GLU J 144 21.44 -20.80 -38.89
CA GLU J 144 21.03 -22.20 -38.76
C GLU J 144 22.12 -23.02 -38.07
N GLU J 145 23.38 -22.81 -38.45
CA GLU J 145 24.49 -23.47 -37.78
C GLU J 145 24.57 -23.10 -36.31
N ALA J 146 24.42 -21.81 -35.99
CA ALA J 146 24.46 -21.39 -34.59
C ALA J 146 23.33 -22.02 -33.79
N ARG J 147 22.12 -22.06 -34.36
CA ARG J 147 20.97 -22.65 -33.69
C ARG J 147 21.17 -24.15 -33.45
N ARG J 148 21.70 -24.86 -34.44
CA ARG J 148 21.98 -26.28 -34.24
C ARG J 148 23.04 -26.47 -33.16
N ARG J 149 24.01 -25.57 -33.10
CA ARG J 149 25.02 -25.63 -32.03
C ARG J 149 24.42 -25.35 -30.65
N THR J 150 23.44 -24.45 -30.55
CA THR J 150 22.84 -24.14 -29.25
C THR J 150 21.93 -25.26 -28.77
N ARG J 151 21.69 -26.27 -29.60
CA ARG J 151 20.82 -27.44 -29.32
C ARG J 151 19.74 -27.19 -28.27
ZN ZN M . -2.60 -7.67 6.75
ZN ZN N . -11.32 -32.39 34.98
CL CL O . -2.64 -7.55 9.06
ZN ZN P . 2.78 8.00 -6.20
ZN ZN Q . 15.06 39.35 -24.98
CL CL R . 3.92 9.99 -5.76
#